data_1O8V
# 
_entry.id   1O8V 
# 
_audit_conform.dict_name       mmcif_pdbx.dic 
_audit_conform.dict_version    5.398 
_audit_conform.dict_location   http://mmcif.pdb.org/dictionaries/ascii/mmcif_pdbx.dic 
# 
loop_
_database_2.database_id 
_database_2.database_code 
_database_2.pdbx_database_accession 
_database_2.pdbx_DOI 
PDB   1O8V         pdb_00001o8v 10.2210/pdb1o8v/pdb 
PDBE  EBI-11828    ?            ?                   
WWPDB D_1290011828 ?            ?                   
# 
loop_
_pdbx_audit_revision_history.ordinal 
_pdbx_audit_revision_history.data_content_type 
_pdbx_audit_revision_history.major_revision 
_pdbx_audit_revision_history.minor_revision 
_pdbx_audit_revision_history.revision_date 
1 'Structure model' 1 0 2003-06-19 
2 'Structure model' 1 1 2011-05-08 
3 'Structure model' 1 2 2011-07-13 
4 'Structure model' 1 3 2019-10-09 
5 'Structure model' 1 4 2023-12-13 
6 'Structure model' 1 5 2024-11-13 
# 
_pdbx_audit_revision_details.ordinal             1 
_pdbx_audit_revision_details.revision_ordinal    1 
_pdbx_audit_revision_details.data_content_type   'Structure model' 
_pdbx_audit_revision_details.provider            repository 
_pdbx_audit_revision_details.type                'Initial release' 
_pdbx_audit_revision_details.description         ? 
_pdbx_audit_revision_details.details             ? 
# 
loop_
_pdbx_audit_revision_group.ordinal 
_pdbx_audit_revision_group.revision_ordinal 
_pdbx_audit_revision_group.data_content_type 
_pdbx_audit_revision_group.group 
1  2 'Structure model' 'Version format compliance'  
2  3 'Structure model' 'Version format compliance'  
3  4 'Structure model' 'Author supporting evidence' 
4  4 'Structure model' 'Data collection'            
5  4 'Structure model' 'Derived calculations'       
6  4 'Structure model' Other                        
7  4 'Structure model' 'Structure summary'          
8  5 'Structure model' 'Data collection'            
9  5 'Structure model' 'Database references'        
10 5 'Structure model' 'Refinement description'     
11 6 'Structure model' 'Structure summary'          
# 
loop_
_pdbx_audit_revision_category.ordinal 
_pdbx_audit_revision_category.revision_ordinal 
_pdbx_audit_revision_category.data_content_type 
_pdbx_audit_revision_category.category 
1  4 'Structure model' pdbx_database_status          
2  4 'Structure model' pdbx_entity_instance_feature  
3  4 'Structure model' pdbx_entry_details            
4  4 'Structure model' struct_conn                   
5  5 'Structure model' chem_comp_atom                
6  5 'Structure model' chem_comp_bond                
7  5 'Structure model' database_2                    
8  5 'Structure model' pdbx_initial_refinement_model 
9  6 'Structure model' pdbx_entry_details            
10 6 'Structure model' pdbx_modification_feature     
# 
loop_
_pdbx_audit_revision_item.ordinal 
_pdbx_audit_revision_item.revision_ordinal 
_pdbx_audit_revision_item.data_content_type 
_pdbx_audit_revision_item.item 
1 4 'Structure model' '_pdbx_database_status.status_code_sf'         
2 4 'Structure model' '_pdbx_entry_details.has_ligand_of_interest'   
3 4 'Structure model' '_struct_conn.pdbx_leaving_atom_flag'          
4 5 'Structure model' '_database_2.pdbx_DOI'                         
5 5 'Structure model' '_database_2.pdbx_database_accession'          
6 6 'Structure model' '_pdbx_entry_details.has_protein_modification' 
# 
_pdbx_database_status.status_code                     REL 
_pdbx_database_status.entry_id                        1O8V 
_pdbx_database_status.deposit_site                    PDBE 
_pdbx_database_status.process_site                    PDBE 
_pdbx_database_status.SG_entry                        . 
_pdbx_database_status.recvd_initial_deposition_date   2002-12-04 
_pdbx_database_status.pdb_format_compatible           Y 
_pdbx_database_status.status_code_sf                  REL 
_pdbx_database_status.status_code_mr                  ? 
_pdbx_database_status.status_code_cs                  ? 
_pdbx_database_status.methods_development_category    ? 
_pdbx_database_status.status_code_nmr_data            ? 
# 
loop_
_audit_author.name 
_audit_author.pdbx_ordinal 
'Jakobsson, E.'  1 
'Alvite, G.'     2 
'Bergfors, T.'   3 
'Esteves, A.'    4 
'Kleywegt, G.J.' 5 
# 
_citation.id                        primary 
_citation.title                     'The Crystal Structure of Echinococcus Granulosus Fatty-Acid-Binding Protein 1' 
_citation.journal_abbrev            Biochim.Biophys.Acta 
_citation.journal_volume            1649 
_citation.page_first                40 
_citation.page_last                 ? 
_citation.year                      2003 
_citation.journal_id_ASTM           BBACAQ 
_citation.country                   NE 
_citation.journal_id_ISSN           0006-3002 
_citation.journal_id_CSD            0113 
_citation.book_publisher            ? 
_citation.pdbx_database_id_PubMed   12818189 
_citation.pdbx_database_id_DOI      '10.1016/S1570-9639(03)00151-1' 
# 
loop_
_citation_author.citation_id 
_citation_author.name 
_citation_author.ordinal 
_citation_author.identifier_ORCID 
primary 'Jakobsson, E.'  1 ? 
primary 'Alvite, G.'     2 ? 
primary 'Bergfors, T.'   3 ? 
primary 'Esteves, A.'    4 ? 
primary 'Kleywegt, G.J.' 5 ? 
# 
loop_
_entity.id 
_entity.type 
_entity.src_method 
_entity.pdbx_description 
_entity.formula_weight 
_entity.pdbx_number_of_molecules 
_entity.pdbx_ec 
_entity.pdbx_mutation 
_entity.pdbx_fragment 
_entity.details 
1 polymer     man 'FATTY ACID BINDING PROTEIN HOMOLOG' 15131.490 1   ? ? ? 'ACETYLATED AMINO TERMINUS, MODIFIED CYSTEINE A 63' 
2 non-polymer syn 'PALMITIC ACID'                      256.424   1   ? ? ? ?                                                   
3 water       nat water                                18.015    143 ? ? ? ?                                                   
# 
_entity_name_com.entity_id   1 
_entity_name_com.name        'FATTY ACID BINDING PROTEIN 1, FABP1, DF1, EGDF1' 
# 
_entity_poly.entity_id                      1 
_entity_poly.type                           'polypeptide(L)' 
_entity_poly.nstd_linkage                   no 
_entity_poly.nstd_monomer                   yes 
_entity_poly.pdbx_seq_one_letter_code       
;(ACE)MEAFLGTWKMEKSEGFDKIMERLGVDFVTRKMGNLVKPNLIVTDLGGGKYKMRSESTFKTTE(CSO)SFKLGEKF
KEVTPDSREVASLITVENGVMKHEQDDKTKVTYIERVVEGNELKATVKVDEVVCVRTYSKVA
;
_entity_poly.pdbx_seq_one_letter_code_can   
;XMEAFLGTWKMEKSEGFDKIMERLGVDFVTRKMGNLVKPNLIVTDLGGGKYKMRSESTFKTTECSFKLGEKFKEVTPDSR
EVASLITVENGVMKHEQDDKTKVTYIERVVEGNELKATVKVDEVVCVRTYSKVA
;
_entity_poly.pdbx_strand_id                 A 
_entity_poly.pdbx_target_identifier         ? 
# 
loop_
_pdbx_entity_nonpoly.entity_id 
_pdbx_entity_nonpoly.name 
_pdbx_entity_nonpoly.comp_id 
2 'PALMITIC ACID' PLM 
3 water           HOH 
# 
loop_
_entity_poly_seq.entity_id 
_entity_poly_seq.num 
_entity_poly_seq.mon_id 
_entity_poly_seq.hetero 
1 1   ACE n 
1 2   MET n 
1 3   GLU n 
1 4   ALA n 
1 5   PHE n 
1 6   LEU n 
1 7   GLY n 
1 8   THR n 
1 9   TRP n 
1 10  LYS n 
1 11  MET n 
1 12  GLU n 
1 13  LYS n 
1 14  SER n 
1 15  GLU n 
1 16  GLY n 
1 17  PHE n 
1 18  ASP n 
1 19  LYS n 
1 20  ILE n 
1 21  MET n 
1 22  GLU n 
1 23  ARG n 
1 24  LEU n 
1 25  GLY n 
1 26  VAL n 
1 27  ASP n 
1 28  PHE n 
1 29  VAL n 
1 30  THR n 
1 31  ARG n 
1 32  LYS n 
1 33  MET n 
1 34  GLY n 
1 35  ASN n 
1 36  LEU n 
1 37  VAL n 
1 38  LYS n 
1 39  PRO n 
1 40  ASN n 
1 41  LEU n 
1 42  ILE n 
1 43  VAL n 
1 44  THR n 
1 45  ASP n 
1 46  LEU n 
1 47  GLY n 
1 48  GLY n 
1 49  GLY n 
1 50  LYS n 
1 51  TYR n 
1 52  LYS n 
1 53  MET n 
1 54  ARG n 
1 55  SER n 
1 56  GLU n 
1 57  SER n 
1 58  THR n 
1 59  PHE n 
1 60  LYS n 
1 61  THR n 
1 62  THR n 
1 63  GLU n 
1 64  CSO n 
1 65  SER n 
1 66  PHE n 
1 67  LYS n 
1 68  LEU n 
1 69  GLY n 
1 70  GLU n 
1 71  LYS n 
1 72  PHE n 
1 73  LYS n 
1 74  GLU n 
1 75  VAL n 
1 76  THR n 
1 77  PRO n 
1 78  ASP n 
1 79  SER n 
1 80  ARG n 
1 81  GLU n 
1 82  VAL n 
1 83  ALA n 
1 84  SER n 
1 85  LEU n 
1 86  ILE n 
1 87  THR n 
1 88  VAL n 
1 89  GLU n 
1 90  ASN n 
1 91  GLY n 
1 92  VAL n 
1 93  MET n 
1 94  LYS n 
1 95  HIS n 
1 96  GLU n 
1 97  GLN n 
1 98  ASP n 
1 99  ASP n 
1 100 LYS n 
1 101 THR n 
1 102 LYS n 
1 103 VAL n 
1 104 THR n 
1 105 TYR n 
1 106 ILE n 
1 107 GLU n 
1 108 ARG n 
1 109 VAL n 
1 110 VAL n 
1 111 GLU n 
1 112 GLY n 
1 113 ASN n 
1 114 GLU n 
1 115 LEU n 
1 116 LYS n 
1 117 ALA n 
1 118 THR n 
1 119 VAL n 
1 120 LYS n 
1 121 VAL n 
1 122 ASP n 
1 123 GLU n 
1 124 VAL n 
1 125 VAL n 
1 126 CYS n 
1 127 VAL n 
1 128 ARG n 
1 129 THR n 
1 130 TYR n 
1 131 SER n 
1 132 LYS n 
1 133 VAL n 
1 134 ALA n 
# 
_entity_src_gen.entity_id                          1 
_entity_src_gen.pdbx_src_id                        1 
_entity_src_gen.pdbx_alt_source_flag               sample 
_entity_src_gen.pdbx_seq_type                      ? 
_entity_src_gen.pdbx_beg_seq_num                   ? 
_entity_src_gen.pdbx_end_seq_num                   ? 
_entity_src_gen.gene_src_common_name               ? 
_entity_src_gen.gene_src_genus                     ? 
_entity_src_gen.pdbx_gene_src_gene                 ? 
_entity_src_gen.gene_src_species                   ? 
_entity_src_gen.gene_src_strain                    ? 
_entity_src_gen.gene_src_tissue                    ? 
_entity_src_gen.gene_src_tissue_fraction           ? 
_entity_src_gen.gene_src_details                   ? 
_entity_src_gen.pdbx_gene_src_fragment             ? 
_entity_src_gen.pdbx_gene_src_scientific_name      'ECHINOCOCCUS GRANULOSUS' 
_entity_src_gen.pdbx_gene_src_ncbi_taxonomy_id     6210 
_entity_src_gen.pdbx_gene_src_variant              ? 
_entity_src_gen.pdbx_gene_src_cell_line            ? 
_entity_src_gen.pdbx_gene_src_atcc                 ? 
_entity_src_gen.pdbx_gene_src_organ                ? 
_entity_src_gen.pdbx_gene_src_organelle            ? 
_entity_src_gen.pdbx_gene_src_cell                 ? 
_entity_src_gen.pdbx_gene_src_cellular_location    ? 
_entity_src_gen.host_org_common_name               ? 
_entity_src_gen.pdbx_host_org_scientific_name      'ESCHERICHIA COLI' 
_entity_src_gen.pdbx_host_org_ncbi_taxonomy_id     469008 
_entity_src_gen.host_org_genus                     ? 
_entity_src_gen.pdbx_host_org_gene                 ? 
_entity_src_gen.pdbx_host_org_organ                ? 
_entity_src_gen.host_org_species                   ? 
_entity_src_gen.pdbx_host_org_tissue               ? 
_entity_src_gen.pdbx_host_org_tissue_fraction      ? 
_entity_src_gen.pdbx_host_org_strain               'BL21(DE3)' 
_entity_src_gen.pdbx_host_org_variant              ? 
_entity_src_gen.pdbx_host_org_cell_line            ? 
_entity_src_gen.pdbx_host_org_atcc                 ? 
_entity_src_gen.pdbx_host_org_culture_collection   ? 
_entity_src_gen.pdbx_host_org_cell                 ? 
_entity_src_gen.pdbx_host_org_organelle            ? 
_entity_src_gen.pdbx_host_org_cellular_location    ? 
_entity_src_gen.pdbx_host_org_vector_type          ? 
_entity_src_gen.pdbx_host_org_vector               PET-5A 
_entity_src_gen.host_org_details                   ? 
_entity_src_gen.expression_system_id               ? 
_entity_src_gen.plasmid_name                       ? 
_entity_src_gen.plasmid_details                    ? 
_entity_src_gen.pdbx_description                   ? 
# 
loop_
_chem_comp.id 
_chem_comp.type 
_chem_comp.mon_nstd_flag 
_chem_comp.name 
_chem_comp.pdbx_synonyms 
_chem_comp.formula 
_chem_comp.formula_weight 
ACE non-polymer         . 'ACETYL GROUP'    ? 'C2 H4 O'        44.053  
ALA 'L-peptide linking' y ALANINE           ? 'C3 H7 N O2'     89.093  
ARG 'L-peptide linking' y ARGININE          ? 'C6 H15 N4 O2 1' 175.209 
ASN 'L-peptide linking' y ASPARAGINE        ? 'C4 H8 N2 O3'    132.118 
ASP 'L-peptide linking' y 'ASPARTIC ACID'   ? 'C4 H7 N O4'     133.103 
CSO 'L-peptide linking' n S-HYDROXYCYSTEINE ? 'C3 H7 N O3 S'   137.158 
CYS 'L-peptide linking' y CYSTEINE          ? 'C3 H7 N O2 S'   121.158 
GLN 'L-peptide linking' y GLUTAMINE         ? 'C5 H10 N2 O3'   146.144 
GLU 'L-peptide linking' y 'GLUTAMIC ACID'   ? 'C5 H9 N O4'     147.129 
GLY 'peptide linking'   y GLYCINE           ? 'C2 H5 N O2'     75.067  
HIS 'L-peptide linking' y HISTIDINE         ? 'C6 H10 N3 O2 1' 156.162 
HOH non-polymer         . WATER             ? 'H2 O'           18.015  
ILE 'L-peptide linking' y ISOLEUCINE        ? 'C6 H13 N O2'    131.173 
LEU 'L-peptide linking' y LEUCINE           ? 'C6 H13 N O2'    131.173 
LYS 'L-peptide linking' y LYSINE            ? 'C6 H15 N2 O2 1' 147.195 
MET 'L-peptide linking' y METHIONINE        ? 'C5 H11 N O2 S'  149.211 
PHE 'L-peptide linking' y PHENYLALANINE     ? 'C9 H11 N O2'    165.189 
PLM non-polymer         . 'PALMITIC ACID'   ? 'C16 H32 O2'     256.424 
PRO 'L-peptide linking' y PROLINE           ? 'C5 H9 N O2'     115.130 
SER 'L-peptide linking' y SERINE            ? 'C3 H7 N O3'     105.093 
THR 'L-peptide linking' y THREONINE         ? 'C4 H9 N O3'     119.119 
TRP 'L-peptide linking' y TRYPTOPHAN        ? 'C11 H12 N2 O2'  204.225 
TYR 'L-peptide linking' y TYROSINE          ? 'C9 H11 N O3'    181.189 
VAL 'L-peptide linking' y VALINE            ? 'C5 H11 N O2'    117.146 
# 
loop_
_pdbx_poly_seq_scheme.asym_id 
_pdbx_poly_seq_scheme.entity_id 
_pdbx_poly_seq_scheme.seq_id 
_pdbx_poly_seq_scheme.mon_id 
_pdbx_poly_seq_scheme.ndb_seq_num 
_pdbx_poly_seq_scheme.pdb_seq_num 
_pdbx_poly_seq_scheme.auth_seq_num 
_pdbx_poly_seq_scheme.pdb_mon_id 
_pdbx_poly_seq_scheme.auth_mon_id 
_pdbx_poly_seq_scheme.pdb_strand_id 
_pdbx_poly_seq_scheme.pdb_ins_code 
_pdbx_poly_seq_scheme.hetero 
A 1 1   ACE 1   0   0   ACE ACE A . n 
A 1 2   MET 2   1   1   MET MET A . n 
A 1 3   GLU 3   2   2   GLU GLU A . n 
A 1 4   ALA 4   3   3   ALA ALA A . n 
A 1 5   PHE 5   4   4   PHE PHE A . n 
A 1 6   LEU 6   5   5   LEU LEU A . n 
A 1 7   GLY 7   6   6   GLY GLY A . n 
A 1 8   THR 8   7   7   THR THR A . n 
A 1 9   TRP 9   8   8   TRP TRP A . n 
A 1 10  LYS 10  9   9   LYS LYS A . n 
A 1 11  MET 11  10  10  MET MET A . n 
A 1 12  GLU 12  11  11  GLU GLU A . n 
A 1 13  LYS 13  12  12  LYS LYS A . n 
A 1 14  SER 14  13  13  SER SER A . n 
A 1 15  GLU 15  14  14  GLU GLU A . n 
A 1 16  GLY 16  15  15  GLY GLY A . n 
A 1 17  PHE 17  16  16  PHE PHE A . n 
A 1 18  ASP 18  17  17  ASP ASP A . n 
A 1 19  LYS 19  18  18  LYS LYS A . n 
A 1 20  ILE 20  19  19  ILE ILE A . n 
A 1 21  MET 21  20  20  MET MET A . n 
A 1 22  GLU 22  21  21  GLU GLU A . n 
A 1 23  ARG 23  22  22  ARG ARG A . n 
A 1 24  LEU 24  23  23  LEU LEU A . n 
A 1 25  GLY 25  24  24  GLY GLY A . n 
A 1 26  VAL 26  25  25  VAL VAL A . n 
A 1 27  ASP 27  26  26  ASP ASP A . n 
A 1 28  PHE 28  27  27  PHE PHE A . n 
A 1 29  VAL 29  28  28  VAL VAL A . n 
A 1 30  THR 30  29  29  THR THR A . n 
A 1 31  ARG 31  30  30  ARG ARG A . n 
A 1 32  LYS 32  31  31  LYS LYS A . n 
A 1 33  MET 33  32  32  MET MET A . n 
A 1 34  GLY 34  33  33  GLY GLY A . n 
A 1 35  ASN 35  34  34  ASN ASN A . n 
A 1 36  LEU 36  35  35  LEU LEU A . n 
A 1 37  VAL 37  36  36  VAL VAL A . n 
A 1 38  LYS 38  37  37  LYS LYS A . n 
A 1 39  PRO 39  38  38  PRO PRO A . n 
A 1 40  ASN 40  39  39  ASN ASN A . n 
A 1 41  LEU 41  40  40  LEU LEU A . n 
A 1 42  ILE 42  41  41  ILE ILE A . n 
A 1 43  VAL 43  42  42  VAL VAL A . n 
A 1 44  THR 44  43  43  THR THR A . n 
A 1 45  ASP 45  44  44  ASP ASP A . n 
A 1 46  LEU 46  45  45  LEU LEU A . n 
A 1 47  GLY 47  46  46  GLY GLY A . n 
A 1 48  GLY 48  47  47  GLY GLY A . n 
A 1 49  GLY 49  48  48  GLY GLY A . n 
A 1 50  LYS 50  49  49  LYS LYS A . n 
A 1 51  TYR 51  50  50  TYR TYR A . n 
A 1 52  LYS 52  51  51  LYS LYS A . n 
A 1 53  MET 53  52  52  MET MET A . n 
A 1 54  ARG 54  53  53  ARG ARG A . n 
A 1 55  SER 55  54  54  SER SER A . n 
A 1 56  GLU 56  55  55  GLU GLU A . n 
A 1 57  SER 57  56  56  SER SER A . n 
A 1 58  THR 58  57  57  THR THR A . n 
A 1 59  PHE 59  58  58  PHE PHE A . n 
A 1 60  LYS 60  59  59  LYS LYS A . n 
A 1 61  THR 61  60  60  THR THR A . n 
A 1 62  THR 62  61  61  THR THR A . n 
A 1 63  GLU 63  62  62  GLU GLU A . n 
A 1 64  CSO 64  63  63  CSO CSO A . n 
A 1 65  SER 65  64  64  SER SER A . n 
A 1 66  PHE 66  65  65  PHE PHE A . n 
A 1 67  LYS 67  66  66  LYS LYS A . n 
A 1 68  LEU 68  67  67  LEU LEU A . n 
A 1 69  GLY 69  68  68  GLY GLY A . n 
A 1 70  GLU 70  69  69  GLU GLU A . n 
A 1 71  LYS 71  70  70  LYS LYS A . n 
A 1 72  PHE 72  71  71  PHE PHE A . n 
A 1 73  LYS 73  72  72  LYS LYS A . n 
A 1 74  GLU 74  73  73  GLU GLU A . n 
A 1 75  VAL 75  74  74  VAL VAL A . n 
A 1 76  THR 76  75  75  THR THR A . n 
A 1 77  PRO 77  76  76  PRO PRO A . n 
A 1 78  ASP 78  77  77  ASP ASP A . n 
A 1 79  SER 79  78  78  SER SER A . n 
A 1 80  ARG 80  79  79  ARG ARG A . n 
A 1 81  GLU 81  80  80  GLU GLU A . n 
A 1 82  VAL 82  81  81  VAL VAL A . n 
A 1 83  ALA 83  82  82  ALA ALA A . n 
A 1 84  SER 84  83  83  SER SER A . n 
A 1 85  LEU 85  84  84  LEU LEU A . n 
A 1 86  ILE 86  85  85  ILE ILE A . n 
A 1 87  THR 87  86  86  THR THR A . n 
A 1 88  VAL 88  87  87  VAL VAL A . n 
A 1 89  GLU 89  88  88  GLU GLU A . n 
A 1 90  ASN 90  89  89  ASN ASN A . n 
A 1 91  GLY 91  90  90  GLY GLY A . n 
A 1 92  VAL 92  91  91  VAL VAL A . n 
A 1 93  MET 93  92  92  MET MET A . n 
A 1 94  LYS 94  93  93  LYS LYS A . n 
A 1 95  HIS 95  94  94  HIS HIS A . n 
A 1 96  GLU 96  95  95  GLU GLU A . n 
A 1 97  GLN 97  96  96  GLN GLN A . n 
A 1 98  ASP 98  97  97  ASP ASP A . n 
A 1 99  ASP 99  98  98  ASP ASP A . n 
A 1 100 LYS 100 99  99  LYS LYS A . n 
A 1 101 THR 101 100 100 THR THR A . n 
A 1 102 LYS 102 101 101 LYS LYS A . n 
A 1 103 VAL 103 102 102 VAL VAL A . n 
A 1 104 THR 104 103 103 THR THR A . n 
A 1 105 TYR 105 104 104 TYR TYR A . n 
A 1 106 ILE 106 105 105 ILE ILE A . n 
A 1 107 GLU 107 106 106 GLU GLU A . n 
A 1 108 ARG 108 107 107 ARG ARG A . n 
A 1 109 VAL 109 108 108 VAL VAL A . n 
A 1 110 VAL 110 109 109 VAL VAL A . n 
A 1 111 GLU 111 110 110 GLU GLU A . n 
A 1 112 GLY 112 111 111 GLY GLY A . n 
A 1 113 ASN 113 112 112 ASN ASN A . n 
A 1 114 GLU 114 113 113 GLU GLU A . n 
A 1 115 LEU 115 114 114 LEU LEU A . n 
A 1 116 LYS 116 115 115 LYS LYS A . n 
A 1 117 ALA 117 116 116 ALA ALA A . n 
A 1 118 THR 118 117 117 THR THR A . n 
A 1 119 VAL 119 118 118 VAL VAL A . n 
A 1 120 LYS 120 119 119 LYS LYS A . n 
A 1 121 VAL 121 120 120 VAL VAL A . n 
A 1 122 ASP 122 121 121 ASP ASP A . n 
A 1 123 GLU 123 122 122 GLU GLU A . n 
A 1 124 VAL 124 123 123 VAL VAL A . n 
A 1 125 VAL 125 124 124 VAL VAL A . n 
A 1 126 CYS 126 125 125 CYS CYS A . n 
A 1 127 VAL 127 126 126 VAL VAL A . n 
A 1 128 ARG 128 127 127 ARG ARG A . n 
A 1 129 THR 129 128 128 THR THR A . n 
A 1 130 TYR 130 129 129 TYR TYR A . n 
A 1 131 SER 131 130 130 SER SER A . n 
A 1 132 LYS 132 131 131 LYS LYS A . n 
A 1 133 VAL 133 132 132 VAL VAL A . n 
A 1 134 ALA 134 133 133 ALA ALA A . n 
# 
_pdbx_entity_instance_feature.ordinal        1 
_pdbx_entity_instance_feature.comp_id        PLM 
_pdbx_entity_instance_feature.asym_id        ? 
_pdbx_entity_instance_feature.seq_num        ? 
_pdbx_entity_instance_feature.auth_comp_id   PLM 
_pdbx_entity_instance_feature.auth_asym_id   ? 
_pdbx_entity_instance_feature.auth_seq_num   ? 
_pdbx_entity_instance_feature.feature_type   'SUBJECT OF INVESTIGATION' 
_pdbx_entity_instance_feature.details        ? 
# 
loop_
_pdbx_nonpoly_scheme.asym_id 
_pdbx_nonpoly_scheme.entity_id 
_pdbx_nonpoly_scheme.mon_id 
_pdbx_nonpoly_scheme.ndb_seq_num 
_pdbx_nonpoly_scheme.pdb_seq_num 
_pdbx_nonpoly_scheme.auth_seq_num 
_pdbx_nonpoly_scheme.pdb_mon_id 
_pdbx_nonpoly_scheme.auth_mon_id 
_pdbx_nonpoly_scheme.pdb_strand_id 
_pdbx_nonpoly_scheme.pdb_ins_code 
B 2 PLM 1   1136 1136 PLM PLM A . 
C 3 HOH 1   2001 2001 HOH HOH A . 
C 3 HOH 2   2002 2002 HOH HOH A . 
C 3 HOH 3   2003 2003 HOH HOH A . 
C 3 HOH 4   2004 2004 HOH HOH A . 
C 3 HOH 5   2005 2005 HOH HOH A . 
C 3 HOH 6   2006 2006 HOH HOH A . 
C 3 HOH 7   2007 2007 HOH HOH A . 
C 3 HOH 8   2008 2008 HOH HOH A . 
C 3 HOH 9   2009 2009 HOH HOH A . 
C 3 HOH 10  2010 2010 HOH HOH A . 
C 3 HOH 11  2011 2011 HOH HOH A . 
C 3 HOH 12  2012 2012 HOH HOH A . 
C 3 HOH 13  2013 2013 HOH HOH A . 
C 3 HOH 14  2014 2014 HOH HOH A . 
C 3 HOH 15  2015 2015 HOH HOH A . 
C 3 HOH 16  2016 2016 HOH HOH A . 
C 3 HOH 17  2017 2017 HOH HOH A . 
C 3 HOH 18  2018 2018 HOH HOH A . 
C 3 HOH 19  2019 2019 HOH HOH A . 
C 3 HOH 20  2020 2020 HOH HOH A . 
C 3 HOH 21  2021 2021 HOH HOH A . 
C 3 HOH 22  2022 2022 HOH HOH A . 
C 3 HOH 23  2023 2023 HOH HOH A . 
C 3 HOH 24  2024 2024 HOH HOH A . 
C 3 HOH 25  2025 2025 HOH HOH A . 
C 3 HOH 26  2026 2026 HOH HOH A . 
C 3 HOH 27  2027 2027 HOH HOH A . 
C 3 HOH 28  2028 2028 HOH HOH A . 
C 3 HOH 29  2029 2029 HOH HOH A . 
C 3 HOH 30  2030 2030 HOH HOH A . 
C 3 HOH 31  2031 2031 HOH HOH A . 
C 3 HOH 32  2032 2032 HOH HOH A . 
C 3 HOH 33  2033 2033 HOH HOH A . 
C 3 HOH 34  2034 2034 HOH HOH A . 
C 3 HOH 35  2035 2035 HOH HOH A . 
C 3 HOH 36  2036 2036 HOH HOH A . 
C 3 HOH 37  2037 2037 HOH HOH A . 
C 3 HOH 38  2038 2038 HOH HOH A . 
C 3 HOH 39  2039 2039 HOH HOH A . 
C 3 HOH 40  2040 2040 HOH HOH A . 
C 3 HOH 41  2041 2041 HOH HOH A . 
C 3 HOH 42  2042 2042 HOH HOH A . 
C 3 HOH 43  2043 2043 HOH HOH A . 
C 3 HOH 44  2044 2044 HOH HOH A . 
C 3 HOH 45  2045 2045 HOH HOH A . 
C 3 HOH 46  2046 2046 HOH HOH A . 
C 3 HOH 47  2047 2047 HOH HOH A . 
C 3 HOH 48  2048 2048 HOH HOH A . 
C 3 HOH 49  2049 2049 HOH HOH A . 
C 3 HOH 50  2050 2050 HOH HOH A . 
C 3 HOH 51  2051 2051 HOH HOH A . 
C 3 HOH 52  2052 2052 HOH HOH A . 
C 3 HOH 53  2053 2053 HOH HOH A . 
C 3 HOH 54  2054 2054 HOH HOH A . 
C 3 HOH 55  2055 2055 HOH HOH A . 
C 3 HOH 56  2056 2056 HOH HOH A . 
C 3 HOH 57  2057 2057 HOH HOH A . 
C 3 HOH 58  2058 2058 HOH HOH A . 
C 3 HOH 59  2059 2059 HOH HOH A . 
C 3 HOH 60  2060 2060 HOH HOH A . 
C 3 HOH 61  2061 2061 HOH HOH A . 
C 3 HOH 62  2062 2062 HOH HOH A . 
C 3 HOH 63  2063 2063 HOH HOH A . 
C 3 HOH 64  2064 2064 HOH HOH A . 
C 3 HOH 65  2065 2065 HOH HOH A . 
C 3 HOH 66  2066 2066 HOH HOH A . 
C 3 HOH 67  2067 2067 HOH HOH A . 
C 3 HOH 68  2068 2068 HOH HOH A . 
C 3 HOH 69  2069 2069 HOH HOH A . 
C 3 HOH 70  2070 2070 HOH HOH A . 
C 3 HOH 71  2071 2071 HOH HOH A . 
C 3 HOH 72  2072 2072 HOH HOH A . 
C 3 HOH 73  2073 2073 HOH HOH A . 
C 3 HOH 74  2074 2074 HOH HOH A . 
C 3 HOH 75  2075 2075 HOH HOH A . 
C 3 HOH 76  2076 2076 HOH HOH A . 
C 3 HOH 77  2077 2077 HOH HOH A . 
C 3 HOH 78  2078 2078 HOH HOH A . 
C 3 HOH 79  2079 2079 HOH HOH A . 
C 3 HOH 80  2080 2080 HOH HOH A . 
C 3 HOH 81  2081 2081 HOH HOH A . 
C 3 HOH 82  2082 2082 HOH HOH A . 
C 3 HOH 83  2083 2083 HOH HOH A . 
C 3 HOH 84  2084 2084 HOH HOH A . 
C 3 HOH 85  2085 2085 HOH HOH A . 
C 3 HOH 86  2086 2086 HOH HOH A . 
C 3 HOH 87  2087 2087 HOH HOH A . 
C 3 HOH 88  2088 2088 HOH HOH A . 
C 3 HOH 89  2089 2089 HOH HOH A . 
C 3 HOH 90  2090 2090 HOH HOH A . 
C 3 HOH 91  2091 2091 HOH HOH A . 
C 3 HOH 92  2092 2092 HOH HOH A . 
C 3 HOH 93  2093 2093 HOH HOH A . 
C 3 HOH 94  2094 2094 HOH HOH A . 
C 3 HOH 95  2095 2095 HOH HOH A . 
C 3 HOH 96  2096 2096 HOH HOH A . 
C 3 HOH 97  2097 2097 HOH HOH A . 
C 3 HOH 98  2098 2098 HOH HOH A . 
C 3 HOH 99  2099 2099 HOH HOH A . 
C 3 HOH 100 2100 2100 HOH HOH A . 
C 3 HOH 101 2101 2101 HOH HOH A . 
C 3 HOH 102 2102 2102 HOH HOH A . 
C 3 HOH 103 2103 2103 HOH HOH A . 
C 3 HOH 104 2104 2104 HOH HOH A . 
C 3 HOH 105 2105 2105 HOH HOH A . 
C 3 HOH 106 2106 2106 HOH HOH A . 
C 3 HOH 107 2107 2107 HOH HOH A . 
C 3 HOH 108 2108 2108 HOH HOH A . 
C 3 HOH 109 2109 2109 HOH HOH A . 
C 3 HOH 110 2110 2110 HOH HOH A . 
C 3 HOH 111 2111 2111 HOH HOH A . 
C 3 HOH 112 2112 2112 HOH HOH A . 
C 3 HOH 113 2113 2113 HOH HOH A . 
C 3 HOH 114 2114 2114 HOH HOH A . 
C 3 HOH 115 2115 2115 HOH HOH A . 
C 3 HOH 116 2116 2116 HOH HOH A . 
C 3 HOH 117 2117 2117 HOH HOH A . 
C 3 HOH 118 2118 2118 HOH HOH A . 
C 3 HOH 119 2119 2119 HOH HOH A . 
C 3 HOH 120 2120 2120 HOH HOH A . 
C 3 HOH 121 2121 2121 HOH HOH A . 
C 3 HOH 122 2122 2122 HOH HOH A . 
C 3 HOH 123 2123 2123 HOH HOH A . 
C 3 HOH 124 2124 2124 HOH HOH A . 
C 3 HOH 125 2125 2125 HOH HOH A . 
C 3 HOH 126 2126 2126 HOH HOH A . 
C 3 HOH 127 2127 2127 HOH HOH A . 
C 3 HOH 128 2128 2128 HOH HOH A . 
C 3 HOH 129 2129 2129 HOH HOH A . 
C 3 HOH 130 2130 2130 HOH HOH A . 
C 3 HOH 131 2131 2131 HOH HOH A . 
C 3 HOH 132 2132 2132 HOH HOH A . 
C 3 HOH 133 2133 2133 HOH HOH A . 
C 3 HOH 134 2134 2134 HOH HOH A . 
C 3 HOH 135 2135 2135 HOH HOH A . 
C 3 HOH 136 2136 2136 HOH HOH A . 
C 3 HOH 137 2137 2137 HOH HOH A . 
C 3 HOH 138 2138 2138 HOH HOH A . 
C 3 HOH 139 2139 2139 HOH HOH A . 
C 3 HOH 140 2140 2140 HOH HOH A . 
C 3 HOH 141 2141 2141 HOH HOH A . 
C 3 HOH 142 2142 2142 HOH HOH A . 
C 3 HOH 143 2143 2143 HOH HOH A . 
# 
loop_
_software.name 
_software.classification 
_software.version 
_software.citation_id 
_software.pdbx_ordinal 
REFMAC    refinement       5.1.24 ? 1 
DENZO     'data reduction' .      ? 2 
SCALEPACK 'data scaling'   .      ? 3 
AMoRE     phasing          .      ? 4 
# 
_cell.entry_id           1O8V 
_cell.length_a           28.714 
_cell.length_b           54.834 
_cell.length_c           38.691 
_cell.angle_alpha        90.00 
_cell.angle_beta         100.34 
_cell.angle_gamma        90.00 
_cell.Z_PDB              2 
_cell.pdbx_unique_axis   ? 
# 
_symmetry.entry_id                         1O8V 
_symmetry.space_group_name_H-M             'P 1 21 1' 
_symmetry.pdbx_full_space_group_name_H-M   ? 
_symmetry.cell_setting                     ? 
_symmetry.Int_Tables_number                4 
# 
_exptl.entry_id          1O8V 
_exptl.method            'X-RAY DIFFRACTION' 
_exptl.crystals_number   1 
# 
_exptl_crystal.id                    1 
_exptl_crystal.density_meas          ? 
_exptl_crystal.density_Matthews      2.0 
_exptl_crystal.density_percent_sol   37.5 
_exptl_crystal.description           ? 
# 
_exptl_crystal_grow.crystal_id      1 
_exptl_crystal_grow.method          ? 
_exptl_crystal_grow.temp            ? 
_exptl_crystal_grow.temp_details    ? 
_exptl_crystal_grow.pH              8.60 
_exptl_crystal_grow.pdbx_pH_range   ? 
_exptl_crystal_grow.pdbx_details    '30% (V/V) MMEPEG 5000, 0.1 M TRIS-HCL,PH 8.6,0.1 M NAAC.' 
# 
_diffrn.id                     1 
_diffrn.ambient_temp           100.0 
_diffrn.ambient_temp_details   ? 
_diffrn.crystal_id             1 
# 
_diffrn_detector.diffrn_id              1 
_diffrn_detector.detector               CCD 
_diffrn_detector.type                   'ADSC CCD' 
_diffrn_detector.pdbx_collection_date   2001-02-15 
_diffrn_detector.details                'CYLINDRICAL GRAZING INCIDENCE MIRROR' 
# 
_diffrn_radiation.diffrn_id                        1 
_diffrn_radiation.wavelength_id                    1 
_diffrn_radiation.pdbx_monochromatic_or_laue_m_l   M 
_diffrn_radiation.monochromator                    'SI(111)' 
_diffrn_radiation.pdbx_diffrn_protocol             'SINGLE WAVELENGTH' 
_diffrn_radiation.pdbx_scattering_type             x-ray 
# 
_diffrn_radiation_wavelength.id           1 
_diffrn_radiation_wavelength.wavelength   1.0038 
_diffrn_radiation_wavelength.wt           1.0 
# 
_diffrn_source.diffrn_id                   1 
_diffrn_source.source                      SYNCHROTRON 
_diffrn_source.type                        'ESRF BEAMLINE ID29' 
_diffrn_source.pdbx_synchrotron_site       ESRF 
_diffrn_source.pdbx_synchrotron_beamline   ID29 
_diffrn_source.pdbx_wavelength             1.0038 
_diffrn_source.pdbx_wavelength_list        ? 
# 
_reflns.pdbx_diffrn_id               1 
_reflns.pdbx_ordinal                 1 
_reflns.entry_id                     1O8V 
_reflns.observed_criterion_sigma_I   2.000 
_reflns.observed_criterion_sigma_F   ? 
_reflns.d_resolution_low             30.000 
_reflns.d_resolution_high            1.600 
_reflns.number_obs                   15644 
_reflns.number_all                   ? 
_reflns.percent_possible_obs         99.8 
_reflns.pdbx_Rmerge_I_obs            0.04300 
_reflns.pdbx_Rsym_value              ? 
_reflns.pdbx_netI_over_sigmaI        35.0000 
_reflns.B_iso_Wilson_estimate        12.69 
_reflns.pdbx_redundancy              5.230 
# 
_reflns_shell.pdbx_diffrn_id         1 
_reflns_shell.pdbx_ordinal           1 
_reflns_shell.d_res_high             1.60 
_reflns_shell.d_res_low              1.66 
_reflns_shell.percent_possible_all   98.6 
_reflns_shell.Rmerge_I_obs           0.06600 
_reflns_shell.pdbx_Rsym_value        ? 
_reflns_shell.meanI_over_sigI_obs    14.700 
_reflns_shell.pdbx_redundancy        ? 
# 
_refine.pdbx_refine_id                           'X-RAY DIFFRACTION' 
_refine.entry_id                                 1O8V 
_refine.pdbx_diffrn_id                           1 
_refine.pdbx_TLS_residual_ADP_flag               ? 
_refine.ls_number_reflns_obs                     15620 
_refine.ls_number_reflns_all                     ? 
_refine.pdbx_ls_sigma_I                          ? 
_refine.pdbx_ls_sigma_F                          ? 
_refine.pdbx_data_cutoff_high_absF               ? 
_refine.pdbx_data_cutoff_low_absF                ? 
_refine.pdbx_data_cutoff_high_rms_absF           ? 
_refine.ls_d_res_low                             30.00 
_refine.ls_d_res_high                            1.60 
_refine.ls_percent_reflns_obs                    99.8 
_refine.ls_R_factor_obs                          0.174 
_refine.ls_R_factor_all                          ? 
_refine.ls_R_factor_R_work                       0.172 
_refine.ls_R_factor_R_free                       0.214 
_refine.ls_R_factor_R_free_error                 ? 
_refine.ls_R_factor_R_free_error_details         ? 
_refine.ls_percent_reflns_R_free                 10.100 
_refine.ls_number_reflns_R_free                  1575 
_refine.ls_number_parameters                     ? 
_refine.ls_number_restraints                     ? 
_refine.occupancy_min                            ? 
_refine.occupancy_max                            ? 
_refine.correlation_coeff_Fo_to_Fc               0.955 
_refine.correlation_coeff_Fo_to_Fc_free          0.931 
_refine.B_iso_mean                               11.29 
_refine.aniso_B[1][1]                            0.44000 
_refine.aniso_B[2][2]                            -0.90000 
_refine.aniso_B[3][3]                            0.28000 
_refine.aniso_B[1][2]                            0.00000 
_refine.aniso_B[1][3]                            -0.48000 
_refine.aniso_B[2][3]                            0.00000 
_refine.solvent_model_details                    'BABINET MODEL WITH MASK' 
_refine.solvent_model_param_ksol                 ? 
_refine.solvent_model_param_bsol                 ? 
_refine.pdbx_solvent_vdw_probe_radii             1.40 
_refine.pdbx_solvent_ion_probe_radii             0.80 
_refine.pdbx_solvent_shrinkage_radii             0.80 
_refine.pdbx_ls_cross_valid_method               THROUGHOUT 
_refine.details                                  
;HYDROGENS HAVE BEEN ADDED IN THE RIDING POSITIONS THE LAST REFINEMENT ROUND WAS DONE AGAINST ALL DATA, RFREE VALUES ARE THE LAST RECORDED
;
_refine.pdbx_starting_model                      'PDB ENTRY 1PMP CHAIN A' 
_refine.pdbx_method_to_determine_struct          'MOLECULAR REPLACEMENT' 
_refine.pdbx_isotropic_thermal_model             ? 
_refine.pdbx_stereochemistry_target_values       'MAXIMUM LIKELIHOOD' 
_refine.pdbx_stereochem_target_val_spec_case     ? 
_refine.pdbx_R_Free_selection_details            RANDOM 
_refine.pdbx_overall_ESU_R                       0.094 
_refine.pdbx_overall_ESU_R_Free                  0.105 
_refine.overall_SU_ML                            0.043 
_refine.pdbx_overall_phase_error                 ? 
_refine.overall_SU_B                             1.171 
_refine.overall_SU_R_Cruickshank_DPI             ? 
_refine.pdbx_overall_SU_R_free_Cruickshank_DPI   ? 
_refine.pdbx_overall_SU_R_Blow_DPI               ? 
_refine.pdbx_overall_SU_R_free_Blow_DPI          ? 
# 
_refine_hist.pdbx_refine_id                   'X-RAY DIFFRACTION' 
_refine_hist.cycle_id                         LAST 
_refine_hist.pdbx_number_atoms_protein        1057 
_refine_hist.pdbx_number_atoms_nucleic_acid   0 
_refine_hist.pdbx_number_atoms_ligand         18 
_refine_hist.number_atoms_solvent             143 
_refine_hist.number_atoms_total               1218 
_refine_hist.d_res_high                       1.60 
_refine_hist.d_res_low                        30.00 
# 
loop_
_refine_ls_restr.type 
_refine_ls_restr.dev_ideal 
_refine_ls_restr.dev_ideal_target 
_refine_ls_restr.weight 
_refine_ls_restr.number 
_refine_ls_restr.pdbx_refine_id 
_refine_ls_restr.pdbx_restraint_function 
r_bond_refined_d             0.012 0.022 ? 1092 'X-RAY DIFFRACTION' ? 
r_bond_other_d               0.003 0.020 ? 1029 'X-RAY DIFFRACTION' ? 
r_angle_refined_deg          1.420 1.988 ? 1456 'X-RAY DIFFRACTION' ? 
r_angle_other_deg            0.778 3.000 ? 2416 'X-RAY DIFFRACTION' ? 
r_dihedral_angle_1_deg       6.021 5.000 ? 133  'X-RAY DIFFRACTION' ? 
r_dihedral_angle_2_deg       ?     ?     ? ?    'X-RAY DIFFRACTION' ? 
r_dihedral_angle_3_deg       ?     ?     ? ?    'X-RAY DIFFRACTION' ? 
r_dihedral_angle_4_deg       ?     ?     ? ?    'X-RAY DIFFRACTION' ? 
r_chiral_restr               0.089 0.200 ? 165  'X-RAY DIFFRACTION' ? 
r_gen_planes_refined         0.007 0.020 ? 1161 'X-RAY DIFFRACTION' ? 
r_gen_planes_other           0.004 0.020 ? 204  'X-RAY DIFFRACTION' ? 
r_nbd_refined                0.187 0.200 ? 158  'X-RAY DIFFRACTION' ? 
r_nbd_other                  0.258 0.200 ? 1185 'X-RAY DIFFRACTION' ? 
r_nbtor_refined              ?     ?     ? ?    'X-RAY DIFFRACTION' ? 
r_nbtor_other                0.077 0.200 ? 712  'X-RAY DIFFRACTION' ? 
r_xyhbond_nbd_refined        0.113 0.200 ? 87   'X-RAY DIFFRACTION' ? 
r_xyhbond_nbd_other          ?     ?     ? ?    'X-RAY DIFFRACTION' ? 
r_metal_ion_refined          ?     ?     ? ?    'X-RAY DIFFRACTION' ? 
r_metal_ion_other            ?     ?     ? ?    'X-RAY DIFFRACTION' ? 
r_symmetry_vdw_refined       0.132 0.200 ? 3    'X-RAY DIFFRACTION' ? 
r_symmetry_vdw_other         0.349 0.200 ? 29   'X-RAY DIFFRACTION' ? 
r_symmetry_hbond_refined     0.137 0.200 ? 9    'X-RAY DIFFRACTION' ? 
r_symmetry_hbond_other       ?     ?     ? ?    'X-RAY DIFFRACTION' ? 
r_symmetry_metal_ion_refined ?     ?     ? ?    'X-RAY DIFFRACTION' ? 
r_symmetry_metal_ion_other   ?     ?     ? ?    'X-RAY DIFFRACTION' ? 
r_mcbond_it                  ?     ?     ? ?    'X-RAY DIFFRACTION' ? 
r_mcbond_other               ?     ?     ? ?    'X-RAY DIFFRACTION' ? 
r_mcangle_it                 ?     ?     ? ?    'X-RAY DIFFRACTION' ? 
r_mcangle_other              ?     ?     ? ?    'X-RAY DIFFRACTION' ? 
r_scbond_it                  ?     ?     ? ?    'X-RAY DIFFRACTION' ? 
r_scbond_other               ?     ?     ? ?    'X-RAY DIFFRACTION' ? 
r_scangle_it                 ?     ?     ? ?    'X-RAY DIFFRACTION' ? 
r_scangle_other              ?     ?     ? ?    'X-RAY DIFFRACTION' ? 
r_long_range_B_refined       ?     ?     ? ?    'X-RAY DIFFRACTION' ? 
r_long_range_B_other         ?     ?     ? ?    'X-RAY DIFFRACTION' ? 
r_rigid_bond_restr           ?     ?     ? ?    'X-RAY DIFFRACTION' ? 
r_sphericity_free            ?     ?     ? ?    'X-RAY DIFFRACTION' ? 
r_sphericity_bonded          ?     ?     ? ?    'X-RAY DIFFRACTION' ? 
# 
_refine_ls_shell.pdbx_refine_id                   'X-RAY DIFFRACTION' 
_refine_ls_shell.pdbx_total_number_of_bins_used   20 
_refine_ls_shell.d_res_high                       1.60 
_refine_ls_shell.d_res_low                        1.64 
_refine_ls_shell.number_reflns_R_work             1114 
_refine_ls_shell.R_factor_R_work                  0.1650 
_refine_ls_shell.percent_reflns_obs               ? 
_refine_ls_shell.R_factor_R_free                  0.2160 
_refine_ls_shell.R_factor_R_free_error            ? 
_refine_ls_shell.percent_reflns_R_free            ? 
_refine_ls_shell.number_reflns_R_free             134 
_refine_ls_shell.number_reflns_all                ? 
_refine_ls_shell.R_factor_all                     ? 
# 
_struct.entry_id                  1O8V 
_struct.title                     'The crystal structure of Echinococcus granulosus fatty-acid-binding protein 1' 
_struct.pdbx_model_details        ? 
_struct.pdbx_CASP_flag            ? 
_struct.pdbx_model_type_details   ? 
# 
_struct_keywords.entry_id        1O8V 
_struct_keywords.pdbx_keywords   'LIPID BINDING PROTEIN' 
_struct_keywords.text            
'LIPID BINDING PROTEIN, FATTY-ACID-BINDING PROTEIN, ECHINOCOCCUS GRANULOSUS, HYDATID DISEASE, FATTY-ACID TRANSPORT' 
# 
loop_
_struct_asym.id 
_struct_asym.pdbx_blank_PDB_chainid_flag 
_struct_asym.pdbx_modified 
_struct_asym.entity_id 
_struct_asym.details 
A N N 1 ? 
B N N 2 ? 
C N N 3 ? 
# 
loop_
_struct_ref.id 
_struct_ref.db_name 
_struct_ref.db_code 
_struct_ref.entity_id 
_struct_ref.pdbx_seq_one_letter_code 
_struct_ref.pdbx_align_begin 
_struct_ref.pdbx_db_accession 
_struct_ref.pdbx_db_isoform 
1 PDB 1O8V       1 ? ? 1O8V   ? 
2 UNP FABP_ECHGR 1 ? ? Q02970 ? 
# 
loop_
_struct_ref_seq.align_id 
_struct_ref_seq.ref_id 
_struct_ref_seq.pdbx_PDB_id_code 
_struct_ref_seq.pdbx_strand_id 
_struct_ref_seq.seq_align_beg 
_struct_ref_seq.pdbx_seq_align_beg_ins_code 
_struct_ref_seq.seq_align_end 
_struct_ref_seq.pdbx_seq_align_end_ins_code 
_struct_ref_seq.pdbx_db_accession 
_struct_ref_seq.db_align_beg 
_struct_ref_seq.pdbx_db_align_beg_ins_code 
_struct_ref_seq.db_align_end 
_struct_ref_seq.pdbx_db_align_end_ins_code 
_struct_ref_seq.pdbx_auth_seq_align_beg 
_struct_ref_seq.pdbx_auth_seq_align_end 
1 1 1O8V A 1 ? 1   ? 1O8V   0 ? 0   ? 0 0   
2 2 1O8V A 2 ? 134 ? Q02970 1 ? 133 ? 1 133 
# 
_pdbx_struct_assembly.id                   1 
_pdbx_struct_assembly.details              author_and_software_defined_assembly 
_pdbx_struct_assembly.method_details       PQS 
_pdbx_struct_assembly.oligomeric_details   monomeric 
_pdbx_struct_assembly.oligomeric_count     1 
# 
_pdbx_struct_assembly_gen.assembly_id       1 
_pdbx_struct_assembly_gen.oper_expression   1 
_pdbx_struct_assembly_gen.asym_id_list      A,B,C 
# 
_pdbx_struct_oper_list.id                   1 
_pdbx_struct_oper_list.type                 'identity operation' 
_pdbx_struct_oper_list.name                 1_555 
_pdbx_struct_oper_list.symmetry_operation   x,y,z 
_pdbx_struct_oper_list.matrix[1][1]         1.0000000000 
_pdbx_struct_oper_list.matrix[1][2]         0.0000000000 
_pdbx_struct_oper_list.matrix[1][3]         0.0000000000 
_pdbx_struct_oper_list.vector[1]            0.0000000000 
_pdbx_struct_oper_list.matrix[2][1]         0.0000000000 
_pdbx_struct_oper_list.matrix[2][2]         1.0000000000 
_pdbx_struct_oper_list.matrix[2][3]         0.0000000000 
_pdbx_struct_oper_list.vector[2]            0.0000000000 
_pdbx_struct_oper_list.matrix[3][1]         0.0000000000 
_pdbx_struct_oper_list.matrix[3][2]         0.0000000000 
_pdbx_struct_oper_list.matrix[3][3]         1.0000000000 
_pdbx_struct_oper_list.vector[3]            0.0000000000 
# 
_struct_biol.id   1 
# 
loop_
_struct_conf.conf_type_id 
_struct_conf.id 
_struct_conf.pdbx_PDB_helix_id 
_struct_conf.beg_label_comp_id 
_struct_conf.beg_label_asym_id 
_struct_conf.beg_label_seq_id 
_struct_conf.pdbx_beg_PDB_ins_code 
_struct_conf.end_label_comp_id 
_struct_conf.end_label_asym_id 
_struct_conf.end_label_seq_id 
_struct_conf.pdbx_end_PDB_ins_code 
_struct_conf.beg_auth_comp_id 
_struct_conf.beg_auth_asym_id 
_struct_conf.beg_auth_seq_id 
_struct_conf.end_auth_comp_id 
_struct_conf.end_auth_asym_id 
_struct_conf.end_auth_seq_id 
_struct_conf.pdbx_PDB_helix_class 
_struct_conf.details 
_struct_conf.pdbx_PDB_helix_length 
HELX_P HELX_P1 1 GLU A 3  ? PHE A 5  ? GLU A 2  PHE A 4  5 ? 3 
HELX_P HELX_P2 2 PHE A 17 ? LEU A 24 ? PHE A 16 LEU A 23 1 ? 8 
HELX_P HELX_P3 3 PHE A 28 ? LEU A 36 ? PHE A 27 LEU A 35 1 ? 9 
# 
_struct_conf_type.id          HELX_P 
_struct_conf_type.criteria    ? 
_struct_conf_type.reference   ? 
# 
loop_
_struct_conn.id 
_struct_conn.conn_type_id 
_struct_conn.pdbx_leaving_atom_flag 
_struct_conn.pdbx_PDB_id 
_struct_conn.ptnr1_label_asym_id 
_struct_conn.ptnr1_label_comp_id 
_struct_conn.ptnr1_label_seq_id 
_struct_conn.ptnr1_label_atom_id 
_struct_conn.pdbx_ptnr1_label_alt_id 
_struct_conn.pdbx_ptnr1_PDB_ins_code 
_struct_conn.pdbx_ptnr1_standard_comp_id 
_struct_conn.ptnr1_symmetry 
_struct_conn.ptnr2_label_asym_id 
_struct_conn.ptnr2_label_comp_id 
_struct_conn.ptnr2_label_seq_id 
_struct_conn.ptnr2_label_atom_id 
_struct_conn.pdbx_ptnr2_label_alt_id 
_struct_conn.pdbx_ptnr2_PDB_ins_code 
_struct_conn.ptnr1_auth_asym_id 
_struct_conn.ptnr1_auth_comp_id 
_struct_conn.ptnr1_auth_seq_id 
_struct_conn.ptnr2_auth_asym_id 
_struct_conn.ptnr2_auth_comp_id 
_struct_conn.ptnr2_auth_seq_id 
_struct_conn.ptnr2_symmetry 
_struct_conn.pdbx_ptnr3_label_atom_id 
_struct_conn.pdbx_ptnr3_label_seq_id 
_struct_conn.pdbx_ptnr3_label_comp_id 
_struct_conn.pdbx_ptnr3_label_asym_id 
_struct_conn.pdbx_ptnr3_label_alt_id 
_struct_conn.pdbx_ptnr3_PDB_ins_code 
_struct_conn.details 
_struct_conn.pdbx_dist_value 
_struct_conn.pdbx_value_order 
_struct_conn.pdbx_role 
covale1 covale both ? A ACE 1  C ? ? ? 1_555 A MET 2  N ? ? A ACE 0  A MET 1  1_555 ? ? ? ? ? ? ? 1.347 ? ? 
covale2 covale both ? A GLU 63 C ? ? ? 1_555 A CSO 64 N ? ? A GLU 62 A CSO 63 1_555 ? ? ? ? ? ? ? 1.320 ? ? 
covale3 covale both ? A CSO 64 C ? ? ? 1_555 A SER 65 N ? ? A CSO 63 A SER 64 1_555 ? ? ? ? ? ? ? 1.326 ? ? 
# 
_struct_conn_type.id          covale 
_struct_conn_type.criteria    ? 
_struct_conn_type.reference   ? 
# 
loop_
_pdbx_modification_feature.ordinal 
_pdbx_modification_feature.label_comp_id 
_pdbx_modification_feature.label_asym_id 
_pdbx_modification_feature.label_seq_id 
_pdbx_modification_feature.label_alt_id 
_pdbx_modification_feature.modified_residue_label_comp_id 
_pdbx_modification_feature.modified_residue_label_asym_id 
_pdbx_modification_feature.modified_residue_label_seq_id 
_pdbx_modification_feature.modified_residue_label_alt_id 
_pdbx_modification_feature.auth_comp_id 
_pdbx_modification_feature.auth_asym_id 
_pdbx_modification_feature.auth_seq_id 
_pdbx_modification_feature.PDB_ins_code 
_pdbx_modification_feature.symmetry 
_pdbx_modification_feature.modified_residue_auth_comp_id 
_pdbx_modification_feature.modified_residue_auth_asym_id 
_pdbx_modification_feature.modified_residue_auth_seq_id 
_pdbx_modification_feature.modified_residue_PDB_ins_code 
_pdbx_modification_feature.modified_residue_symmetry 
_pdbx_modification_feature.comp_id_linking_atom 
_pdbx_modification_feature.modified_residue_id_linking_atom 
_pdbx_modification_feature.modified_residue_id 
_pdbx_modification_feature.ref_pcm_id 
_pdbx_modification_feature.ref_comp_id 
_pdbx_modification_feature.type 
_pdbx_modification_feature.category 
1 CSO A 64 ? .   . . . CSO A 63 ? 1_555 .   . . . .     . . CYS 1 CSO Hydroxylation 'Named protein modification' 
2 ACE A 1  ? MET A 2 ? ACE A 0  ? 1_555 MET A 1 ? 1_555 . . MET 4 ACE None          'Terminal acetylation'       
# 
_struct_sheet.id               AA 
_struct_sheet.type             ? 
_struct_sheet.number_strands   10 
_struct_sheet.details          ? 
# 
loop_
_struct_sheet_order.sheet_id 
_struct_sheet_order.range_id_1 
_struct_sheet_order.range_id_2 
_struct_sheet_order.offset 
_struct_sheet_order.sense 
AA 1 2  ? anti-parallel 
AA 2 3  ? anti-parallel 
AA 3 4  ? anti-parallel 
AA 4 5  ? anti-parallel 
AA 5 6  ? anti-parallel 
AA 6 7  ? anti-parallel 
AA 7 8  ? anti-parallel 
AA 8 9  ? anti-parallel 
AA 9 10 ? anti-parallel 
# 
loop_
_struct_sheet_range.sheet_id 
_struct_sheet_range.id 
_struct_sheet_range.beg_label_comp_id 
_struct_sheet_range.beg_label_asym_id 
_struct_sheet_range.beg_label_seq_id 
_struct_sheet_range.pdbx_beg_PDB_ins_code 
_struct_sheet_range.end_label_comp_id 
_struct_sheet_range.end_label_asym_id 
_struct_sheet_range.end_label_seq_id 
_struct_sheet_range.pdbx_end_PDB_ins_code 
_struct_sheet_range.beg_auth_comp_id 
_struct_sheet_range.beg_auth_asym_id 
_struct_sheet_range.beg_auth_seq_id 
_struct_sheet_range.end_auth_comp_id 
_struct_sheet_range.end_auth_asym_id 
_struct_sheet_range.end_auth_seq_id 
AA 1  THR A 61  ? SER A 65  ? THR A 60  SER A 64  
AA 2  LYS A 50  ? SER A 57  ? LYS A 49  SER A 56  
AA 3  VAL A 37  ? LEU A 46  ? VAL A 36  LEU A 45  
AA 4  THR A 8   ? GLU A 15  ? THR A 7   GLU A 14  
AA 5  VAL A 124 ? SER A 131 ? VAL A 123 SER A 130 
AA 6  GLU A 114 ? VAL A 121 ? GLU A 113 VAL A 120 
AA 7  LYS A 102 ? GLU A 111 ? LYS A 101 GLU A 110 
AA 8  VAL A 92  ? ASP A 99  ? VAL A 91  ASP A 98  
AA 9  ALA A 83  ? GLU A 89  ? ALA A 82  GLU A 88  
AA 10 GLU A 70  ? THR A 76  ? GLU A 69  THR A 75  
# 
loop_
_pdbx_struct_sheet_hbond.sheet_id 
_pdbx_struct_sheet_hbond.range_id_1 
_pdbx_struct_sheet_hbond.range_id_2 
_pdbx_struct_sheet_hbond.range_1_label_atom_id 
_pdbx_struct_sheet_hbond.range_1_label_comp_id 
_pdbx_struct_sheet_hbond.range_1_label_asym_id 
_pdbx_struct_sheet_hbond.range_1_label_seq_id 
_pdbx_struct_sheet_hbond.range_1_PDB_ins_code 
_pdbx_struct_sheet_hbond.range_1_auth_atom_id 
_pdbx_struct_sheet_hbond.range_1_auth_comp_id 
_pdbx_struct_sheet_hbond.range_1_auth_asym_id 
_pdbx_struct_sheet_hbond.range_1_auth_seq_id 
_pdbx_struct_sheet_hbond.range_2_label_atom_id 
_pdbx_struct_sheet_hbond.range_2_label_comp_id 
_pdbx_struct_sheet_hbond.range_2_label_asym_id 
_pdbx_struct_sheet_hbond.range_2_label_seq_id 
_pdbx_struct_sheet_hbond.range_2_PDB_ins_code 
_pdbx_struct_sheet_hbond.range_2_auth_atom_id 
_pdbx_struct_sheet_hbond.range_2_auth_comp_id 
_pdbx_struct_sheet_hbond.range_2_auth_asym_id 
_pdbx_struct_sheet_hbond.range_2_auth_seq_id 
AA 1 2  N THR A 62  ? N THR A 61  O SER A 55  ? O SER A 54  
AA 2 3  N GLU A 56  ? N GLU A 55  O ASN A 40  ? O ASN A 39  
AA 3 4  N LEU A 41  ? N LEU A 40  O TRP A 9   ? O TRP A 8   
AA 4 5  N GLU A 15  ? N GLU A 14  O VAL A 127 ? O VAL A 126 
AA 5 6  N TYR A 130 ? N TYR A 129 O LEU A 115 ? O LEU A 114 
AA 6 7  N LYS A 120 ? N LYS A 119 O TYR A 105 ? O TYR A 104 
AA 7 8  N ARG A 108 ? N ARG A 107 O MET A 93  ? O MET A 92  
AA 8 9  N ASP A 98  ? N ASP A 97  O ALA A 83  ? O ALA A 82  
AA 9 10 N SER A 84  ? N SER A 83  O PHE A 72  ? O PHE A 71  
# 
_struct_site.id                   AC1 
_struct_site.pdbx_evidence_code   Software 
_struct_site.pdbx_auth_asym_id    ? 
_struct_site.pdbx_auth_comp_id    ? 
_struct_site.pdbx_auth_seq_id     ? 
_struct_site.pdbx_auth_ins_code   ? 
_struct_site.pdbx_num_residues    13 
_struct_site.details              'BINDING SITE FOR RESIDUE PLM A1136' 
# 
loop_
_struct_site_gen.id 
_struct_site_gen.site_id 
_struct_site_gen.pdbx_num_res 
_struct_site_gen.label_comp_id 
_struct_site_gen.label_asym_id 
_struct_site_gen.label_seq_id 
_struct_site_gen.pdbx_auth_ins_code 
_struct_site_gen.auth_comp_id 
_struct_site_gen.auth_asym_id 
_struct_site_gen.auth_seq_id 
_struct_site_gen.label_atom_id 
_struct_site_gen.label_alt_id 
_struct_site_gen.symmetry 
_struct_site_gen.details 
1  AC1 13 PHE A 17  ? PHE A 16   . ? 1_555 ? 
2  AC1 13 MET A 21  ? MET A 20   . ? 1_555 ? 
3  AC1 13 GLY A 34  ? GLY A 33   . ? 1_555 ? 
4  AC1 13 VAL A 37  ? VAL A 36   . ? 1_555 ? 
5  AC1 13 PRO A 77  ? PRO A 76   . ? 1_555 ? 
6  AC1 13 ASP A 78  ? ASP A 77   . ? 1_555 ? 
7  AC1 13 ARG A 80  ? ARG A 79   . ? 1_555 ? 
8  AC1 13 GLN A 97  ? GLN A 96   . ? 1_555 ? 
9  AC1 13 ARG A 108 ? ARG A 107  . ? 1_555 ? 
10 AC1 13 ARG A 128 ? ARG A 127  . ? 1_555 ? 
11 AC1 13 TYR A 130 ? TYR A 129  . ? 1_555 ? 
12 AC1 13 HOH C .   ? HOH A 2142 . ? 1_555 ? 
13 AC1 13 HOH C .   ? HOH A 2143 . ? 1_555 ? 
# 
_pdbx_entry_details.entry_id                   1O8V 
_pdbx_entry_details.compound_details           
;MEMBER OF THE FABP/P2/CRBP/CRABP FAMILY OF
 TRANSPORTERS.
;
_pdbx_entry_details.source_details             ? 
_pdbx_entry_details.nonpolymer_details         ? 
_pdbx_entry_details.sequence_details           ? 
_pdbx_entry_details.has_ligand_of_interest     Y 
_pdbx_entry_details.has_protein_modification   Y 
# 
loop_
_pdbx_validate_torsion.id 
_pdbx_validate_torsion.PDB_model_num 
_pdbx_validate_torsion.auth_comp_id 
_pdbx_validate_torsion.auth_asym_id 
_pdbx_validate_torsion.auth_seq_id 
_pdbx_validate_torsion.PDB_ins_code 
_pdbx_validate_torsion.label_alt_id 
_pdbx_validate_torsion.phi 
_pdbx_validate_torsion.psi 
1 1 LYS A 99  ? ? 87.79 -11.89  
2 1 ASP A 121 ? ? 48.75 -128.64 
# 
_pdbx_struct_mod_residue.id               1 
_pdbx_struct_mod_residue.label_asym_id    A 
_pdbx_struct_mod_residue.label_comp_id    CSO 
_pdbx_struct_mod_residue.label_seq_id     64 
_pdbx_struct_mod_residue.auth_asym_id     A 
_pdbx_struct_mod_residue.auth_comp_id     CSO 
_pdbx_struct_mod_residue.auth_seq_id      63 
_pdbx_struct_mod_residue.PDB_ins_code     ? 
_pdbx_struct_mod_residue.parent_comp_id   CYS 
_pdbx_struct_mod_residue.details          S-HYDROXYCYSTEINE 
# 
loop_
_chem_comp_atom.comp_id 
_chem_comp_atom.atom_id 
_chem_comp_atom.type_symbol 
_chem_comp_atom.pdbx_aromatic_flag 
_chem_comp_atom.pdbx_stereo_config 
_chem_comp_atom.pdbx_ordinal 
ACE C    C N N 1   
ACE O    O N N 2   
ACE CH3  C N N 3   
ACE H    H N N 4   
ACE H1   H N N 5   
ACE H2   H N N 6   
ACE H3   H N N 7   
ALA N    N N N 8   
ALA CA   C N S 9   
ALA C    C N N 10  
ALA O    O N N 11  
ALA CB   C N N 12  
ALA OXT  O N N 13  
ALA H    H N N 14  
ALA H2   H N N 15  
ALA HA   H N N 16  
ALA HB1  H N N 17  
ALA HB2  H N N 18  
ALA HB3  H N N 19  
ALA HXT  H N N 20  
ARG N    N N N 21  
ARG CA   C N S 22  
ARG C    C N N 23  
ARG O    O N N 24  
ARG CB   C N N 25  
ARG CG   C N N 26  
ARG CD   C N N 27  
ARG NE   N N N 28  
ARG CZ   C N N 29  
ARG NH1  N N N 30  
ARG NH2  N N N 31  
ARG OXT  O N N 32  
ARG H    H N N 33  
ARG H2   H N N 34  
ARG HA   H N N 35  
ARG HB2  H N N 36  
ARG HB3  H N N 37  
ARG HG2  H N N 38  
ARG HG3  H N N 39  
ARG HD2  H N N 40  
ARG HD3  H N N 41  
ARG HE   H N N 42  
ARG HH11 H N N 43  
ARG HH12 H N N 44  
ARG HH21 H N N 45  
ARG HH22 H N N 46  
ARG HXT  H N N 47  
ASN N    N N N 48  
ASN CA   C N S 49  
ASN C    C N N 50  
ASN O    O N N 51  
ASN CB   C N N 52  
ASN CG   C N N 53  
ASN OD1  O N N 54  
ASN ND2  N N N 55  
ASN OXT  O N N 56  
ASN H    H N N 57  
ASN H2   H N N 58  
ASN HA   H N N 59  
ASN HB2  H N N 60  
ASN HB3  H N N 61  
ASN HD21 H N N 62  
ASN HD22 H N N 63  
ASN HXT  H N N 64  
ASP N    N N N 65  
ASP CA   C N S 66  
ASP C    C N N 67  
ASP O    O N N 68  
ASP CB   C N N 69  
ASP CG   C N N 70  
ASP OD1  O N N 71  
ASP OD2  O N N 72  
ASP OXT  O N N 73  
ASP H    H N N 74  
ASP H2   H N N 75  
ASP HA   H N N 76  
ASP HB2  H N N 77  
ASP HB3  H N N 78  
ASP HD2  H N N 79  
ASP HXT  H N N 80  
CSO N    N N N 81  
CSO CA   C N R 82  
CSO CB   C N N 83  
CSO SG   S N N 84  
CSO C    C N N 85  
CSO O    O N N 86  
CSO OXT  O N N 87  
CSO OD   O N N 88  
CSO H    H N N 89  
CSO H2   H N N 90  
CSO HA   H N N 91  
CSO HB2  H N N 92  
CSO HB3  H N N 93  
CSO HXT  H N N 94  
CSO HD   H N N 95  
CYS N    N N N 96  
CYS CA   C N R 97  
CYS C    C N N 98  
CYS O    O N N 99  
CYS CB   C N N 100 
CYS SG   S N N 101 
CYS OXT  O N N 102 
CYS H    H N N 103 
CYS H2   H N N 104 
CYS HA   H N N 105 
CYS HB2  H N N 106 
CYS HB3  H N N 107 
CYS HG   H N N 108 
CYS HXT  H N N 109 
GLN N    N N N 110 
GLN CA   C N S 111 
GLN C    C N N 112 
GLN O    O N N 113 
GLN CB   C N N 114 
GLN CG   C N N 115 
GLN CD   C N N 116 
GLN OE1  O N N 117 
GLN NE2  N N N 118 
GLN OXT  O N N 119 
GLN H    H N N 120 
GLN H2   H N N 121 
GLN HA   H N N 122 
GLN HB2  H N N 123 
GLN HB3  H N N 124 
GLN HG2  H N N 125 
GLN HG3  H N N 126 
GLN HE21 H N N 127 
GLN HE22 H N N 128 
GLN HXT  H N N 129 
GLU N    N N N 130 
GLU CA   C N S 131 
GLU C    C N N 132 
GLU O    O N N 133 
GLU CB   C N N 134 
GLU CG   C N N 135 
GLU CD   C N N 136 
GLU OE1  O N N 137 
GLU OE2  O N N 138 
GLU OXT  O N N 139 
GLU H    H N N 140 
GLU H2   H N N 141 
GLU HA   H N N 142 
GLU HB2  H N N 143 
GLU HB3  H N N 144 
GLU HG2  H N N 145 
GLU HG3  H N N 146 
GLU HE2  H N N 147 
GLU HXT  H N N 148 
GLY N    N N N 149 
GLY CA   C N N 150 
GLY C    C N N 151 
GLY O    O N N 152 
GLY OXT  O N N 153 
GLY H    H N N 154 
GLY H2   H N N 155 
GLY HA2  H N N 156 
GLY HA3  H N N 157 
GLY HXT  H N N 158 
HIS N    N N N 159 
HIS CA   C N S 160 
HIS C    C N N 161 
HIS O    O N N 162 
HIS CB   C N N 163 
HIS CG   C Y N 164 
HIS ND1  N Y N 165 
HIS CD2  C Y N 166 
HIS CE1  C Y N 167 
HIS NE2  N Y N 168 
HIS OXT  O N N 169 
HIS H    H N N 170 
HIS H2   H N N 171 
HIS HA   H N N 172 
HIS HB2  H N N 173 
HIS HB3  H N N 174 
HIS HD1  H N N 175 
HIS HD2  H N N 176 
HIS HE1  H N N 177 
HIS HE2  H N N 178 
HIS HXT  H N N 179 
HOH O    O N N 180 
HOH H1   H N N 181 
HOH H2   H N N 182 
ILE N    N N N 183 
ILE CA   C N S 184 
ILE C    C N N 185 
ILE O    O N N 186 
ILE CB   C N S 187 
ILE CG1  C N N 188 
ILE CG2  C N N 189 
ILE CD1  C N N 190 
ILE OXT  O N N 191 
ILE H    H N N 192 
ILE H2   H N N 193 
ILE HA   H N N 194 
ILE HB   H N N 195 
ILE HG12 H N N 196 
ILE HG13 H N N 197 
ILE HG21 H N N 198 
ILE HG22 H N N 199 
ILE HG23 H N N 200 
ILE HD11 H N N 201 
ILE HD12 H N N 202 
ILE HD13 H N N 203 
ILE HXT  H N N 204 
LEU N    N N N 205 
LEU CA   C N S 206 
LEU C    C N N 207 
LEU O    O N N 208 
LEU CB   C N N 209 
LEU CG   C N N 210 
LEU CD1  C N N 211 
LEU CD2  C N N 212 
LEU OXT  O N N 213 
LEU H    H N N 214 
LEU H2   H N N 215 
LEU HA   H N N 216 
LEU HB2  H N N 217 
LEU HB3  H N N 218 
LEU HG   H N N 219 
LEU HD11 H N N 220 
LEU HD12 H N N 221 
LEU HD13 H N N 222 
LEU HD21 H N N 223 
LEU HD22 H N N 224 
LEU HD23 H N N 225 
LEU HXT  H N N 226 
LYS N    N N N 227 
LYS CA   C N S 228 
LYS C    C N N 229 
LYS O    O N N 230 
LYS CB   C N N 231 
LYS CG   C N N 232 
LYS CD   C N N 233 
LYS CE   C N N 234 
LYS NZ   N N N 235 
LYS OXT  O N N 236 
LYS H    H N N 237 
LYS H2   H N N 238 
LYS HA   H N N 239 
LYS HB2  H N N 240 
LYS HB3  H N N 241 
LYS HG2  H N N 242 
LYS HG3  H N N 243 
LYS HD2  H N N 244 
LYS HD3  H N N 245 
LYS HE2  H N N 246 
LYS HE3  H N N 247 
LYS HZ1  H N N 248 
LYS HZ2  H N N 249 
LYS HZ3  H N N 250 
LYS HXT  H N N 251 
MET N    N N N 252 
MET CA   C N S 253 
MET C    C N N 254 
MET O    O N N 255 
MET CB   C N N 256 
MET CG   C N N 257 
MET SD   S N N 258 
MET CE   C N N 259 
MET OXT  O N N 260 
MET H    H N N 261 
MET H2   H N N 262 
MET HA   H N N 263 
MET HB2  H N N 264 
MET HB3  H N N 265 
MET HG2  H N N 266 
MET HG3  H N N 267 
MET HE1  H N N 268 
MET HE2  H N N 269 
MET HE3  H N N 270 
MET HXT  H N N 271 
PHE N    N N N 272 
PHE CA   C N S 273 
PHE C    C N N 274 
PHE O    O N N 275 
PHE CB   C N N 276 
PHE CG   C Y N 277 
PHE CD1  C Y N 278 
PHE CD2  C Y N 279 
PHE CE1  C Y N 280 
PHE CE2  C Y N 281 
PHE CZ   C Y N 282 
PHE OXT  O N N 283 
PHE H    H N N 284 
PHE H2   H N N 285 
PHE HA   H N N 286 
PHE HB2  H N N 287 
PHE HB3  H N N 288 
PHE HD1  H N N 289 
PHE HD2  H N N 290 
PHE HE1  H N N 291 
PHE HE2  H N N 292 
PHE HZ   H N N 293 
PHE HXT  H N N 294 
PLM C1   C N N 295 
PLM O1   O N N 296 
PLM O2   O N N 297 
PLM C2   C N N 298 
PLM C3   C N N 299 
PLM C4   C N N 300 
PLM C5   C N N 301 
PLM C6   C N N 302 
PLM C7   C N N 303 
PLM C8   C N N 304 
PLM C9   C N N 305 
PLM CA   C N N 306 
PLM CB   C N N 307 
PLM CC   C N N 308 
PLM CD   C N N 309 
PLM CE   C N N 310 
PLM CF   C N N 311 
PLM CG   C N N 312 
PLM H    H N N 313 
PLM H21  H N N 314 
PLM H22  H N N 315 
PLM H31  H N N 316 
PLM H32  H N N 317 
PLM H41  H N N 318 
PLM H42  H N N 319 
PLM H51  H N N 320 
PLM H52  H N N 321 
PLM H61  H N N 322 
PLM H62  H N N 323 
PLM H71  H N N 324 
PLM H72  H N N 325 
PLM H81  H N N 326 
PLM H82  H N N 327 
PLM H91  H N N 328 
PLM H92  H N N 329 
PLM HA1  H N N 330 
PLM HA2  H N N 331 
PLM HB1  H N N 332 
PLM HB2  H N N 333 
PLM HC1  H N N 334 
PLM HC2  H N N 335 
PLM HD1  H N N 336 
PLM HD2  H N N 337 
PLM HE1  H N N 338 
PLM HE2  H N N 339 
PLM HF1  H N N 340 
PLM HF2  H N N 341 
PLM HG1  H N N 342 
PLM HG2  H N N 343 
PLM HG3  H N N 344 
PRO N    N N N 345 
PRO CA   C N S 346 
PRO C    C N N 347 
PRO O    O N N 348 
PRO CB   C N N 349 
PRO CG   C N N 350 
PRO CD   C N N 351 
PRO OXT  O N N 352 
PRO H    H N N 353 
PRO HA   H N N 354 
PRO HB2  H N N 355 
PRO HB3  H N N 356 
PRO HG2  H N N 357 
PRO HG3  H N N 358 
PRO HD2  H N N 359 
PRO HD3  H N N 360 
PRO HXT  H N N 361 
SER N    N N N 362 
SER CA   C N S 363 
SER C    C N N 364 
SER O    O N N 365 
SER CB   C N N 366 
SER OG   O N N 367 
SER OXT  O N N 368 
SER H    H N N 369 
SER H2   H N N 370 
SER HA   H N N 371 
SER HB2  H N N 372 
SER HB3  H N N 373 
SER HG   H N N 374 
SER HXT  H N N 375 
THR N    N N N 376 
THR CA   C N S 377 
THR C    C N N 378 
THR O    O N N 379 
THR CB   C N R 380 
THR OG1  O N N 381 
THR CG2  C N N 382 
THR OXT  O N N 383 
THR H    H N N 384 
THR H2   H N N 385 
THR HA   H N N 386 
THR HB   H N N 387 
THR HG1  H N N 388 
THR HG21 H N N 389 
THR HG22 H N N 390 
THR HG23 H N N 391 
THR HXT  H N N 392 
TRP N    N N N 393 
TRP CA   C N S 394 
TRP C    C N N 395 
TRP O    O N N 396 
TRP CB   C N N 397 
TRP CG   C Y N 398 
TRP CD1  C Y N 399 
TRP CD2  C Y N 400 
TRP NE1  N Y N 401 
TRP CE2  C Y N 402 
TRP CE3  C Y N 403 
TRP CZ2  C Y N 404 
TRP CZ3  C Y N 405 
TRP CH2  C Y N 406 
TRP OXT  O N N 407 
TRP H    H N N 408 
TRP H2   H N N 409 
TRP HA   H N N 410 
TRP HB2  H N N 411 
TRP HB3  H N N 412 
TRP HD1  H N N 413 
TRP HE1  H N N 414 
TRP HE3  H N N 415 
TRP HZ2  H N N 416 
TRP HZ3  H N N 417 
TRP HH2  H N N 418 
TRP HXT  H N N 419 
TYR N    N N N 420 
TYR CA   C N S 421 
TYR C    C N N 422 
TYR O    O N N 423 
TYR CB   C N N 424 
TYR CG   C Y N 425 
TYR CD1  C Y N 426 
TYR CD2  C Y N 427 
TYR CE1  C Y N 428 
TYR CE2  C Y N 429 
TYR CZ   C Y N 430 
TYR OH   O N N 431 
TYR OXT  O N N 432 
TYR H    H N N 433 
TYR H2   H N N 434 
TYR HA   H N N 435 
TYR HB2  H N N 436 
TYR HB3  H N N 437 
TYR HD1  H N N 438 
TYR HD2  H N N 439 
TYR HE1  H N N 440 
TYR HE2  H N N 441 
TYR HH   H N N 442 
TYR HXT  H N N 443 
VAL N    N N N 444 
VAL CA   C N S 445 
VAL C    C N N 446 
VAL O    O N N 447 
VAL CB   C N N 448 
VAL CG1  C N N 449 
VAL CG2  C N N 450 
VAL OXT  O N N 451 
VAL H    H N N 452 
VAL H2   H N N 453 
VAL HA   H N N 454 
VAL HB   H N N 455 
VAL HG11 H N N 456 
VAL HG12 H N N 457 
VAL HG13 H N N 458 
VAL HG21 H N N 459 
VAL HG22 H N N 460 
VAL HG23 H N N 461 
VAL HXT  H N N 462 
# 
loop_
_chem_comp_bond.comp_id 
_chem_comp_bond.atom_id_1 
_chem_comp_bond.atom_id_2 
_chem_comp_bond.value_order 
_chem_comp_bond.pdbx_aromatic_flag 
_chem_comp_bond.pdbx_stereo_config 
_chem_comp_bond.pdbx_ordinal 
ACE C   O    doub N N 1   
ACE C   CH3  sing N N 2   
ACE C   H    sing N N 3   
ACE CH3 H1   sing N N 4   
ACE CH3 H2   sing N N 5   
ACE CH3 H3   sing N N 6   
ALA N   CA   sing N N 7   
ALA N   H    sing N N 8   
ALA N   H2   sing N N 9   
ALA CA  C    sing N N 10  
ALA CA  CB   sing N N 11  
ALA CA  HA   sing N N 12  
ALA C   O    doub N N 13  
ALA C   OXT  sing N N 14  
ALA CB  HB1  sing N N 15  
ALA CB  HB2  sing N N 16  
ALA CB  HB3  sing N N 17  
ALA OXT HXT  sing N N 18  
ARG N   CA   sing N N 19  
ARG N   H    sing N N 20  
ARG N   H2   sing N N 21  
ARG CA  C    sing N N 22  
ARG CA  CB   sing N N 23  
ARG CA  HA   sing N N 24  
ARG C   O    doub N N 25  
ARG C   OXT  sing N N 26  
ARG CB  CG   sing N N 27  
ARG CB  HB2  sing N N 28  
ARG CB  HB3  sing N N 29  
ARG CG  CD   sing N N 30  
ARG CG  HG2  sing N N 31  
ARG CG  HG3  sing N N 32  
ARG CD  NE   sing N N 33  
ARG CD  HD2  sing N N 34  
ARG CD  HD3  sing N N 35  
ARG NE  CZ   sing N N 36  
ARG NE  HE   sing N N 37  
ARG CZ  NH1  sing N N 38  
ARG CZ  NH2  doub N N 39  
ARG NH1 HH11 sing N N 40  
ARG NH1 HH12 sing N N 41  
ARG NH2 HH21 sing N N 42  
ARG NH2 HH22 sing N N 43  
ARG OXT HXT  sing N N 44  
ASN N   CA   sing N N 45  
ASN N   H    sing N N 46  
ASN N   H2   sing N N 47  
ASN CA  C    sing N N 48  
ASN CA  CB   sing N N 49  
ASN CA  HA   sing N N 50  
ASN C   O    doub N N 51  
ASN C   OXT  sing N N 52  
ASN CB  CG   sing N N 53  
ASN CB  HB2  sing N N 54  
ASN CB  HB3  sing N N 55  
ASN CG  OD1  doub N N 56  
ASN CG  ND2  sing N N 57  
ASN ND2 HD21 sing N N 58  
ASN ND2 HD22 sing N N 59  
ASN OXT HXT  sing N N 60  
ASP N   CA   sing N N 61  
ASP N   H    sing N N 62  
ASP N   H2   sing N N 63  
ASP CA  C    sing N N 64  
ASP CA  CB   sing N N 65  
ASP CA  HA   sing N N 66  
ASP C   O    doub N N 67  
ASP C   OXT  sing N N 68  
ASP CB  CG   sing N N 69  
ASP CB  HB2  sing N N 70  
ASP CB  HB3  sing N N 71  
ASP CG  OD1  doub N N 72  
ASP CG  OD2  sing N N 73  
ASP OD2 HD2  sing N N 74  
ASP OXT HXT  sing N N 75  
CSO N   CA   sing N N 76  
CSO N   H    sing N N 77  
CSO N   H2   sing N N 78  
CSO CA  CB   sing N N 79  
CSO CA  C    sing N N 80  
CSO CA  HA   sing N N 81  
CSO CB  SG   sing N N 82  
CSO CB  HB2  sing N N 83  
CSO CB  HB3  sing N N 84  
CSO SG  OD   sing N N 85  
CSO C   O    doub N N 86  
CSO C   OXT  sing N N 87  
CSO OXT HXT  sing N N 88  
CSO OD  HD   sing N N 89  
CYS N   CA   sing N N 90  
CYS N   H    sing N N 91  
CYS N   H2   sing N N 92  
CYS CA  C    sing N N 93  
CYS CA  CB   sing N N 94  
CYS CA  HA   sing N N 95  
CYS C   O    doub N N 96  
CYS C   OXT  sing N N 97  
CYS CB  SG   sing N N 98  
CYS CB  HB2  sing N N 99  
CYS CB  HB3  sing N N 100 
CYS SG  HG   sing N N 101 
CYS OXT HXT  sing N N 102 
GLN N   CA   sing N N 103 
GLN N   H    sing N N 104 
GLN N   H2   sing N N 105 
GLN CA  C    sing N N 106 
GLN CA  CB   sing N N 107 
GLN CA  HA   sing N N 108 
GLN C   O    doub N N 109 
GLN C   OXT  sing N N 110 
GLN CB  CG   sing N N 111 
GLN CB  HB2  sing N N 112 
GLN CB  HB3  sing N N 113 
GLN CG  CD   sing N N 114 
GLN CG  HG2  sing N N 115 
GLN CG  HG3  sing N N 116 
GLN CD  OE1  doub N N 117 
GLN CD  NE2  sing N N 118 
GLN NE2 HE21 sing N N 119 
GLN NE2 HE22 sing N N 120 
GLN OXT HXT  sing N N 121 
GLU N   CA   sing N N 122 
GLU N   H    sing N N 123 
GLU N   H2   sing N N 124 
GLU CA  C    sing N N 125 
GLU CA  CB   sing N N 126 
GLU CA  HA   sing N N 127 
GLU C   O    doub N N 128 
GLU C   OXT  sing N N 129 
GLU CB  CG   sing N N 130 
GLU CB  HB2  sing N N 131 
GLU CB  HB3  sing N N 132 
GLU CG  CD   sing N N 133 
GLU CG  HG2  sing N N 134 
GLU CG  HG3  sing N N 135 
GLU CD  OE1  doub N N 136 
GLU CD  OE2  sing N N 137 
GLU OE2 HE2  sing N N 138 
GLU OXT HXT  sing N N 139 
GLY N   CA   sing N N 140 
GLY N   H    sing N N 141 
GLY N   H2   sing N N 142 
GLY CA  C    sing N N 143 
GLY CA  HA2  sing N N 144 
GLY CA  HA3  sing N N 145 
GLY C   O    doub N N 146 
GLY C   OXT  sing N N 147 
GLY OXT HXT  sing N N 148 
HIS N   CA   sing N N 149 
HIS N   H    sing N N 150 
HIS N   H2   sing N N 151 
HIS CA  C    sing N N 152 
HIS CA  CB   sing N N 153 
HIS CA  HA   sing N N 154 
HIS C   O    doub N N 155 
HIS C   OXT  sing N N 156 
HIS CB  CG   sing N N 157 
HIS CB  HB2  sing N N 158 
HIS CB  HB3  sing N N 159 
HIS CG  ND1  sing Y N 160 
HIS CG  CD2  doub Y N 161 
HIS ND1 CE1  doub Y N 162 
HIS ND1 HD1  sing N N 163 
HIS CD2 NE2  sing Y N 164 
HIS CD2 HD2  sing N N 165 
HIS CE1 NE2  sing Y N 166 
HIS CE1 HE1  sing N N 167 
HIS NE2 HE2  sing N N 168 
HIS OXT HXT  sing N N 169 
HOH O   H1   sing N N 170 
HOH O   H2   sing N N 171 
ILE N   CA   sing N N 172 
ILE N   H    sing N N 173 
ILE N   H2   sing N N 174 
ILE CA  C    sing N N 175 
ILE CA  CB   sing N N 176 
ILE CA  HA   sing N N 177 
ILE C   O    doub N N 178 
ILE C   OXT  sing N N 179 
ILE CB  CG1  sing N N 180 
ILE CB  CG2  sing N N 181 
ILE CB  HB   sing N N 182 
ILE CG1 CD1  sing N N 183 
ILE CG1 HG12 sing N N 184 
ILE CG1 HG13 sing N N 185 
ILE CG2 HG21 sing N N 186 
ILE CG2 HG22 sing N N 187 
ILE CG2 HG23 sing N N 188 
ILE CD1 HD11 sing N N 189 
ILE CD1 HD12 sing N N 190 
ILE CD1 HD13 sing N N 191 
ILE OXT HXT  sing N N 192 
LEU N   CA   sing N N 193 
LEU N   H    sing N N 194 
LEU N   H2   sing N N 195 
LEU CA  C    sing N N 196 
LEU CA  CB   sing N N 197 
LEU CA  HA   sing N N 198 
LEU C   O    doub N N 199 
LEU C   OXT  sing N N 200 
LEU CB  CG   sing N N 201 
LEU CB  HB2  sing N N 202 
LEU CB  HB3  sing N N 203 
LEU CG  CD1  sing N N 204 
LEU CG  CD2  sing N N 205 
LEU CG  HG   sing N N 206 
LEU CD1 HD11 sing N N 207 
LEU CD1 HD12 sing N N 208 
LEU CD1 HD13 sing N N 209 
LEU CD2 HD21 sing N N 210 
LEU CD2 HD22 sing N N 211 
LEU CD2 HD23 sing N N 212 
LEU OXT HXT  sing N N 213 
LYS N   CA   sing N N 214 
LYS N   H    sing N N 215 
LYS N   H2   sing N N 216 
LYS CA  C    sing N N 217 
LYS CA  CB   sing N N 218 
LYS CA  HA   sing N N 219 
LYS C   O    doub N N 220 
LYS C   OXT  sing N N 221 
LYS CB  CG   sing N N 222 
LYS CB  HB2  sing N N 223 
LYS CB  HB3  sing N N 224 
LYS CG  CD   sing N N 225 
LYS CG  HG2  sing N N 226 
LYS CG  HG3  sing N N 227 
LYS CD  CE   sing N N 228 
LYS CD  HD2  sing N N 229 
LYS CD  HD3  sing N N 230 
LYS CE  NZ   sing N N 231 
LYS CE  HE2  sing N N 232 
LYS CE  HE3  sing N N 233 
LYS NZ  HZ1  sing N N 234 
LYS NZ  HZ2  sing N N 235 
LYS NZ  HZ3  sing N N 236 
LYS OXT HXT  sing N N 237 
MET N   CA   sing N N 238 
MET N   H    sing N N 239 
MET N   H2   sing N N 240 
MET CA  C    sing N N 241 
MET CA  CB   sing N N 242 
MET CA  HA   sing N N 243 
MET C   O    doub N N 244 
MET C   OXT  sing N N 245 
MET CB  CG   sing N N 246 
MET CB  HB2  sing N N 247 
MET CB  HB3  sing N N 248 
MET CG  SD   sing N N 249 
MET CG  HG2  sing N N 250 
MET CG  HG3  sing N N 251 
MET SD  CE   sing N N 252 
MET CE  HE1  sing N N 253 
MET CE  HE2  sing N N 254 
MET CE  HE3  sing N N 255 
MET OXT HXT  sing N N 256 
PHE N   CA   sing N N 257 
PHE N   H    sing N N 258 
PHE N   H2   sing N N 259 
PHE CA  C    sing N N 260 
PHE CA  CB   sing N N 261 
PHE CA  HA   sing N N 262 
PHE C   O    doub N N 263 
PHE C   OXT  sing N N 264 
PHE CB  CG   sing N N 265 
PHE CB  HB2  sing N N 266 
PHE CB  HB3  sing N N 267 
PHE CG  CD1  doub Y N 268 
PHE CG  CD2  sing Y N 269 
PHE CD1 CE1  sing Y N 270 
PHE CD1 HD1  sing N N 271 
PHE CD2 CE2  doub Y N 272 
PHE CD2 HD2  sing N N 273 
PHE CE1 CZ   doub Y N 274 
PHE CE1 HE1  sing N N 275 
PHE CE2 CZ   sing Y N 276 
PHE CE2 HE2  sing N N 277 
PHE CZ  HZ   sing N N 278 
PHE OXT HXT  sing N N 279 
PLM C1  O1   sing N N 280 
PLM C1  O2   doub N N 281 
PLM C1  C2   sing N N 282 
PLM O1  H    sing N N 283 
PLM C2  C3   sing N N 284 
PLM C2  H21  sing N N 285 
PLM C2  H22  sing N N 286 
PLM C3  C4   sing N N 287 
PLM C3  H31  sing N N 288 
PLM C3  H32  sing N N 289 
PLM C4  C5   sing N N 290 
PLM C4  H41  sing N N 291 
PLM C4  H42  sing N N 292 
PLM C5  C6   sing N N 293 
PLM C5  H51  sing N N 294 
PLM C5  H52  sing N N 295 
PLM C6  C7   sing N N 296 
PLM C6  H61  sing N N 297 
PLM C6  H62  sing N N 298 
PLM C7  C8   sing N N 299 
PLM C7  H71  sing N N 300 
PLM C7  H72  sing N N 301 
PLM C8  C9   sing N N 302 
PLM C8  H81  sing N N 303 
PLM C8  H82  sing N N 304 
PLM C9  CA   sing N N 305 
PLM C9  H91  sing N N 306 
PLM C9  H92  sing N N 307 
PLM CA  CB   sing N N 308 
PLM CA  HA1  sing N N 309 
PLM CA  HA2  sing N N 310 
PLM CB  CC   sing N N 311 
PLM CB  HB1  sing N N 312 
PLM CB  HB2  sing N N 313 
PLM CC  CD   sing N N 314 
PLM CC  HC1  sing N N 315 
PLM CC  HC2  sing N N 316 
PLM CD  CE   sing N N 317 
PLM CD  HD1  sing N N 318 
PLM CD  HD2  sing N N 319 
PLM CE  CF   sing N N 320 
PLM CE  HE1  sing N N 321 
PLM CE  HE2  sing N N 322 
PLM CF  CG   sing N N 323 
PLM CF  HF1  sing N N 324 
PLM CF  HF2  sing N N 325 
PLM CG  HG1  sing N N 326 
PLM CG  HG2  sing N N 327 
PLM CG  HG3  sing N N 328 
PRO N   CA   sing N N 329 
PRO N   CD   sing N N 330 
PRO N   H    sing N N 331 
PRO CA  C    sing N N 332 
PRO CA  CB   sing N N 333 
PRO CA  HA   sing N N 334 
PRO C   O    doub N N 335 
PRO C   OXT  sing N N 336 
PRO CB  CG   sing N N 337 
PRO CB  HB2  sing N N 338 
PRO CB  HB3  sing N N 339 
PRO CG  CD   sing N N 340 
PRO CG  HG2  sing N N 341 
PRO CG  HG3  sing N N 342 
PRO CD  HD2  sing N N 343 
PRO CD  HD3  sing N N 344 
PRO OXT HXT  sing N N 345 
SER N   CA   sing N N 346 
SER N   H    sing N N 347 
SER N   H2   sing N N 348 
SER CA  C    sing N N 349 
SER CA  CB   sing N N 350 
SER CA  HA   sing N N 351 
SER C   O    doub N N 352 
SER C   OXT  sing N N 353 
SER CB  OG   sing N N 354 
SER CB  HB2  sing N N 355 
SER CB  HB3  sing N N 356 
SER OG  HG   sing N N 357 
SER OXT HXT  sing N N 358 
THR N   CA   sing N N 359 
THR N   H    sing N N 360 
THR N   H2   sing N N 361 
THR CA  C    sing N N 362 
THR CA  CB   sing N N 363 
THR CA  HA   sing N N 364 
THR C   O    doub N N 365 
THR C   OXT  sing N N 366 
THR CB  OG1  sing N N 367 
THR CB  CG2  sing N N 368 
THR CB  HB   sing N N 369 
THR OG1 HG1  sing N N 370 
THR CG2 HG21 sing N N 371 
THR CG2 HG22 sing N N 372 
THR CG2 HG23 sing N N 373 
THR OXT HXT  sing N N 374 
TRP N   CA   sing N N 375 
TRP N   H    sing N N 376 
TRP N   H2   sing N N 377 
TRP CA  C    sing N N 378 
TRP CA  CB   sing N N 379 
TRP CA  HA   sing N N 380 
TRP C   O    doub N N 381 
TRP C   OXT  sing N N 382 
TRP CB  CG   sing N N 383 
TRP CB  HB2  sing N N 384 
TRP CB  HB3  sing N N 385 
TRP CG  CD1  doub Y N 386 
TRP CG  CD2  sing Y N 387 
TRP CD1 NE1  sing Y N 388 
TRP CD1 HD1  sing N N 389 
TRP CD2 CE2  doub Y N 390 
TRP CD2 CE3  sing Y N 391 
TRP NE1 CE2  sing Y N 392 
TRP NE1 HE1  sing N N 393 
TRP CE2 CZ2  sing Y N 394 
TRP CE3 CZ3  doub Y N 395 
TRP CE3 HE3  sing N N 396 
TRP CZ2 CH2  doub Y N 397 
TRP CZ2 HZ2  sing N N 398 
TRP CZ3 CH2  sing Y N 399 
TRP CZ3 HZ3  sing N N 400 
TRP CH2 HH2  sing N N 401 
TRP OXT HXT  sing N N 402 
TYR N   CA   sing N N 403 
TYR N   H    sing N N 404 
TYR N   H2   sing N N 405 
TYR CA  C    sing N N 406 
TYR CA  CB   sing N N 407 
TYR CA  HA   sing N N 408 
TYR C   O    doub N N 409 
TYR C   OXT  sing N N 410 
TYR CB  CG   sing N N 411 
TYR CB  HB2  sing N N 412 
TYR CB  HB3  sing N N 413 
TYR CG  CD1  doub Y N 414 
TYR CG  CD2  sing Y N 415 
TYR CD1 CE1  sing Y N 416 
TYR CD1 HD1  sing N N 417 
TYR CD2 CE2  doub Y N 418 
TYR CD2 HD2  sing N N 419 
TYR CE1 CZ   doub Y N 420 
TYR CE1 HE1  sing N N 421 
TYR CE2 CZ   sing Y N 422 
TYR CE2 HE2  sing N N 423 
TYR CZ  OH   sing N N 424 
TYR OH  HH   sing N N 425 
TYR OXT HXT  sing N N 426 
VAL N   CA   sing N N 427 
VAL N   H    sing N N 428 
VAL N   H2   sing N N 429 
VAL CA  C    sing N N 430 
VAL CA  CB   sing N N 431 
VAL CA  HA   sing N N 432 
VAL C   O    doub N N 433 
VAL C   OXT  sing N N 434 
VAL CB  CG1  sing N N 435 
VAL CB  CG2  sing N N 436 
VAL CB  HB   sing N N 437 
VAL CG1 HG11 sing N N 438 
VAL CG1 HG12 sing N N 439 
VAL CG1 HG13 sing N N 440 
VAL CG2 HG21 sing N N 441 
VAL CG2 HG22 sing N N 442 
VAL CG2 HG23 sing N N 443 
VAL OXT HXT  sing N N 444 
# 
_pdbx_initial_refinement_model.id               1 
_pdbx_initial_refinement_model.entity_id_list   ? 
_pdbx_initial_refinement_model.type             'experimental model' 
_pdbx_initial_refinement_model.source_name      PDB 
_pdbx_initial_refinement_model.accession_code   1PMP 
_pdbx_initial_refinement_model.details          'PDB ENTRY 1PMP CHAIN A' 
# 
_atom_sites.entry_id                    1O8V 
_atom_sites.fract_transf_matrix[1][1]   -0.00569806 
_atom_sites.fract_transf_matrix[1][2]   -0.00539631 
_atom_sites.fract_transf_matrix[1][3]   -0.03452007 
_atom_sites.fract_transf_matrix[2][1]   -0.01678614 
_atom_sites.fract_transf_matrix[2][2]   -0.00607996 
_atom_sites.fract_transf_matrix[2][3]   0.00372125 
_atom_sites.fract_transf_matrix[3][1]   -0.00996498 
_atom_sites.fract_transf_matrix[3][2]   0.02332735 
_atom_sites.fract_transf_matrix[3][3]   -0.00683756 
_atom_sites.fract_transf_vector[1]      0.218779 
_atom_sites.fract_transf_vector[2]      -0.000426 
_atom_sites.fract_transf_vector[3]      0.254005 
# 
loop_
_atom_type.symbol 
C 
N 
O 
S 
# 
loop_
_atom_site.group_PDB 
_atom_site.id 
_atom_site.type_symbol 
_atom_site.label_atom_id 
_atom_site.label_alt_id 
_atom_site.label_comp_id 
_atom_site.label_asym_id 
_atom_site.label_entity_id 
_atom_site.label_seq_id 
_atom_site.pdbx_PDB_ins_code 
_atom_site.Cartn_x 
_atom_site.Cartn_y 
_atom_site.Cartn_z 
_atom_site.occupancy 
_atom_site.B_iso_or_equiv 
_atom_site.pdbx_formal_charge 
_atom_site.auth_seq_id 
_atom_site.auth_comp_id 
_atom_site.auth_asym_id 
_atom_site.auth_atom_id 
_atom_site.pdbx_PDB_model_num 
HETATM 1    C C   . ACE A 1 1   ? -15.363 -0.861  2.079   1.00 19.08 ? 0    ACE A C   1 
HETATM 2    O O   . ACE A 1 1   ? -14.958 0.317   2.250   1.00 20.62 ? 0    ACE A O   1 
HETATM 3    C CH3 . ACE A 1 1   ? -16.544 -1.355  2.842   1.00 20.22 ? 0    ACE A CH3 1 
ATOM   4    N N   . MET A 1 2   ? -15.101 -1.622  1.000   1.00 17.77 ? 1    MET A N   1 
ATOM   5    C CA  . MET A 1 2   ? -14.149 -1.221  -0.030  1.00 16.51 ? 1    MET A CA  1 
ATOM   6    C C   . MET A 1 2   ? -14.661 -0.051  -0.830  1.00 16.41 ? 1    MET A C   1 
ATOM   7    O O   . MET A 1 2   ? -13.885 0.617   -1.486  1.00 15.38 ? 1    MET A O   1 
ATOM   8    C CB  . MET A 1 2   ? -13.845 -2.363  -1.012  1.00 16.52 ? 1    MET A CB  1 
ATOM   9    C CG  . MET A 1 2   ? -12.831 -3.373  -0.523  1.00 16.48 ? 1    MET A CG  1 
ATOM   10   S SD  . MET A 1 2   ? -11.218 -2.684  -0.208  1.00 14.29 ? 1    MET A SD  1 
ATOM   11   C CE  . MET A 1 2   ? -10.589 -2.420  -1.908  1.00 18.51 ? 1    MET A CE  1 
ATOM   12   N N   . GLU A 1 3   ? -15.965 0.205   -0.780  1.00 16.61 ? 2    GLU A N   1 
ATOM   13   C CA  . GLU A 1 3   ? -16.553 1.249   -1.619  1.00 16.90 ? 2    GLU A CA  1 
ATOM   14   C C   . GLU A 1 3   ? -15.922 2.622   -1.368  1.00 15.58 ? 2    GLU A C   1 
ATOM   15   O O   . GLU A 1 3   ? -15.750 3.395   -2.313  1.00 14.41 ? 2    GLU A O   1 
ATOM   16   C CB  . GLU A 1 3   ? -18.078 1.336   -1.436  1.00 17.62 ? 2    GLU A CB  1 
ATOM   17   C CG  . GLU A 1 3   ? -18.854 0.184   -2.059  1.00 22.29 ? 2    GLU A CG  1 
ATOM   18   C CD  . GLU A 1 3   ? -18.452 -1.185  -1.524  1.00 27.76 ? 2    GLU A CD  1 
ATOM   19   O OE1 . GLU A 1 3   ? -18.461 -1.375  -0.279  1.00 30.37 ? 2    GLU A OE1 1 
ATOM   20   O OE2 . GLU A 1 3   ? -18.092 -2.069  -2.345  1.00 32.64 ? 2    GLU A OE2 1 
ATOM   21   N N   . ALA A 1 4   ? -15.552 2.926   -0.122  1.00 15.74 ? 3    ALA A N   1 
ATOM   22   C CA  . ALA A 1 4   ? -14.979 4.227   0.224   1.00 14.97 ? 3    ALA A CA  1 
ATOM   23   C C   . ALA A 1 4   ? -13.624 4.481   -0.443  1.00 14.86 ? 3    ALA A C   1 
ATOM   24   O O   . ALA A 1 4   ? -13.228 5.627   -0.650  1.00 15.43 ? 3    ALA A O   1 
ATOM   25   C CB  . ALA A 1 4   ? -14.855 4.360   1.745   1.00 15.82 ? 3    ALA A CB  1 
ATOM   26   N N   . PHE A 1 5   ? -12.941 3.399   -0.795  1.00 14.01 ? 4    PHE A N   1 
ATOM   27   C CA  . PHE A 1 5   ? -11.600 3.470   -1.337  1.00 12.94 ? 4    PHE A CA  1 
ATOM   28   C C   . PHE A 1 5   ? -11.554 3.507   -2.862  1.00 13.18 ? 4    PHE A C   1 
ATOM   29   O O   . PHE A 1 5   ? -10.494 3.778   -3.434  1.00 12.54 ? 4    PHE A O   1 
ATOM   30   C CB  . PHE A 1 5   ? -10.808 2.264   -0.813  1.00 12.69 ? 4    PHE A CB  1 
ATOM   31   C CG  . PHE A 1 5   ? -10.692 2.244   0.662   1.00 12.24 ? 4    PHE A CG  1 
ATOM   32   C CD1 . PHE A 1 5   ? -9.725  3.005   1.297   1.00 10.98 ? 4    PHE A CD1 1 
ATOM   33   C CD2 . PHE A 1 5   ? -11.581 1.509   1.441   1.00 12.09 ? 4    PHE A CD2 1 
ATOM   34   C CE1 . PHE A 1 5   ? -9.623  3.018   2.666   1.00 11.48 ? 4    PHE A CE1 1 
ATOM   35   C CE2 . PHE A 1 5   ? -11.485 1.531   2.813   1.00 12.71 ? 4    PHE A CE2 1 
ATOM   36   C CZ  . PHE A 1 5   ? -10.512 2.278   3.428   1.00 11.82 ? 4    PHE A CZ  1 
ATOM   37   N N   . LEU A 1 6   ? -12.677 3.250   -3.529  1.00 12.46 ? 5    LEU A N   1 
ATOM   38   C CA  . LEU A 1 6   ? -12.713 3.181   -4.980  1.00 12.78 ? 5    LEU A CA  1 
ATOM   39   C C   . LEU A 1 6   ? -12.363 4.513   -5.634  1.00 12.88 ? 5    LEU A C   1 
ATOM   40   O O   . LEU A 1 6   ? -12.810 5.578   -5.191  1.00 13.84 ? 5    LEU A O   1 
ATOM   41   C CB  . LEU A 1 6   ? -14.086 2.684   -5.482  1.00 12.04 ? 5    LEU A CB  1 
ATOM   42   C CG  . LEU A 1 6   ? -14.463 1.273   -4.988  1.00 14.04 ? 5    LEU A CG  1 
ATOM   43   C CD1 . LEU A 1 6   ? -15.838 0.854   -5.531  1.00 14.10 ? 5    LEU A CD1 1 
ATOM   44   C CD2 . LEU A 1 6   ? -13.402 0.229   -5.346  1.00 14.83 ? 5    LEU A CD2 1 
ATOM   45   N N   . GLY A 1 7   ? -11.543 4.444   -6.680  1.00 12.09 ? 6    GLY A N   1 
ATOM   46   C CA  . GLY A 1 7   ? -11.179 5.613   -7.458  1.00 12.21 ? 6    GLY A CA  1 
ATOM   47   C C   . GLY A 1 7   ? -9.675  5.780   -7.577  1.00 12.23 ? 6    GLY A C   1 
ATOM   48   O O   . GLY A 1 7   ? -8.899  4.830   -7.356  1.00 12.18 ? 6    GLY A O   1 
ATOM   49   N N   . THR A 1 8   ? -9.272  6.982   -7.967  1.00 12.46 ? 7    THR A N   1 
ATOM   50   C CA  . THR A 1 8   ? -7.878  7.306   -8.205  1.00 12.28 ? 7    THR A CA  1 
ATOM   51   C C   . THR A 1 8   ? -7.424  8.311   -7.148  1.00 11.66 ? 7    THR A C   1 
ATOM   52   O O   . THR A 1 8   ? -8.125  9.284   -6.850  1.00 11.64 ? 7    THR A O   1 
ATOM   53   C CB  . THR A 1 8   ? -7.723  7.884   -9.608  1.00 12.11 ? 7    THR A CB  1 
ATOM   54   O OG1 . THR A 1 8   ? -8.066  6.876   -10.559 1.00 14.34 ? 7    THR A OG1 1 
ATOM   55   C CG2 . THR A 1 8   ? -6.240  8.228   -9.920  1.00 12.42 ? 7    THR A CG2 1 
ATOM   56   N N   . TRP A 1 9   ? -6.241  8.069   -6.589  1.00 10.74 ? 8    TRP A N   1 
ATOM   57   C CA  . TRP A 1 9   ? -5.678  8.853   -5.502  1.00 10.42 ? 8    TRP A CA  1 
ATOM   58   C C   . TRP A 1 9   ? -4.206  9.201   -5.781  1.00 11.39 ? 8    TRP A C   1 
ATOM   59   O O   . TRP A 1 9   ? -3.414  8.326   -6.147  1.00 13.45 ? 8    TRP A O   1 
ATOM   60   C CB  . TRP A 1 9   ? -5.709  8.030   -4.209  1.00 10.90 ? 8    TRP A CB  1 
ATOM   61   C CG  . TRP A 1 9   ? -7.054  7.489   -3.830  1.00 8.56  ? 8    TRP A CG  1 
ATOM   62   C CD1 . TRP A 1 9   ? -7.604  6.309   -4.220  1.00 9.40  ? 8    TRP A CD1 1 
ATOM   63   C CD2 . TRP A 1 9   ? -8.032  8.129   -2.994  1.00 9.61  ? 8    TRP A CD2 1 
ATOM   64   N NE1 . TRP A 1 9   ? -8.857  6.169   -3.668  1.00 9.92  ? 8    TRP A NE1 1 
ATOM   65   C CE2 . TRP A 1 9   ? -9.142  7.275   -2.920  1.00 10.14 ? 8    TRP A CE2 1 
ATOM   66   C CE3 . TRP A 1 9   ? -8.076  9.335   -2.304  1.00 10.30 ? 8    TRP A CE3 1 
ATOM   67   C CZ2 . TRP A 1 9   ? -10.283 7.576   -2.150  1.00 11.72 ? 8    TRP A CZ2 1 
ATOM   68   C CZ3 . TRP A 1 9   ? -9.216  9.655   -1.554  1.00 10.74 ? 8    TRP A CZ3 1 
ATOM   69   C CH2 . TRP A 1 9   ? -10.304 8.779   -1.486  1.00 11.07 ? 8    TRP A CH2 1 
ATOM   70   N N   . LYS A 1 10  ? -3.829  10.447  -5.538  1.00 11.46 ? 9    LYS A N   1 
ATOM   71   C CA  . LYS A 1 10  ? -2.479  10.938  -5.845  1.00 12.62 ? 9    LYS A CA  1 
ATOM   72   C C   . LYS A 1 10  ? -1.713  11.206  -4.553  1.00 11.98 ? 9    LYS A C   1 
ATOM   73   O O   . LYS A 1 10  ? -2.190  11.904  -3.681  1.00 11.37 ? 9    LYS A O   1 
ATOM   74   C CB  . LYS A 1 10  ? -2.544  12.224  -6.688  1.00 13.52 ? 9    LYS A CB  1 
ATOM   75   C CG  . LYS A 1 10  ? -1.203  12.912  -6.911  1.00 17.53 ? 9    LYS A CG  1 
ATOM   76   C CD  . LYS A 1 10  ? -0.190  11.965  -7.519  1.00 21.88 ? 9    LYS A CD  1 
ATOM   77   C CE  . LYS A 1 10  ? 1.218   12.533  -7.520  1.00 24.23 ? 9    LYS A CE  1 
ATOM   78   N NZ  . LYS A 1 10  ? 2.023   11.870  -8.570  1.00 24.81 ? 9    LYS A NZ  1 
ATOM   79   N N   . MET A 1 11  ? -0.510  10.662  -4.402  1.00 11.61 ? 10   MET A N   1 
ATOM   80   C CA  . MET A 1 11  ? 0.203   10.872  -3.136  1.00 11.56 ? 10   MET A CA  1 
ATOM   81   C C   . MET A 1 11  ? 0.729   12.298  -3.038  1.00 12.68 ? 10   MET A C   1 
ATOM   82   O O   . MET A 1 11  ? 1.394   12.797  -3.974  1.00 13.66 ? 10   MET A O   1 
ATOM   83   C CB  . MET A 1 11  ? 1.357   9.873   -2.943  1.00 12.05 ? 10   MET A CB  1 
ATOM   84   C CG  . MET A 1 11  ? 1.788   9.846   -1.474  1.00 12.68 ? 10   MET A CG  1 
ATOM   85   S SD  . MET A 1 11  ? 3.337   8.997   -1.178  1.00 16.67 ? 10   MET A SD  1 
ATOM   86   C CE  . MET A 1 11  ? 4.384   10.165  -1.686  1.00 16.95 ? 10   MET A CE  1 
ATOM   87   N N   . GLU A 1 12  ? 0.398   12.954  -1.933  1.00 12.65 ? 11   GLU A N   1 
ATOM   88   C CA  . GLU A 1 12  ? 0.782   14.338  -1.659  1.00 13.58 ? 11   GLU A CA  1 
ATOM   89   C C   . GLU A 1 12  ? 1.994   14.461  -0.753  1.00 13.46 ? 11   GLU A C   1 
ATOM   90   O O   . GLU A 1 12  ? 2.873   15.302  -0.993  1.00 13.41 ? 11   GLU A O   1 
ATOM   91   C CB  . GLU A 1 12  ? -0.412  15.069  -1.025  1.00 13.74 ? 11   GLU A CB  1 
ATOM   92   C CG  . GLU A 1 12  ? -1.626  15.167  -1.944  1.00 17.44 ? 11   GLU A CG  1 
ATOM   93   C CD  . GLU A 1 12  ? -1.490  16.250  -3.008  1.00 20.52 ? 11   GLU A CD  1 
ATOM   94   O OE1 . GLU A 1 12  ? -0.457  16.970  -3.022  1.00 21.30 ? 11   GLU A OE1 1 
ATOM   95   O OE2 . GLU A 1 12  ? -2.430  16.385  -3.817  1.00 23.26 ? 11   GLU A OE2 1 
ATOM   96   N N   . LYS A 1 13  ? 2.029   13.664  0.312   1.00 13.34 ? 12   LYS A N   1 
ATOM   97   C CA  . LYS A 1 13  ? 3.136   13.686  1.254   1.00 13.41 ? 12   LYS A CA  1 
ATOM   98   C C   . LYS A 1 13  ? 3.379   12.290  1.810   1.00 12.08 ? 12   LYS A C   1 
ATOM   99   O O   . LYS A 1 13  ? 2.494   11.432  1.795   1.00 11.66 ? 12   LYS A O   1 
ATOM   100  C CB  . LYS A 1 13  ? 2.900   14.681  2.405   1.00 14.88 ? 12   LYS A CB  1 
ATOM   101  C CG  . LYS A 1 13  ? 1.529   14.722  2.908   1.00 17.14 ? 12   LYS A CG  1 
ATOM   102  C CD  . LYS A 1 13  ? 1.260   15.925  3.806   1.00 21.47 ? 12   LYS A CD  1 
ATOM   103  C CE  . LYS A 1 13  ? -0.045  15.724  4.565   1.00 22.89 ? 12   LYS A CE  1 
ATOM   104  N NZ  . LYS A 1 13  ? -0.292  16.813  5.561   1.00 25.13 ? 12   LYS A NZ  1 
ATOM   105  N N   . SER A 1 14  ? 4.585   12.112  2.305   1.00 11.13 ? 13   SER A N   1 
ATOM   106  C CA  . SER A 1 14  ? 5.008   10.873  2.935   1.00 11.16 ? 13   SER A CA  1 
ATOM   107  C C   . SER A 1 14  ? 5.967   11.177  4.081   1.00 11.03 ? 13   SER A C   1 
ATOM   108  O O   . SER A 1 14  ? 6.885   12.007  3.955   1.00 12.79 ? 13   SER A O   1 
ATOM   109  C CB  . SER A 1 14  ? 5.676   9.989   1.886   1.00 10.94 ? 13   SER A CB  1 
ATOM   110  O OG  . SER A 1 14  ? 6.174   8.805   2.488   1.00 11.12 ? 13   SER A OG  1 
ATOM   111  N N   . GLU A 1 15  ? 5.769   10.518  5.223   1.00 10.48 ? 14   GLU A N   1 
ATOM   112  C CA  . GLU A 1 15  ? 6.656   10.671  6.346   1.00 11.64 ? 14   GLU A CA  1 
ATOM   113  C C   . GLU A 1 15  ? 7.011   9.292   6.865   1.00 10.21 ? 14   GLU A C   1 
ATOM   114  O O   . GLU A 1 15  ? 6.133   8.441   6.975   1.00 9.39  ? 14   GLU A O   1 
ATOM   115  C CB  . GLU A 1 15  ? 5.987   11.500  7.449   1.00 13.79 ? 14   GLU A CB  1 
ATOM   116  C CG  . GLU A 1 15  ? 5.838   12.965  7.063   1.00 19.69 ? 14   GLU A CG  1 
ATOM   117  C CD  . GLU A 1 15  ? 5.002   13.792  8.036   1.00 26.34 ? 14   GLU A CD  1 
ATOM   118  O OE1 . GLU A 1 15  ? 4.426   13.220  8.996   1.00 31.92 ? 14   GLU A OE1 1 
ATOM   119  O OE2 . GLU A 1 15  ? 4.918   15.033  7.825   1.00 29.34 ? 14   GLU A OE2 1 
ATOM   120  N N   . GLY A 1 16  ? 8.295   9.053   7.111   1.00 8.70  ? 15   GLY A N   1 
ATOM   121  C CA  . GLY A 1 16  ? 8.753   7.807   7.693   1.00 8.35  ? 15   GLY A CA  1 
ATOM   122  C C   . GLY A 1 16  ? 8.925   6.612   6.780   1.00 7.29  ? 15   GLY A C   1 
ATOM   123  O O   . GLY A 1 16  ? 9.278   5.520   7.228   1.00 7.82  ? 15   GLY A O   1 
ATOM   124  N N   . PHE A 1 17  ? 8.670   6.792   5.493   1.00 7.50  ? 16   PHE A N   1 
ATOM   125  C CA  . PHE A 1 17  ? 8.817   5.680   4.559   1.00 6.98  ? 16   PHE A CA  1 
ATOM   126  C C   . PHE A 1 17  ? 10.258  5.212   4.469   1.00 7.01  ? 16   PHE A C   1 
ATOM   127  O O   . PHE A 1 17  ? 10.502  4.017   4.235   1.00 5.96  ? 16   PHE A O   1 
ATOM   128  C CB  . PHE A 1 17  ? 8.323   6.072   3.165   1.00 7.30  ? 16   PHE A CB  1 
ATOM   129  C CG  . PHE A 1 17  ? 8.020   4.909   2.245   1.00 7.01  ? 16   PHE A CG  1 
ATOM   130  C CD1 . PHE A 1 17  ? 7.158   3.906   2.631   1.00 9.23  ? 16   PHE A CD1 1 
ATOM   131  C CD2 . PHE A 1 17  ? 8.546   4.879   0.963   1.00 7.39  ? 16   PHE A CD2 1 
ATOM   132  C CE1 . PHE A 1 17  ? 6.831   2.891   1.764   1.00 11.37 ? 16   PHE A CE1 1 
ATOM   133  C CE2 . PHE A 1 17  ? 8.250   3.843   0.089   1.00 10.21 ? 16   PHE A CE2 1 
ATOM   134  C CZ  . PHE A 1 17  ? 7.392   2.867   0.484   1.00 9.38  ? 16   PHE A CZ  1 
ATOM   135  N N   . ASP A 1 18  ? 11.206  6.148   4.578   1.00 6.88  ? 17   ASP A N   1 
ATOM   136  C CA  . ASP A 1 18  ? 12.614  5.760   4.607   1.00 7.72  ? 17   ASP A CA  1 
ATOM   137  C C   . ASP A 1 18  ? 12.904  4.767   5.719   1.00 7.77  ? 17   ASP A C   1 
ATOM   138  O O   . ASP A 1 18  ? 13.523  3.735   5.484   1.00 7.23  ? 17   ASP A O   1 
ATOM   139  C CB  . ASP A 1 18  ? 13.549  6.974   4.696   1.00 8.43  ? 17   ASP A CB  1 
ATOM   140  C CG  . ASP A 1 18  ? 13.217  7.929   5.844   1.00 12.10 ? 17   ASP A CG  1 
ATOM   141  O OD1 . ASP A 1 18  ? 12.082  7.978   6.374   1.00 10.88 ? 17   ASP A OD1 1 
ATOM   142  O OD2 . ASP A 1 18  ? 14.084  8.733   6.266   1.00 16.86 ? 17   ASP A OD2 1 
ATOM   143  N N   . LYS A 1 19  ? 12.407  5.054   6.904   1.00 7.21  ? 18   LYS A N   1 
ATOM   144  C CA  . LYS A 1 19  ? 12.607  4.168   8.037   1.00 7.79  ? 18   LYS A CA  1 
ATOM   145  C C   . LYS A 1 19  ? 11.956  2.801   7.844   1.00 6.95  ? 18   LYS A C   1 
ATOM   146  O O   . LYS A 1 19  ? 12.525  1.806   8.244   1.00 6.96  ? 18   LYS A O   1 
ATOM   147  C CB  . LYS A 1 19  ? 12.140  4.833   9.322   1.00 8.65  ? 18   LYS A CB  1 
ATOM   148  C CG  . LYS A 1 19  ? 12.872  6.140   9.537   1.00 12.37 ? 18   LYS A CG  1 
ATOM   149  C CD  . LYS A 1 19  ? 12.426  6.844   10.770  1.00 16.71 ? 18   LYS A CD  1 
ATOM   150  C CE  . LYS A 1 19  ? 13.427  7.888   11.192  1.00 21.58 ? 18   LYS A CE  1 
ATOM   151  N NZ  . LYS A 1 19  ? 13.116  8.392   12.557  1.00 25.00 ? 18   LYS A NZ  1 
ATOM   152  N N   . ILE A 1 20  ? 10.786  2.752   7.195   1.00 6.35  ? 19   ILE A N   1 
ATOM   153  C CA  . ILE A 1 20  ? 10.121  1.486   6.885   1.00 6.12  ? 19   ILE A CA  1 
ATOM   154  C C   . ILE A 1 20  ? 10.999  0.667   5.937   1.00 5.62  ? 19   ILE A C   1 
ATOM   155  O O   . ILE A 1 20  ? 11.250  -0.515  6.165   1.00 5.35  ? 19   ILE A O   1 
ATOM   156  C CB  . ILE A 1 20  ? 8.739   1.750   6.215   1.00 6.12  ? 19   ILE A CB  1 
ATOM   157  C CG1 . ILE A 1 20  ? 7.734   2.290   7.235   1.00 6.61  ? 19   ILE A CG1 1 
ATOM   158  C CG2 . ILE A 1 20  ? 8.198   0.493   5.562   1.00 7.45  ? 19   ILE A CG2 1 
ATOM   159  C CD1 . ILE A 1 20  ? 7.325   1.313   8.312   1.00 7.91  ? 19   ILE A CD1 1 
ATOM   160  N N   . MET A 1 21  ? 11.443  1.300   4.855   1.00 5.50  ? 20   MET A N   1 
ATOM   161  C CA  . MET A 1 21  ? 12.268  0.585   3.883   1.00 5.16  ? 20   MET A CA  1 
ATOM   162  C C   . MET A 1 21  ? 13.571  0.072   4.510   1.00 5.70  ? 20   MET A C   1 
ATOM   163  O O   . MET A 1 21  ? 14.036  -1.008  4.182   1.00 6.08  ? 20   MET A O   1 
ATOM   164  C CB  . MET A 1 21  ? 12.580  1.503   2.682   1.00 5.03  ? 20   MET A CB  1 
ATOM   165  C CG  . MET A 1 21  ? 11.386  1.779   1.779   1.00 7.10  ? 20   MET A CG  1 
ATOM   166  S SD  . MET A 1 21  ? 11.820  2.644   0.259   1.00 7.86  ? 20   MET A SD  1 
ATOM   167  C CE  . MET A 1 21  ? 12.248  4.248   0.908   1.00 8.89  ? 20   MET A CE  1 
ATOM   168  N N   . GLU A 1 22  ? 14.171  0.884   5.370   1.00 6.09  ? 21   GLU A N   1 
ATOM   169  C CA  . GLU A 1 22  ? 15.411  0.516   6.046   1.00 6.14  ? 21   GLU A CA  1 
ATOM   170  C C   . GLU A 1 22  ? 15.184  -0.742  6.891   1.00 5.49  ? 21   GLU A C   1 
ATOM   171  O O   . GLU A 1 22  ? 15.954  -1.689  6.839   1.00 6.08  ? 21   GLU A O   1 
ATOM   172  C CB  . GLU A 1 22  ? 15.925  1.701   6.894   1.00 5.27  ? 21   GLU A CB  1 
ATOM   173  C CG  . GLU A 1 22  ? 16.472  2.843   6.027   1.00 6.30  ? 21   GLU A CG  1 
ATOM   174  C CD  . GLU A 1 22  ? 16.504  4.239   6.640   1.00 9.45  ? 21   GLU A CD  1 
ATOM   175  O OE1 . GLU A 1 22  ? 16.269  4.386   7.846   1.00 11.36 ? 21   GLU A OE1 1 
ATOM   176  O OE2 . GLU A 1 22  ? 16.796  5.197   5.866   1.00 12.47 ? 21   GLU A OE2 1 
ATOM   177  N N   . ARG A 1 23  ? 14.079  -0.775  7.628   1.00 5.91  ? 22   ARG A N   1 
ATOM   178  C CA  . ARG A 1 23  ? 13.780  -1.925  8.481   1.00 6.05  ? 22   ARG A CA  1 
ATOM   179  C C   . ARG A 1 23  ? 13.497  -3.195  7.696   1.00 6.68  ? 22   ARG A C   1 
ATOM   180  O O   . ARG A 1 23  ? 13.782  -4.286  8.158   1.00 7.54  ? 22   ARG A O   1 
ATOM   181  C CB  . ARG A 1 23  ? 12.590  -1.604  9.415   1.00 6.58  ? 22   ARG A CB  1 
ATOM   182  C CG  . ARG A 1 23  ? 12.321  -2.612  10.500  1.00 7.35  ? 22   ARG A CG  1 
ATOM   183  C CD  . ARG A 1 23  ? 13.475  -2.821  11.472  1.00 10.40 ? 22   ARG A CD  1 
ATOM   184  N NE  . ARG A 1 23  ? 13.767  -1.596  12.177  1.00 11.33 ? 22   ARG A NE  1 
ATOM   185  C CZ  . ARG A 1 23  ? 13.227  -1.249  13.338  1.00 13.83 ? 22   ARG A CZ  1 
ATOM   186  N NH1 . ARG A 1 23  ? 12.380  -2.062  13.958  1.00 13.38 ? 22   ARG A NH1 1 
ATOM   187  N NH2 . ARG A 1 23  ? 13.529  -0.069  13.874  1.00 15.30 ? 22   ARG A NH2 1 
ATOM   188  N N   . LEU A 1 24  ? 12.915  -3.035  6.516   1.00 6.54  ? 23   LEU A N   1 
ATOM   189  C CA  . LEU A 1 24  ? 12.550  -4.171  5.650   1.00 6.11  ? 23   LEU A CA  1 
ATOM   190  C C   . LEU A 1 24  ? 13.722  -4.702  4.821   1.00 6.52  ? 23   LEU A C   1 
ATOM   191  O O   . LEU A 1 24  ? 13.584  -5.728  4.139   1.00 8.43  ? 23   LEU A O   1 
ATOM   192  C CB  . LEU A 1 24  ? 11.417  -3.772  4.721   1.00 6.00  ? 23   LEU A CB  1 
ATOM   193  C CG  . LEU A 1 24  ? 10.058  -3.577  5.381   1.00 6.51  ? 23   LEU A CG  1 
ATOM   194  C CD1 . LEU A 1 24  ? 9.054   -2.965  4.410   1.00 7.19  ? 23   LEU A CD1 1 
ATOM   195  C CD2 . LEU A 1 24  ? 9.575   -4.893  5.958   1.00 6.35  ? 23   LEU A CD2 1 
ATOM   196  N N   . GLY A 1 25  ? 14.859  -4.023  4.858   1.00 7.22  ? 24   GLY A N   1 
ATOM   197  C CA  . GLY A 1 25  ? 16.022  -4.501  4.125   1.00 6.71  ? 24   GLY A CA  1 
ATOM   198  C C   . GLY A 1 25  ? 16.099  -4.066  2.673   1.00 6.53  ? 24   GLY A C   1 
ATOM   199  O O   . GLY A 1 25  ? 16.890  -4.644  1.889   1.00 8.38  ? 24   GLY A O   1 
ATOM   200  N N   . VAL A 1 26  ? 15.328  -3.045  2.316   1.00 6.66  ? 25   VAL A N   1 
ATOM   201  C CA  . VAL A 1 26  ? 15.354  -2.515  0.970   1.00 6.46  ? 25   VAL A CA  1 
ATOM   202  C C   . VAL A 1 26  ? 16.747  -1.928  0.712   1.00 6.99  ? 25   VAL A C   1 
ATOM   203  O O   . VAL A 1 26  ? 17.308  -1.228  1.567   1.00 7.35  ? 25   VAL A O   1 
ATOM   204  C CB  . VAL A 1 26  ? 14.275  -1.445  0.772   1.00 6.44  ? 25   VAL A CB  1 
ATOM   205  C CG1 . VAL A 1 26  ? 14.294  -0.941  -0.653  1.00 7.60  ? 25   VAL A CG1 1 
ATOM   206  C CG2 . VAL A 1 26  ? 12.874  -2.026  1.112   1.00 7.13  ? 25   VAL A CG2 1 
ATOM   207  N N   . ASP A 1 27  ? 17.312  -2.200  -0.459  1.00 7.55  ? 26   ASP A N   1 
ATOM   208  C CA  . ASP A 1 27  ? 18.679  -1.763  -0.732  1.00 8.67  ? 26   ASP A CA  1 
ATOM   209  C C   . ASP A 1 27  ? 18.781  -0.273  -1.027  1.00 8.44  ? 26   ASP A C   1 
ATOM   210  O O   . ASP A 1 27  ? 17.770  0.399   -1.290  1.00 7.98  ? 26   ASP A O   1 
ATOM   211  C CB  . ASP A 1 27  ? 19.359  -2.642  -1.808  1.00 9.45  ? 26   ASP A CB  1 
ATOM   212  C CG  . ASP A 1 27  ? 18.771  -2.505  -3.175  1.00 12.33 ? 26   ASP A CG  1 
ATOM   213  O OD1 . ASP A 1 27  ? 18.150  -1.489  -3.510  1.00 15.52 ? 26   ASP A OD1 1 
ATOM   214  O OD2 . ASP A 1 27  ? 18.944  -3.414  -4.031  1.00 18.96 ? 26   ASP A OD2 1 
ATOM   215  N N   . PHE A 1 28  ? 20.002  0.247   -0.937  1.00 8.07  ? 27   PHE A N   1 
ATOM   216  C CA  . PHE A 1 28  ? 20.259  1.664   -1.027  1.00 7.69  ? 27   PHE A CA  1 
ATOM   217  C C   . PHE A 1 28  ? 19.660  2.307   -2.258  1.00 8.62  ? 27   PHE A C   1 
ATOM   218  O O   . PHE A 1 28  ? 19.036  3.359   -2.160  1.00 8.08  ? 27   PHE A O   1 
ATOM   219  C CB  . PHE A 1 28  ? 21.773  1.889   -0.996  1.00 8.00  ? 27   PHE A CB  1 
ATOM   220  C CG  . PHE A 1 28  ? 22.183  3.316   -1.038  1.00 7.22  ? 27   PHE A CG  1 
ATOM   221  C CD1 . PHE A 1 28  ? 22.369  3.959   -2.259  1.00 9.75  ? 27   PHE A CD1 1 
ATOM   222  C CD2 . PHE A 1 28  ? 22.396  4.032   0.144   1.00 10.47 ? 27   PHE A CD2 1 
ATOM   223  C CE1 . PHE A 1 28  ? 22.766  5.288   -2.317  1.00 11.11 ? 27   PHE A CE1 1 
ATOM   224  C CE2 . PHE A 1 28  ? 22.801  5.358   0.092   1.00 12.26 ? 27   PHE A CE2 1 
ATOM   225  C CZ  . PHE A 1 28  ? 22.986  5.986   -1.138  1.00 10.94 ? 27   PHE A CZ  1 
ATOM   226  N N   . VAL A 1 29  ? 19.890  1.711   -3.417  1.00 8.93  ? 28   VAL A N   1 
ATOM   227  C CA  . VAL A 1 29  ? 19.439  2.331   -4.661  1.00 9.98  ? 28   VAL A CA  1 
ATOM   228  C C   . VAL A 1 29  ? 17.932  2.400   -4.726  1.00 9.85  ? 28   VAL A C   1 
ATOM   229  O O   . VAL A 1 29  ? 17.371  3.434   -5.131  1.00 10.67 ? 28   VAL A O   1 
ATOM   230  C CB  . VAL A 1 29  ? 19.995  1.566   -5.859  1.00 9.68  ? 28   VAL A CB  1 
ATOM   231  C CG1 . VAL A 1 29  ? 19.401  2.089   -7.181  1.00 12.37 ? 28   VAL A CG1 1 
ATOM   232  C CG2 . VAL A 1 29  ? 21.472  1.748   -5.890  1.00 11.79 ? 28   VAL A CG2 1 
ATOM   233  N N   . THR A 1 30  ? 17.288  1.331   -4.277  1.00 9.41  ? 29   THR A N   1 
ATOM   234  C CA  . THR A 1 30  ? 15.823  1.247   -4.286  1.00 9.80  ? 29   THR A CA  1 
ATOM   235  C C   . THR A 1 30  ? 15.233  2.234   -3.302  1.00 9.68  ? 29   THR A C   1 
ATOM   236  O O   . THR A 1 30  ? 14.208  2.849   -3.596  1.00 10.61 ? 29   THR A O   1 
ATOM   237  C CB  . THR A 1 30  ? 15.353  -0.178  -4.002  1.00 9.81  ? 29   THR A CB  1 
ATOM   238  O OG1 . THR A 1 30  ? 15.869  -1.063  -5.010  1.00 10.93 ? 29   THR A OG1 1 
ATOM   239  C CG2 . THR A 1 30  ? 13.854  -0.300  -4.123  1.00 9.12  ? 29   THR A CG2 1 
ATOM   240  N N   . ARG A 1 31  ? 15.881  2.393   -2.146  1.00 8.62  ? 30   ARG A N   1 
ATOM   241  C CA  . ARG A 1 31  ? 15.405  3.326   -1.146  1.00 8.78  ? 30   ARG A CA  1 
ATOM   242  C C   . ARG A 1 31  ? 15.471  4.760   -1.655  1.00 9.95  ? 30   ARG A C   1 
ATOM   243  O O   . ARG A 1 31  ? 14.565  5.550   -1.365  1.00 10.81 ? 30   ARG A O   1 
ATOM   244  C CB  . ARG A 1 31  ? 16.187  3.216   0.166   1.00 8.02  ? 30   ARG A CB  1 
ATOM   245  C CG  . ARG A 1 31  ? 16.037  1.888   0.873   1.00 8.88  ? 30   ARG A CG  1 
ATOM   246  C CD  . ARG A 1 31  ? 16.375  1.921   2.362   1.00 6.49  ? 30   ARG A CD  1 
ATOM   247  N NE  . ARG A 1 31  ? 17.599  2.678   2.635   1.00 6.32  ? 30   ARG A NE  1 
ATOM   248  C CZ  . ARG A 1 31  ? 18.845  2.187   2.605   1.00 5.57  ? 30   ARG A CZ  1 
ATOM   249  N NH1 . ARG A 1 31  ? 19.082  0.919   2.323   1.00 5.39  ? 30   ARG A NH1 1 
ATOM   250  N NH2 . ARG A 1 31  ? 19.863  2.990   2.870   1.00 7.55  ? 30   ARG A NH2 1 
ATOM   251  N N   . LYS A 1 32  ? 16.536  5.094   -2.374  1.00 12.10 ? 31   LYS A N   1 
ATOM   252  C CA  . LYS A 1 32  ? 16.666  6.400   -3.021  1.00 14.63 ? 31   LYS A CA  1 
ATOM   253  C C   . LYS A 1 32  ? 15.467  6.665   -3.919  1.00 14.74 ? 31   LYS A C   1 
ATOM   254  O O   . LYS A 1 32  ? 14.876  7.745   -3.867  1.00 15.90 ? 31   LYS A O   1 
ATOM   255  C CB  . LYS A 1 32  ? 17.962  6.452   -3.841  1.00 15.97 ? 31   LYS A CB  1 
ATOM   256  C CG  . LYS A 1 32  ? 18.318  7.797   -4.408  1.00 20.19 ? 31   LYS A CG  1 
ATOM   257  C CD  . LYS A 1 32  ? 19.604  7.708   -5.220  1.00 25.33 ? 31   LYS A CD  1 
ATOM   258  C CE  . LYS A 1 32  ? 19.762  8.901   -6.144  1.00 26.85 ? 31   LYS A CE  1 
ATOM   259  N NZ  . LYS A 1 32  ? 21.048  8.864   -6.899  1.00 30.22 ? 31   LYS A NZ  1 
ATOM   260  N N   . MET A 1 33  ? 15.113  5.684   -4.735  1.00 15.64 ? 32   MET A N   1 
ATOM   261  C CA  . MET A 1 33  ? 13.934  5.785   -5.596  1.00 16.57 ? 32   MET A CA  1 
ATOM   262  C C   . MET A 1 33  ? 12.662  5.895   -4.764  1.00 16.09 ? 32   MET A C   1 
ATOM   263  O O   . MET A 1 33  ? 11.826  6.759   -5.009  1.00 16.22 ? 32   MET A O   1 
ATOM   264  C CB  . MET A 1 33  ? 13.837  4.562   -6.497  1.00 17.53 ? 32   MET A CB  1 
ATOM   265  C CG  . MET A 1 33  ? 12.601  4.551   -7.391  1.00 19.57 ? 32   MET A CG  1 
ATOM   266  S SD  . MET A 1 33  ? 12.681  5.591   -8.864  1.00 27.95 ? 32   MET A SD  1 
ATOM   267  C CE  . MET A 1 33  ? 14.445  6.097   -8.936  1.00 26.15 ? 32   MET A CE  1 
ATOM   268  N N   . GLY A 1 34  ? 12.515  5.027   -3.773  1.00 15.05 ? 33   GLY A N   1 
ATOM   269  C CA  . GLY A 1 34  ? 11.311  4.980   -2.971  1.00 14.27 ? 33   GLY A CA  1 
ATOM   270  C C   . GLY A 1 34  ? 11.037  6.282   -2.240  1.00 14.40 ? 33   GLY A C   1 
ATOM   271  O O   . GLY A 1 34  ? 9.882   6.625   -2.007  1.00 14.79 ? 33   GLY A O   1 
ATOM   272  N N   . ASN A 1 35  ? 12.094  7.005   -1.887  1.00 13.98 ? 34   ASN A N   1 
ATOM   273  C CA  . ASN A 1 35  ? 11.963  8.250   -1.147  1.00 14.93 ? 34   ASN A CA  1 
ATOM   274  C C   . ASN A 1 35  ? 11.602  9.432   -2.070  1.00 15.22 ? 34   ASN A C   1 
ATOM   275  O O   . ASN A 1 35  ? 11.135  10.483  -1.592  1.00 16.86 ? 34   ASN A O   1 
ATOM   276  C CB  . ASN A 1 35  ? 13.260  8.536   -0.357  1.00 15.08 ? 34   ASN A CB  1 
ATOM   277  C CG  . ASN A 1 35  ? 13.405  7.652   0.903   1.00 15.65 ? 34   ASN A CG  1 
ATOM   278  O OD1 . ASN A 1 35  ? 12.432  7.444   1.627   1.00 16.75 ? 34   ASN A OD1 1 
ATOM   279  N ND2 . ASN A 1 35  ? 14.632  7.156   1.182   1.00 14.94 ? 34   ASN A ND2 1 
ATOM   280  N N   . LEU A 1 36  ? 11.846  9.261   -3.361  1.00 15.66 ? 35   LEU A N   1 
ATOM   281  C CA  . LEU A 1 36  ? 11.603  10.309  -4.358  1.00 16.41 ? 35   LEU A CA  1 
ATOM   282  C C   . LEU A 1 36  ? 10.173  10.249  -4.910  1.00 15.67 ? 35   LEU A C   1 
ATOM   283  O O   . LEU A 1 36  ? 9.527   11.282  -5.146  1.00 15.78 ? 35   LEU A O   1 
ATOM   284  C CB  . LEU A 1 36  ? 12.612  10.200  -5.531  1.00 17.47 ? 35   LEU A CB  1 
ATOM   285  C CG  . LEU A 1 36  ? 14.001  10.840  -5.433  1.00 19.56 ? 35   LEU A CG  1 
ATOM   286  C CD1 . LEU A 1 36  ? 14.899  10.394  -6.578  1.00 21.63 ? 35   LEU A CD1 1 
ATOM   287  C CD2 . LEU A 1 36  ? 13.917  12.360  -5.364  1.00 20.54 ? 35   LEU A CD2 1 
ATOM   288  N N   . VAL A 1 37  ? 9.674   9.041   -5.127  1.00 15.25 ? 36   VAL A N   1 
ATOM   289  C CA  . VAL A 1 37  ? 8.474   8.880   -5.952  1.00 14.99 ? 36   VAL A CA  1 
ATOM   290  C C   . VAL A 1 37  ? 7.177   9.211   -5.220  1.00 14.69 ? 36   VAL A C   1 
ATOM   291  O O   . VAL A 1 37  ? 7.052   9.091   -3.994  1.00 13.67 ? 36   VAL A O   1 
ATOM   292  C CB  . VAL A 1 37  ? 8.407   7.482   -6.622  1.00 15.54 ? 36   VAL A CB  1 
ATOM   293  C CG1 . VAL A 1 37  ? 9.655   7.222   -7.469  1.00 17.09 ? 36   VAL A CG1 1 
ATOM   294  C CG2 . VAL A 1 37  ? 8.191   6.388   -5.614  1.00 16.77 ? 36   VAL A CG2 1 
ATOM   295  N N   . LYS A 1 38  ? 6.212   9.682   -6.004  1.00 14.69 ? 37   LYS A N   1 
ATOM   296  C CA  . LYS A 1 38  ? 4.897   10.084  -5.519  1.00 15.10 ? 37   LYS A CA  1 
ATOM   297  C C   . LYS A 1 38  ? 3.877   9.339   -6.372  1.00 14.52 ? 37   LYS A C   1 
ATOM   298  O O   . LYS A 1 38  ? 3.406   9.856   -7.402  1.00 15.05 ? 37   LYS A O   1 
ATOM   299  C CB  . LYS A 1 38  ? 4.705   11.594  -5.640  1.00 15.65 ? 37   LYS A CB  1 
ATOM   300  C CG  . LYS A 1 38  ? 5.731   12.425  -4.903  1.00 18.28 ? 37   LYS A CG  1 
ATOM   301  C CD  . LYS A 1 38  ? 5.545   13.920  -5.174  1.00 20.40 ? 37   LYS A CD  1 
ATOM   302  C CE  . LYS A 1 38  ? 6.769   14.711  -4.769  1.00 23.67 ? 37   LYS A CE  1 
ATOM   303  N NZ  . LYS A 1 38  ? 6.452   16.154  -4.565  1.00 27.58 ? 37   LYS A NZ  1 
ATOM   304  N N   . PRO A 1 39  ? 3.528   8.126   -5.979  1.00 14.46 ? 38   PRO A N   1 
ATOM   305  C CA  . PRO A 1 39  ? 2.680   7.295   -6.825  1.00 14.86 ? 38   PRO A CA  1 
ATOM   306  C C   . PRO A 1 39  ? 1.233   7.707   -6.823  1.00 15.07 ? 38   PRO A C   1 
ATOM   307  O O   . PRO A 1 39  ? 0.763   8.453   -5.958  1.00 15.39 ? 38   PRO A O   1 
ATOM   308  C CB  . PRO A 1 39  ? 2.818   5.895   -6.217  1.00 14.71 ? 38   PRO A CB  1 
ATOM   309  C CG  . PRO A 1 39  ? 3.153   6.117   -4.833  1.00 15.99 ? 38   PRO A CG  1 
ATOM   310  C CD  . PRO A 1 39  ? 3.908   7.416   -4.744  1.00 14.53 ? 38   PRO A CD  1 
ATOM   311  N N   . ASN A 1 40  ? 0.524   7.188   -7.815  1.00 15.63 ? 39   ASN A N   1 
ATOM   312  C CA  . ASN A 1 40  ? -0.924  7.155   -7.814  1.00 16.73 ? 39   ASN A CA  1 
ATOM   313  C C   . ASN A 1 40  ? -1.366  5.809   -7.248  1.00 16.38 ? 39   ASN A C   1 
ATOM   314  O O   . ASN A 1 40  ? -0.594  4.848   -7.153  1.00 18.27 ? 39   ASN A O   1 
ATOM   315  C CB  . ASN A 1 40  ? -1.480  7.333   -9.226  1.00 17.78 ? 39   ASN A CB  1 
ATOM   316  C CG  . ASN A 1 40  ? -1.218  8.715   -9.800  1.00 20.79 ? 39   ASN A CG  1 
ATOM   317  O OD1 . ASN A 1 40  ? -1.211  9.719   -9.081  1.00 25.72 ? 39   ASN A OD1 1 
ATOM   318  N ND2 . ASN A 1 40  ? -1.020  8.778   -11.118 1.00 27.30 ? 39   ASN A ND2 1 
ATOM   319  N N   . LEU A 1 41  ? -2.590  5.757   -6.774  1.00 13.74 ? 40   LEU A N   1 
ATOM   320  C CA  . LEU A 1 41  ? -3.193  4.518   -6.367  1.00 12.30 ? 40   LEU A CA  1 
ATOM   321  C C   . LEU A 1 41  ? -4.554  4.478   -7.018  1.00 11.40 ? 40   LEU A C   1 
ATOM   322  O O   . LEU A 1 41  ? -5.347  5.400   -6.845  1.00 11.62 ? 40   LEU A O   1 
ATOM   323  C CB  . LEU A 1 41  ? -3.352  4.478   -4.851  1.00 12.77 ? 40   LEU A CB  1 
ATOM   324  C CG  . LEU A 1 41  ? -4.159  3.317   -4.299  1.00 14.00 ? 40   LEU A CG  1 
ATOM   325  C CD1 . LEU A 1 41  ? -3.416  2.037   -4.537  1.00 13.90 ? 40   LEU A CD1 1 
ATOM   326  C CD2 . LEU A 1 41  ? -4.414  3.488   -2.827  1.00 15.29 ? 40   LEU A CD2 1 
ATOM   327  N N   . ILE A 1 42  ? -4.806  3.438   -7.800  1.00 9.72  ? 41   ILE A N   1 
ATOM   328  C CA  . ILE A 1 42  ? -6.100  3.254   -8.457  1.00 9.92  ? 41   ILE A CA  1 
ATOM   329  C C   . ILE A 1 42  ? -6.757  1.998   -7.898  1.00 9.60  ? 41   ILE A C   1 
ATOM   330  O O   . ILE A 1 42  ? -6.207  0.912   -8.009  1.00 9.87  ? 41   ILE A O   1 
ATOM   331  C CB  . ILE A 1 42  ? -5.931  3.123   -9.980  1.00 10.08 ? 41   ILE A CB  1 
ATOM   332  C CG1 . ILE A 1 42  ? -5.143  4.306   -10.526 1.00 13.45 ? 41   ILE A CG1 1 
ATOM   333  C CG2 . ILE A 1 42  ? -7.295  3.054   -10.648 1.00 9.94  ? 41   ILE A CG2 1 
ATOM   334  C CD1 . ILE A 1 42  ? -4.476  4.049   -11.838 1.00 16.19 ? 41   ILE A CD1 1 
ATOM   335  N N   . VAL A 1 43  ? -7.928  2.159   -7.276  1.00 10.61 ? 42   VAL A N   1 
ATOM   336  C CA  . VAL A 1 43  ? -8.654  1.050   -6.679  1.00 10.56 ? 42   VAL A CA  1 
ATOM   337  C C   . VAL A 1 43  ? -9.937  0.808   -7.492  1.00 10.92 ? 42   VAL A C   1 
ATOM   338  O O   . VAL A 1 43  ? -10.750 1.732   -7.651  1.00 10.67 ? 42   VAL A O   1 
ATOM   339  C CB  . VAL A 1 43  ? -9.009  1.331   -5.223  1.00 11.34 ? 42   VAL A CB  1 
ATOM   340  C CG1 . VAL A 1 43  ? -9.536  0.077   -4.559  1.00 12.62 ? 42   VAL A CG1 1 
ATOM   341  C CG2 . VAL A 1 43  ? -7.799  1.886   -4.460  1.00 10.61 ? 42   VAL A CG2 1 
ATOM   342  N N   . THR A 1 44  ? -10.099 -0.412  -7.983  1.00 10.96 ? 43   THR A N   1 
ATOM   343  C CA  . THR A 1 44  ? -11.227 -0.749  -8.865  1.00 11.64 ? 43   THR A CA  1 
ATOM   344  C C   . THR A 1 44  ? -11.999 -1.966  -8.359  1.00 12.34 ? 43   THR A C   1 
ATOM   345  O O   . THR A 1 44  ? -11.435 -2.888  -7.763  1.00 11.63 ? 43   THR A O   1 
ATOM   346  C CB  . THR A 1 44  ? -10.783 -0.951  -10.347 1.00 12.23 ? 43   THR A CB  1 
ATOM   347  O OG1 . THR A 1 44  ? -9.716  -1.908  -10.476 1.00 13.13 ? 43   THR A OG1 1 
ATOM   348  C CG2 . THR A 1 44  ? -10.203 0.315   -10.899 1.00 13.34 ? 43   THR A CG2 1 
ATOM   349  N N   . ASP A 1 45  ? -13.310 -1.938  -8.588  1.00 12.43 ? 44   ASP A N   1 
ATOM   350  C CA  . ASP A 1 45  ? -14.225 -3.032  -8.281  1.00 14.00 ? 44   ASP A CA  1 
ATOM   351  C C   . ASP A 1 45  ? -14.329 -3.919  -9.517  1.00 14.63 ? 44   ASP A C   1 
ATOM   352  O O   . ASP A 1 45  ? -14.764 -3.465  -10.579 1.00 15.30 ? 44   ASP A O   1 
ATOM   353  C CB  . ASP A 1 45  ? -15.571 -2.415  -7.923  1.00 14.71 ? 44   ASP A CB  1 
ATOM   354  C CG  . ASP A 1 45  ? -16.622 -3.433  -7.491  1.00 14.78 ? 44   ASP A CG  1 
ATOM   355  O OD1 . ASP A 1 45  ? -16.475 -4.640  -7.744  1.00 17.99 ? 44   ASP A OD1 1 
ATOM   356  O OD2 . ASP A 1 45  ? -17.653 -3.054  -6.907  1.00 21.28 ? 44   ASP A OD2 1 
ATOM   357  N N   . LEU A 1 46  ? -13.880 -5.158  -9.399  1.00 15.04 ? 45   LEU A N   1 
ATOM   358  C CA  . LEU A 1 46  ? -13.814 -6.086  -10.528 1.00 15.30 ? 45   LEU A CA  1 
ATOM   359  C C   . LEU A 1 46  ? -15.068 -6.937  -10.642 1.00 16.47 ? 45   LEU A C   1 
ATOM   360  O O   . LEU A 1 46  ? -15.160 -7.766  -11.554 1.00 17.55 ? 45   LEU A O   1 
ATOM   361  C CB  . LEU A 1 46  ? -12.604 -7.021  -10.416 1.00 15.59 ? 45   LEU A CB  1 
ATOM   362  C CG  . LEU A 1 46  ? -11.209 -6.381  -10.373 1.00 14.64 ? 45   LEU A CG  1 
ATOM   363  C CD1 . LEU A 1 46  ? -10.136 -7.407  -10.219 1.00 14.19 ? 45   LEU A CD1 1 
ATOM   364  C CD2 . LEU A 1 46  ? -11.012 -5.559  -11.626 1.00 15.38 ? 45   LEU A CD2 1 
ATOM   365  N N   . GLY A 1 47  ? -16.005 -6.751  -9.714  1.00 16.88 ? 46   GLY A N   1 
ATOM   366  C CA  . GLY A 1 47  ? -17.167 -7.618  -9.589  1.00 17.08 ? 46   GLY A CA  1 
ATOM   367  C C   . GLY A 1 47  ? -16.891 -8.904  -8.823  1.00 16.71 ? 46   GLY A C   1 
ATOM   368  O O   . GLY A 1 47  ? -15.745 -9.336  -8.704  1.00 15.46 ? 46   GLY A O   1 
ATOM   369  N N   . GLY A 1 48  ? -17.943 -9.520  -8.294  1.00 17.44 ? 47   GLY A N   1 
ATOM   370  C CA  . GLY A 1 48  ? -17.825 -10.844 -7.700  1.00 17.26 ? 47   GLY A CA  1 
ATOM   371  C C   . GLY A 1 48  ? -17.000 -10.871 -6.424  1.00 17.34 ? 47   GLY A C   1 
ATOM   372  O O   . GLY A 1 48  ? -16.522 -11.929 -6.029  1.00 18.65 ? 47   GLY A O   1 
ATOM   373  N N   . GLY A 1 49  ? -16.891 -9.724  -5.761  1.00 16.70 ? 48   GLY A N   1 
ATOM   374  C CA  . GLY A 1 49  ? -16.076 -9.586  -4.562  1.00 16.46 ? 48   GLY A CA  1 
ATOM   375  C C   . GLY A 1 49  ? -14.585 -9.404  -4.787  1.00 15.76 ? 48   GLY A C   1 
ATOM   376  O O   . GLY A 1 49  ? -13.827 -9.334  -3.811  1.00 14.82 ? 48   GLY A O   1 
ATOM   377  N N   . LYS A 1 50  ? -14.154 -9.329  -6.047  1.00 14.72 ? 49   LYS A N   1 
ATOM   378  C CA  . LYS A 1 50  ? -12.754 -9.075  -6.359  1.00 14.51 ? 49   LYS A CA  1 
ATOM   379  C C   . LYS A 1 50  ? -12.503 -7.589  -6.573  1.00 13.30 ? 49   LYS A C   1 
ATOM   380  O O   . LYS A 1 50  ? -13.374 -6.855  -7.033  1.00 12.89 ? 49   LYS A O   1 
ATOM   381  C CB  . LYS A 1 50  ? -12.314 -9.813  -7.615  1.00 14.94 ? 49   LYS A CB  1 
ATOM   382  C CG  . LYS A 1 50  ? -12.316 -11.304 -7.506  1.00 19.06 ? 49   LYS A CG  1 
ATOM   383  C CD  . LYS A 1 50  ? -11.618 -11.901 -8.731  1.00 22.92 ? 49   LYS A CD  1 
ATOM   384  C CE  . LYS A 1 50  ? -11.620 -13.416 -8.705  1.00 25.80 ? 49   LYS A CE  1 
ATOM   385  N NZ  . LYS A 1 50  ? -10.744 -14.005 -9.768  1.00 26.19 ? 49   LYS A NZ  1 
ATOM   386  N N   . TYR A 1 51  ? -11.301 -7.160  -6.208  1.00 11.82 ? 50   TYR A N   1 
ATOM   387  C CA  . TYR A 1 51  ? -10.873 -5.774  -6.325  1.00 11.51 ? 50   TYR A CA  1 
ATOM   388  C C   . TYR A 1 51  ? -9.453  -5.755  -6.871  1.00 10.84 ? 50   TYR A C   1 
ATOM   389  O O   . TYR A 1 51  ? -8.728  -6.722  -6.732  1.00 10.43 ? 50   TYR A O   1 
ATOM   390  C CB  . TYR A 1 51  ? -10.874 -5.074  -4.958  1.00 11.77 ? 50   TYR A CB  1 
ATOM   391  C CG  . TYR A 1 51  ? -12.257 -4.987  -4.373  1.00 13.20 ? 50   TYR A CG  1 
ATOM   392  C CD1 . TYR A 1 51  ? -12.750 -5.999  -3.558  1.00 14.81 ? 50   TYR A CD1 1 
ATOM   393  C CD2 . TYR A 1 51  ? -13.091 -3.935  -4.701  1.00 12.45 ? 50   TYR A CD2 1 
ATOM   394  C CE1 . TYR A 1 51  ? -14.051 -5.928  -3.047  1.00 14.77 ? 50   TYR A CE1 1 
ATOM   395  C CE2 . TYR A 1 51  ? -14.391 -3.859  -4.193  1.00 14.79 ? 50   TYR A CE2 1 
ATOM   396  C CZ  . TYR A 1 51  ? -14.851 -4.852  -3.383  1.00 15.26 ? 50   TYR A CZ  1 
ATOM   397  O OH  . TYR A 1 51  ? -16.139 -4.765  -2.893  1.00 18.53 ? 50   TYR A OH  1 
ATOM   398  N N   . LYS A 1 52  ? -9.061  -4.645  -7.474  1.00 10.64 ? 51   LYS A N   1 
ATOM   399  C CA  . LYS A 1 52  ? -7.660  -4.426  -7.860  1.00 9.73  ? 51   LYS A CA  1 
ATOM   400  C C   . LYS A 1 52  ? -7.147  -3.133  -7.261  1.00 9.40  ? 51   LYS A C   1 
ATOM   401  O O   . LYS A 1 52  ? -7.867  -2.140  -7.217  1.00 9.02  ? 51   LYS A O   1 
ATOM   402  C CB  . LYS A 1 52  ? -7.538  -4.371  -9.391  1.00 10.59 ? 51   LYS A CB  1 
ATOM   403  C CG  . LYS A 1 52  ? -6.137  -4.175  -9.924  1.00 11.83 ? 51   LYS A CG  1 
ATOM   404  C CD  . LYS A 1 52  ? -6.151  -3.920  -11.425 1.00 10.64 ? 51   LYS A CD  1 
ATOM   405  C CE  . LYS A 1 52  ? -6.464  -5.175  -12.224 1.00 12.98 ? 51   LYS A CE  1 
ATOM   406  N NZ  . LYS A 1 52  ? -5.974  -4.991  -13.620 1.00 14.12 ? 51   LYS A NZ  1 
ATOM   407  N N   . MET A 1 53  ? -5.903  -3.141  -6.772  1.00 8.44  ? 52   MET A N   1 
ATOM   408  C CA  . MET A 1 53  ? -5.169  -1.907  -6.500  1.00 8.70  ? 52   MET A CA  1 
ATOM   409  C C   . MET A 1 53  ? -4.001  -1.828  -7.454  1.00 9.19  ? 52   MET A C   1 
ATOM   410  O O   . MET A 1 53  ? -3.236  -2.789  -7.564  1.00 9.42  ? 52   MET A O   1 
ATOM   411  C CB  . MET A 1 53  ? -4.639  -1.869  -5.057  1.00 9.10  ? 52   MET A CB  1 
ATOM   412  C CG  . MET A 1 53  ? -5.706  -1.647  -4.037  1.00 9.09  ? 52   MET A CG  1 
ATOM   413  S SD  . MET A 1 53  ? -5.012  -1.352  -2.341  1.00 13.36 ? 52   MET A SD  1 
ATOM   414  C CE  . MET A 1 53  ? -4.473  -3.016  -1.902  1.00 12.31 ? 52   MET A CE  1 
ATOM   415  N N   . ARG A 1 54  ? -3.887  -0.696  -8.142  1.00 9.31  ? 53   ARG A N   1 
ATOM   416  C CA  . ARG A 1 54  ? -2.800  -0.410  -9.082  1.00 9.18  ? 53   ARG A CA  1 
ATOM   417  C C   . ARG A 1 54  ? -2.051  0.840   -8.615  1.00 10.50 ? 53   ARG A C   1 
ATOM   418  O O   . ARG A 1 54  ? -2.660  1.828   -8.211  1.00 9.95  ? 53   ARG A O   1 
ATOM   419  C CB  . ARG A 1 54  ? -3.346  -0.207  -10.513 1.00 8.69  ? 53   ARG A CB  1 
ATOM   420  C CG  . ARG A 1 54  ? -2.279  0.143   -11.569 1.00 10.36 ? 53   ARG A CG  1 
ATOM   421  C CD  . ARG A 1 54  ? -2.832  0.201   -12.994 1.00 11.33 ? 53   ARG A CD  1 
ATOM   422  N NE  . ARG A 1 54  ? -3.018  -1.120  -13.624 1.00 15.70 ? 53   ARG A NE  1 
ATOM   423  C CZ  . ARG A 1 54  ? -3.738  -1.315  -14.735 1.00 18.05 ? 53   ARG A CZ  1 
ATOM   424  N NH1 . ARG A 1 54  ? -4.304  -0.297  -15.366 1.00 17.65 ? 53   ARG A NH1 1 
ATOM   425  N NH2 . ARG A 1 54  ? -3.901  -2.534  -15.243 1.00 17.01 ? 53   ARG A NH2 1 
ATOM   426  N N   . SER A 1 55  ? -0.731  0.767   -8.607  1.00 10.80 ? 54   SER A N   1 
ATOM   427  C CA  . SER A 1 55  ? 0.119   1.879   -8.226  1.00 13.13 ? 54   SER A CA  1 
ATOM   428  C C   . SER A 1 55  ? 1.020   2.216   -9.394  1.00 13.23 ? 54   SER A C   1 
ATOM   429  O O   . SER A 1 55  ? 1.762   1.350   -9.869  1.00 14.85 ? 54   SER A O   1 
ATOM   430  C CB  . SER A 1 55  ? 0.939   1.509   -6.991  1.00 12.69 ? 54   SER A CB  1 
ATOM   431  O OG  . SER A 1 55  ? 1.776   2.578   -6.591  1.00 18.55 ? 54   SER A OG  1 
ATOM   432  N N   . GLU A 1 56  ? 0.930   3.464   -9.861  1.00 14.32 ? 55   GLU A N   1 
ATOM   433  C CA  . GLU A 1 56  ? 1.677   3.968   -11.013 1.00 15.02 ? 55   GLU A CA  1 
ATOM   434  C C   . GLU A 1 56  ? 2.691   4.999   -10.535 1.00 15.32 ? 55   GLU A C   1 
ATOM   435  O O   . GLU A 1 56  ? 2.344   5.922   -9.811  1.00 14.50 ? 55   GLU A O   1 
ATOM   436  C CB  . GLU A 1 56  ? 0.721   4.644   -12.010 1.00 15.95 ? 55   GLU A CB  1 
ATOM   437  C CG  . GLU A 1 56  ? -0.320  3.722   -12.639 1.00 18.77 ? 55   GLU A CG  1 
ATOM   438  C CD  . GLU A 1 56  ? -1.270  4.458   -13.578 1.00 20.85 ? 55   GLU A CD  1 
ATOM   439  O OE1 . GLU A 1 56  ? -1.576  5.643   -13.316 1.00 23.93 ? 55   GLU A OE1 1 
ATOM   440  O OE2 . GLU A 1 56  ? -1.691  3.845   -14.582 1.00 24.46 ? 55   GLU A OE2 1 
ATOM   441  N N   . SER A 1 57  ? 3.946   4.838   -10.938 1.00 15.23 ? 56   SER A N   1 
ATOM   442  C CA  . SER A 1 57  ? 4.986   5.832   -10.659 1.00 16.04 ? 56   SER A CA  1 
ATOM   443  C C   . SER A 1 57  ? 6.131   5.714   -11.666 1.00 15.87 ? 56   SER A C   1 
ATOM   444  O O   . SER A 1 57  ? 6.184   4.773   -12.460 1.00 16.06 ? 56   SER A O   1 
ATOM   445  C CB  . SER A 1 57  ? 5.518   5.698   -9.233  1.00 15.75 ? 56   SER A CB  1 
ATOM   446  O OG  . SER A 1 57  ? 6.425   4.615   -9.100  1.00 17.04 ? 56   SER A OG  1 
ATOM   447  N N   . THR A 1 58  ? 7.053   6.665   -11.611 1.00 16.90 ? 57   THR A N   1 
ATOM   448  C CA  . THR A 1 58  ? 8.229   6.610   -12.463 1.00 17.55 ? 57   THR A CA  1 
ATOM   449  C C   . THR A 1 58  ? 9.058   5.333   -12.226 1.00 18.21 ? 57   THR A C   1 
ATOM   450  O O   . THR A 1 58  ? 9.742   4.863   -13.125 1.00 18.40 ? 57   THR A O   1 
ATOM   451  C CB  . THR A 1 58  ? 9.083   7.890   -12.293 1.00 17.98 ? 57   THR A CB  1 
ATOM   452  O OG1 . THR A 1 58  ? 10.137  7.893   -13.262 1.00 19.22 ? 57   THR A OG1 1 
ATOM   453  C CG2 . THR A 1 58  ? 9.787   7.918   -10.953 1.00 18.92 ? 57   THR A CG2 1 
ATOM   454  N N   . PHE A 1 59  ? 8.955   4.743   -11.040 1.00 18.82 ? 58   PHE A N   1 
ATOM   455  C CA  . PHE A 1 59  ? 9.638   3.471   -10.752 1.00 20.33 ? 58   PHE A CA  1 
ATOM   456  C C   . PHE A 1 59  ? 9.115   2.302   -11.606 1.00 20.72 ? 58   PHE A C   1 
ATOM   457  O O   . PHE A 1 59  ? 9.876   1.634   -12.308 1.00 20.84 ? 58   PHE A O   1 
ATOM   458  C CB  . PHE A 1 59  ? 9.486   3.162   -9.261  1.00 20.86 ? 58   PHE A CB  1 
ATOM   459  C CG  . PHE A 1 59  ? 10.289  1.989   -8.771  1.00 22.63 ? 58   PHE A CG  1 
ATOM   460  C CD1 . PHE A 1 59  ? 11.532  1.671   -9.311  1.00 23.34 ? 58   PHE A CD1 1 
ATOM   461  C CD2 . PHE A 1 59  ? 9.800   1.218   -7.725  1.00 25.22 ? 58   PHE A CD2 1 
ATOM   462  C CE1 . PHE A 1 59  ? 12.264  0.576   -8.821  1.00 25.53 ? 58   PHE A CE1 1 
ATOM   463  C CE2 . PHE A 1 59  ? 10.523  0.137   -7.236  1.00 24.98 ? 58   PHE A CE2 1 
ATOM   464  C CZ  . PHE A 1 59  ? 11.751  -0.179  -7.778  1.00 23.80 ? 58   PHE A CZ  1 
ATOM   465  N N   . LYS A 1 60  ? 7.812   2.066   -11.540 1.00 19.85 ? 59   LYS A N   1 
ATOM   466  C CA  . LYS A 1 60  ? 7.164   0.974   -12.284 1.00 19.75 ? 59   LYS A CA  1 
ATOM   467  C C   . LYS A 1 60  ? 5.665   1.035   -12.020 1.00 18.47 ? 59   LYS A C   1 
ATOM   468  O O   . LYS A 1 60  ? 5.209   1.780   -11.148 1.00 19.21 ? 59   LYS A O   1 
ATOM   469  C CB  . LYS A 1 60  ? 7.697   -0.412  -11.855 1.00 19.87 ? 59   LYS A CB  1 
ATOM   470  C CG  . LYS A 1 60  ? 7.823   -0.609  -10.339 1.00 21.15 ? 59   LYS A CG  1 
ATOM   471  C CD  . LYS A 1 60  ? 8.229   -2.068  -9.962  1.00 23.77 ? 59   LYS A CD  1 
ATOM   472  C CE  . LYS A 1 60  ? 9.732   -2.250  -9.831  1.00 25.15 ? 59   LYS A CE  1 
ATOM   473  N NZ  . LYS A 1 60  ? 10.130  -3.490  -9.078  1.00 25.62 ? 59   LYS A NZ  1 
ATOM   474  N N   . THR A 1 61  ? 4.899   0.262   -12.775 1.00 17.30 ? 60   THR A N   1 
ATOM   475  C CA  . THR A 1 61  ? 3.501   0.050   -12.424 1.00 15.98 ? 60   THR A CA  1 
ATOM   476  C C   . THR A 1 61  ? 3.461   -1.262  -11.677 1.00 14.32 ? 60   THR A C   1 
ATOM   477  O O   . THR A 1 61  ? 4.065   -2.230  -12.126 1.00 12.76 ? 60   THR A O   1 
ATOM   478  C CB  . THR A 1 61  ? 2.633   -0.054  -13.679 1.00 16.18 ? 60   THR A CB  1 
ATOM   479  O OG1 . THR A 1 61  ? 2.560   1.218   -14.328 1.00 16.71 ? 60   THR A OG1 1 
ATOM   480  C CG2 . THR A 1 61  ? 1.169   -0.385  -13.322 1.00 17.25 ? 60   THR A CG2 1 
ATOM   481  N N   . THR A 1 62  ? 2.755   -1.297  -10.551 1.00 13.20 ? 61   THR A N   1 
ATOM   482  C CA  . THR A 1 62  ? 2.490   -2.537  -9.825  1.00 12.24 ? 61   THR A CA  1 
ATOM   483  C C   . THR A 1 62  ? 0.984   -2.684  -9.605  1.00 11.07 ? 61   THR A C   1 
ATOM   484  O O   . THR A 1 62  ? 0.253   -1.707  -9.573  1.00 11.04 ? 61   THR A O   1 
ATOM   485  C CB  . THR A 1 62  ? 3.207   -2.535  -8.472  1.00 12.76 ? 61   THR A CB  1 
ATOM   486  O OG1 . THR A 1 62  ? 2.757   -1.412  -7.703  1.00 14.06 ? 61   THR A OG1 1 
ATOM   487  C CG2 . THR A 1 62  ? 4.723   -2.353  -8.638  1.00 13.29 ? 61   THR A CG2 1 
ATOM   488  N N   . GLU A 1 63  ? 0.525   -3.912  -9.482  1.00 10.31 ? 62   GLU A N   1 
ATOM   489  C CA  . GLU A 1 63  ? -0.870  -4.122  -9.137  1.00 10.71 ? 62   GLU A CA  1 
ATOM   490  C C   . GLU A 1 63  ? -1.117  -5.469  -8.509  1.00 11.03 ? 62   GLU A C   1 
ATOM   491  O O   . GLU A 1 63  ? -0.327  -6.412  -8.642  1.00 11.02 ? 62   GLU A O   1 
ATOM   492  C CB  . GLU A 1 63  ? -1.758  -3.982  -10.362 1.00 11.14 ? 62   GLU A CB  1 
ATOM   493  C CG  . GLU A 1 63  ? -1.680  -5.111  -11.376 1.00 12.31 ? 62   GLU A CG  1 
ATOM   494  C CD  . GLU A 1 63  ? -2.633  -4.907  -12.550 1.00 15.93 ? 62   GLU A CD  1 
ATOM   495  O OE1 . GLU A 1 63  ? -2.655  -3.803  -13.134 1.00 13.68 ? 62   GLU A OE1 1 
ATOM   496  O OE2 . GLU A 1 63  ? -3.341  -5.861  -12.906 1.00 16.59 ? 62   GLU A OE2 1 
HETATM 497  N N   . CSO A 1 64  ? -2.267  -5.561  -7.868  1.00 11.56 ? 63   CSO A N   1 
HETATM 498  C CA  . CSO A 1 64  ? -2.704  -6.826  -7.301  1.00 12.01 ? 63   CSO A CA  1 
HETATM 499  C CB  . CSO A 1 64  ? -2.221  -7.003  -5.875  1.00 12.95 ? 63   CSO A CB  1 
HETATM 500  S SG  . CSO A 1 64  ? -2.864  -5.786  -4.711  1.00 16.41 ? 63   CSO A SG  1 
HETATM 501  C C   . CSO A 1 64  ? -4.205  -6.906  -7.319  1.00 10.73 ? 63   CSO A C   1 
HETATM 502  O O   . CSO A 1 64  ? -4.866  -5.903  -7.102  1.00 12.36 ? 63   CSO A O   1 
HETATM 503  O OD  . CSO A 1 64  ? -1.617  -5.703  -3.373  1.00 11.07 ? 63   CSO A OD  1 
ATOM   504  N N   . SER A 1 65  ? -4.712  -8.098  -7.607  1.00 10.79 ? 64   SER A N   1 
ATOM   505  C CA  . SER A 1 65  ? -6.143  -8.371  -7.555  1.00 10.83 ? 64   SER A CA  1 
ATOM   506  C C   . SER A 1 65  ? -6.374  -9.365  -6.427  1.00 10.23 ? 64   SER A C   1 
ATOM   507  O O   . SER A 1 65  ? -5.582  -10.293 -6.220  1.00 11.46 ? 64   SER A O   1 
ATOM   508  C CB  . SER A 1 65  ? -6.639  -8.935  -8.884  1.00 11.84 ? 64   SER A CB  1 
ATOM   509  O OG  . SER A 1 65  ? -6.347  -8.035  -9.928  1.00 13.39 ? 64   SER A OG  1 
ATOM   510  N N   . PHE A 1 66  ? -7.441  -9.139  -5.677  1.00 9.96  ? 65   PHE A N   1 
ATOM   511  C CA  . PHE A 1 66  ? -7.679  -9.900  -4.452  1.00 9.42  ? 65   PHE A CA  1 
ATOM   512  C C   . PHE A 1 66  ? -9.156  -9.867  -4.052  1.00 9.27  ? 65   PHE A C   1 
ATOM   513  O O   . PHE A 1 66  ? -9.929  -9.051  -4.542  1.00 9.23  ? 65   PHE A O   1 
ATOM   514  C CB  . PHE A 1 66  ? -6.853  -9.310  -3.300  1.00 9.44  ? 65   PHE A CB  1 
ATOM   515  C CG  . PHE A 1 66  ? -7.146  -7.854  -3.052  1.00 9.52  ? 65   PHE A CG  1 
ATOM   516  C CD1 . PHE A 1 66  ? -6.534  -6.896  -3.806  1.00 8.13  ? 65   PHE A CD1 1 
ATOM   517  C CD2 . PHE A 1 66  ? -8.114  -7.452  -2.144  1.00 8.63  ? 65   PHE A CD2 1 
ATOM   518  C CE1 . PHE A 1 66  ? -6.793  -5.585  -3.619  1.00 10.03 ? 65   PHE A CE1 1 
ATOM   519  C CE2 . PHE A 1 66  ? -8.426  -6.113  -1.986  1.00 9.74  ? 65   PHE A CE2 1 
ATOM   520  C CZ  . PHE A 1 66  ? -7.748  -5.172  -2.730  1.00 10.38 ? 65   PHE A CZ  1 
ATOM   521  N N   . LYS A 1 67  ? -9.539  -10.784 -3.170  1.00 9.00  ? 66   LYS A N   1 
ATOM   522  C CA  . LYS A 1 67  ? -10.810 -10.722 -2.477  1.00 9.33  ? 66   LYS A CA  1 
ATOM   523  C C   . LYS A 1 67  ? -10.539 -10.454 -1.018  1.00 9.27  ? 66   LYS A C   1 
ATOM   524  O O   . LYS A 1 67  ? -9.476  -10.806 -0.525  1.00 9.79  ? 66   LYS A O   1 
ATOM   525  C CB  . LYS A 1 67  ? -11.537 -12.056 -2.627  1.00 10.21 ? 66   LYS A CB  1 
ATOM   526  C CG  . LYS A 1 67  ? -11.844 -12.379 -4.092  1.00 12.84 ? 66   LYS A CG  1 
ATOM   527  C CD  . LYS A 1 67  ? -12.710 -13.604 -4.243  1.00 16.93 ? 66   LYS A CD  1 
ATOM   528  C CE  . LYS A 1 67  ? -14.153 -13.260 -3.974  1.00 19.15 ? 66   LYS A CE  1 
ATOM   529  N NZ  . LYS A 1 67  ? -15.067 -14.444 -4.044  1.00 22.28 ? 66   LYS A NZ  1 
ATOM   530  N N   . LEU A 1 68  ? -11.498 -9.863  -0.316  1.00 7.59  ? 67   LEU A N   1 
ATOM   531  C CA  . LEU A 1 68  ? -11.352 -9.604  1.118   1.00 8.20  ? 67   LEU A CA  1 
ATOM   532  C C   . LEU A 1 68  ? -11.337 -10.909 1.901   1.00 7.75  ? 67   LEU A C   1 
ATOM   533  O O   . LEU A 1 68  ? -12.112 -11.841 1.625   1.00 8.34  ? 67   LEU A O   1 
ATOM   534  C CB  . LEU A 1 68  ? -12.462 -8.718  1.630   1.00 8.03  ? 67   LEU A CB  1 
ATOM   535  C CG  . LEU A 1 68  ? -12.553 -7.302  1.040   1.00 10.67 ? 67   LEU A CG  1 
ATOM   536  C CD1 . LEU A 1 68  ? -13.603 -6.505  1.816   1.00 11.47 ? 67   LEU A CD1 1 
ATOM   537  C CD2 . LEU A 1 68  ? -11.230 -6.579  1.111   1.00 10.56 ? 67   LEU A CD2 1 
ATOM   538  N N   . GLY A 1 69  ? -10.439 -10.995 2.864   1.00 6.99  ? 68   GLY A N   1 
ATOM   539  C CA  . GLY A 1 69  ? -10.409 -12.154 3.746   1.00 7.44  ? 68   GLY A CA  1 
ATOM   540  C C   . GLY A 1 69  ? -9.921  -13.432 3.107   1.00 8.46  ? 68   GLY A C   1 
ATOM   541  O O   . GLY A 1 69  ? -10.199 -14.515 3.620   1.00 8.54  ? 68   GLY A O   1 
ATOM   542  N N   . GLU A 1 70  ? -9.180  -13.306 2.001   1.00 8.47  ? 69   GLU A N   1 
ATOM   543  C CA  . GLU A 1 70  ? -8.642  -14.443 1.257   1.00 9.71  ? 69   GLU A CA  1 
ATOM   544  C C   . GLU A 1 70  ? -7.149  -14.223 1.051   1.00 8.92  ? 69   GLU A C   1 
ATOM   545  O O   . GLU A 1 70  ? -6.764  -13.346 0.292   1.00 8.18  ? 69   GLU A O   1 
ATOM   546  C CB  . GLU A 1 70  ? -9.349  -14.589 -0.110  1.00 11.07 ? 69   GLU A CB  1 
ATOM   547  C CG  . GLU A 1 70  ? -8.957  -15.820 -0.912  1.00 15.52 ? 69   GLU A CG  1 
ATOM   548  C CD  . GLU A 1 70  ? -10.011 -16.282 -1.920  1.00 23.27 ? 69   GLU A CD  1 
ATOM   549  O OE1 . GLU A 1 70  ? -11.146 -15.760 -1.918  1.00 25.25 ? 69   GLU A OE1 1 
ATOM   550  O OE2 . GLU A 1 70  ? -9.702  -17.189 -2.712  1.00 28.26 ? 69   GLU A OE2 1 
ATOM   551  N N   . LYS A 1 71  ? -6.327  -15.030 1.711   1.00 9.31  ? 70   LYS A N   1 
ATOM   552  C CA  . LYS A 1 71  ? -4.865  -14.903 1.636   1.00 9.65  ? 70   LYS A CA  1 
ATOM   553  C C   . LYS A 1 71  ? -4.422  -15.048 0.188   1.00 10.38 ? 70   LYS A C   1 
ATOM   554  O O   . LYS A 1 71  ? -4.976  -15.862 -0.561  1.00 11.86 ? 70   LYS A O   1 
ATOM   555  C CB  . LYS A 1 71  ? -4.142  -15.925 2.546   1.00 11.95 ? 70   LYS A CB  1 
ATOM   556  C CG  . LYS A 1 71  ? -2.641  -15.631 2.726   1.00 17.08 ? 70   LYS A CG  1 
ATOM   557  C CD  . LYS A 1 71  ? -2.268  -15.056 4.112   1.00 23.57 ? 70   LYS A CD  1 
ATOM   558  C CE  . LYS A 1 71  ? -2.195  -16.122 5.198   1.00 26.59 ? 70   LYS A CE  1 
ATOM   559  N NZ  . LYS A 1 71  ? -2.206  -17.518 4.664   1.00 30.81 ? 70   LYS A NZ  1 
ATOM   560  N N   . PHE A 1 72  ? -3.461  -14.215 -0.212  1.00 9.82  ? 71   PHE A N   1 
ATOM   561  C CA  . PHE A 1 72  ? -2.908  -14.242 -1.553  1.00 9.56  ? 71   PHE A CA  1 
ATOM   562  C C   . PHE A 1 72  ? -1.414  -13.950 -1.579  1.00 10.26 ? 71   PHE A C   1 
ATOM   563  O O   . PHE A 1 72  ? -0.843  -13.418 -0.623  1.00 9.83  ? 71   PHE A O   1 
ATOM   564  C CB  . PHE A 1 72  ? -3.692  -13.319 -2.489  1.00 9.70  ? 71   PHE A CB  1 
ATOM   565  C CG  . PHE A 1 72  ? -3.575  -11.859 -2.181  1.00 7.89  ? 71   PHE A CG  1 
ATOM   566  C CD1 . PHE A 1 72  ? -4.338  -11.287 -1.170  1.00 6.80  ? 71   PHE A CD1 1 
ATOM   567  C CD2 . PHE A 1 72  ? -2.721  -11.042 -2.909  1.00 11.12 ? 71   PHE A CD2 1 
ATOM   568  C CE1 . PHE A 1 72  ? -4.253  -9.933  -0.896  1.00 8.97  ? 71   PHE A CE1 1 
ATOM   569  C CE2 . PHE A 1 72  ? -2.638  -9.701  -2.647  1.00 10.47 ? 71   PHE A CE2 1 
ATOM   570  C CZ  . PHE A 1 72  ? -3.386  -9.134  -1.638  1.00 10.04 ? 71   PHE A CZ  1 
ATOM   571  N N   . LYS A 1 73  ? -0.779  -14.359 -2.669  1.00 10.54 ? 72   LYS A N   1 
ATOM   572  C CA  . LYS A 1 73  ? 0.631   -14.088 -2.900  1.00 11.08 ? 72   LYS A CA  1 
ATOM   573  C C   . LYS A 1 73  ? 0.784   -12.735 -3.579  1.00 10.49 ? 72   LYS A C   1 
ATOM   574  O O   . LYS A 1 73  ? 0.134   -12.418 -4.572  1.00 10.71 ? 72   LYS A O   1 
ATOM   575  C CB  . LYS A 1 73  ? 1.263   -15.195 -3.741  1.00 12.31 ? 72   LYS A CB  1 
ATOM   576  C CG  . LYS A 1 73  ? 1.379   -16.505 -3.012  1.00 17.41 ? 72   LYS A CG  1 
ATOM   577  C CD  . LYS A 1 73  ? 1.736   -17.634 -3.969  1.00 22.17 ? 72   LYS A CD  1 
ATOM   578  C CE  . LYS A 1 73  ? 1.549   -19.017 -3.324  1.00 25.24 ? 72   LYS A CE  1 
ATOM   579  N NZ  . LYS A 1 73  ? 2.869   -19.609 -2.924  1.00 29.14 ? 72   LYS A NZ  1 
ATOM   580  N N   . GLU A 1 74  ? 1.621   -11.910 -2.989  1.00 10.34 ? 73   GLU A N   1 
ATOM   581  C CA  . GLU A 1 74  ? 1.889   -10.595 -3.511  1.00 10.23 ? 73   GLU A CA  1 
ATOM   582  C C   . GLU A 1 74  ? 3.389   -10.432 -3.704  1.00 9.36  ? 73   GLU A C   1 
ATOM   583  O O   . GLU A 1 74  ? 4.187   -11.042 -3.000  1.00 10.16 ? 73   GLU A O   1 
ATOM   584  C CB  . GLU A 1 74  ? 1.316   -9.528  -2.549  1.00 11.01 ? 73   GLU A CB  1 
ATOM   585  C CG  . GLU A 1 74  ? 1.667   -8.108  -2.940  1.00 12.67 ? 73   GLU A CG  1 
ATOM   586  C CD  . GLU A 1 74  ? 1.089   -7.038  -2.017  1.00 14.33 ? 73   GLU A CD  1 
ATOM   587  O OE1 . GLU A 1 74  ? 0.533   -7.372  -0.933  1.00 10.65 ? 73   GLU A OE1 1 
ATOM   588  O OE2 . GLU A 1 74  ? 1.207   -5.853  -2.423  1.00 16.99 ? 73   GLU A OE2 1 
ATOM   589  N N   . VAL A 1 75  ? 3.788   -9.647  -4.705  1.00 9.66  ? 74   VAL A N   1 
ATOM   590  C CA  . VAL A 1 75  ? 5.151   -9.200  -4.819  1.00 9.76  ? 74   VAL A CA  1 
ATOM   591  C C   . VAL A 1 75  ? 5.156   -7.683  -4.530  1.00 10.11 ? 74   VAL A C   1 
ATOM   592  O O   . VAL A 1 75  ? 4.416   -6.918  -5.144  1.00 10.62 ? 74   VAL A O   1 
ATOM   593  C CB  . VAL A 1 75  ? 5.741   -9.499  -6.190  1.00 10.24 ? 74   VAL A CB  1 
ATOM   594  C CG1 . VAL A 1 75  ? 7.138   -9.026  -6.255  1.00 9.35  ? 74   VAL A CG1 1 
ATOM   595  C CG2 . VAL A 1 75  ? 5.646   -11.016 -6.462  1.00 10.25 ? 74   VAL A CG2 1 
ATOM   596  N N   . THR A 1 76  ? 5.938   -7.266  -3.541  1.00 9.88  ? 75   THR A N   1 
ATOM   597  C CA  . THR A 1 76  ? 6.052   -5.852  -3.199  1.00 9.64  ? 75   THR A CA  1 
ATOM   598  C C   . THR A 1 76  ? 6.871   -5.092  -4.251  1.00 10.47 ? 75   THR A C   1 
ATOM   599  O O   . THR A 1 76  ? 7.552   -5.715  -5.062  1.00 9.32  ? 75   THR A O   1 
ATOM   600  C CB  . THR A 1 76  ? 6.724   -5.704  -1.811  1.00 8.82  ? 75   THR A CB  1 
ATOM   601  O OG1 . THR A 1 76  ? 8.056   -6.244  -1.846  1.00 8.65  ? 75   THR A OG1 1 
ATOM   602  C CG2 . THR A 1 76  ? 5.961   -6.502  -0.771  1.00 9.69  ? 75   THR A CG2 1 
ATOM   603  N N   . PRO A 1 77  ? 6.808   -3.764  -4.239  1.00 10.81 ? 76   PRO A N   1 
ATOM   604  C CA  . PRO A 1 77  ? 7.546   -2.973  -5.223  1.00 11.06 ? 76   PRO A CA  1 
ATOM   605  C C   . PRO A 1 77  ? 9.050   -3.208  -5.187  1.00 10.72 ? 76   PRO A C   1 
ATOM   606  O O   . PRO A 1 77  ? 9.667   -3.055  -6.220  1.00 11.23 ? 76   PRO A O   1 
ATOM   607  C CB  . PRO A 1 77  ? 7.207   -1.539  -4.841  1.00 11.35 ? 76   PRO A CB  1 
ATOM   608  C CG  . PRO A 1 77  ? 5.875   -1.640  -4.215  1.00 11.84 ? 76   PRO A CG  1 
ATOM   609  C CD  . PRO A 1 77  ? 5.964   -2.906  -3.393  1.00 11.66 ? 76   PRO A CD  1 
ATOM   610  N N   . ASP A 1 78  ? 9.623   -3.577  -4.036  1.00 10.60 ? 77   ASP A N   1 
ATOM   611  C CA  . ASP A 1 78  ? 11.051  -3.862  -3.893  1.00 10.63 ? 77   ASP A CA  1 
ATOM   612  C C   . ASP A 1 78  ? 11.381  -5.342  -4.147  1.00 11.30 ? 77   ASP A C   1 
ATOM   613  O O   . ASP A 1 78  ? 12.492  -5.786  -3.906  1.00 12.73 ? 77   ASP A O   1 
ATOM   614  C CB  . ASP A 1 78  ? 11.560  -3.436  -2.502  1.00 10.44 ? 77   ASP A CB  1 
ATOM   615  C CG  . ASP A 1 78  ? 10.897  -4.176  -1.404  1.00 9.08  ? 77   ASP A CG  1 
ATOM   616  O OD1 . ASP A 1 78  ? 9.652   -4.160  -1.340  1.00 9.15  ? 77   ASP A OD1 1 
ATOM   617  O OD2 . ASP A 1 78  ? 11.546  -4.805  -0.556  1.00 9.47  ? 77   ASP A OD2 1 
ATOM   618  N N   . SER A 1 79  ? 10.389  -6.079  -4.620  1.00 11.23 ? 78   SER A N   1 
ATOM   619  C CA  . SER A 1 79  ? 10.504  -7.464  -5.115  1.00 11.82 ? 78   SER A CA  1 
ATOM   620  C C   A SER A 1 79  ? 10.791  -8.467  -3.969  0.50 11.14 ? 78   SER A C   1 
ATOM   621  C C   B SER A 1 79  ? 10.552  -8.597  -4.083  0.50 11.15 ? 78   SER A C   1 
ATOM   622  O O   A SER A 1 79  ? 11.750  -9.257  -4.022  0.50 11.44 ? 78   SER A O   1 
ATOM   623  O O   B SER A 1 79  ? 10.989  -9.702  -4.391  0.50 12.18 ? 78   SER A O   1 
ATOM   624  C CB  A SER A 1 79  ? 11.556  -7.586  -6.207  0.50 12.10 ? 78   SER A CB  1 
ATOM   625  C CB  B SER A 1 79  ? 11.612  -7.562  -6.172  0.50 12.07 ? 78   SER A CB  1 
ATOM   626  O OG  A SER A 1 79  ? 11.418  -8.844  -6.841  0.50 14.26 ? 78   SER A OG  1 
ATOM   627  O OG  B SER A 1 79  ? 11.437  -6.545  -7.154  0.50 13.96 ? 78   SER A OG  1 
ATOM   628  N N   . ARG A 1 80  ? 10.022  -8.352  -2.881  1.00 10.04 ? 79   ARG A N   1 
ATOM   629  C CA  . ARG A 1 80  ? 9.890   -9.406  -1.901  1.00 9.49  ? 79   ARG A CA  1 
ATOM   630  C C   . ARG A 1 80  ? 8.612   -10.157 -2.207  1.00 9.78  ? 79   ARG A C   1 
ATOM   631  O O   . ARG A 1 80  ? 7.574   -9.548  -2.475  1.00 9.56  ? 79   ARG A O   1 
ATOM   632  C CB  . ARG A 1 80  ? 9.807   -8.865  -0.471  1.00 8.69  ? 79   ARG A CB  1 
ATOM   633  C CG  . ARG A 1 80  ? 11.118  -8.413  0.113   1.00 7.82  ? 79   ARG A CG  1 
ATOM   634  C CD  . ARG A 1 80  ? 10.983  -7.699  1.478   1.00 9.41  ? 79   ARG A CD  1 
ATOM   635  N NE  . ARG A 1 80  ? 10.310  -6.421  1.274   1.00 7.93  ? 79   ARG A NE  1 
ATOM   636  C CZ  . ARG A 1 80  ? 9.124   -6.077  1.773   1.00 6.32  ? 79   ARG A CZ  1 
ATOM   637  N NH1 . ARG A 1 80  ? 8.477   -6.874  2.591   1.00 7.16  ? 79   ARG A NH1 1 
ATOM   638  N NH2 . ARG A 1 80  ? 8.590   -4.938  1.382   1.00 7.15  ? 79   ARG A NH2 1 
ATOM   639  N N   . GLU A 1 81  ? 8.681   -11.475 -2.088  1.00 10.84 ? 80   GLU A N   1 
ATOM   640  C CA  . GLU A 1 81  ? 7.503   -12.347 -2.179  1.00 11.64 ? 80   GLU A CA  1 
ATOM   641  C C   . GLU A 1 81  ? 6.864   -12.387 -0.802  1.00 10.47 ? 80   GLU A C   1 
ATOM   642  O O   . GLU A 1 81  ? 7.512   -12.731 0.182   1.00 11.76 ? 80   GLU A O   1 
ATOM   643  C CB  . GLU A 1 81  ? 7.916   -13.767 -2.592  1.00 12.50 ? 80   GLU A CB  1 
ATOM   644  C CG  . GLU A 1 81  ? 8.316   -13.878 -4.058  1.00 17.04 ? 80   GLU A CG  1 
ATOM   645  C CD  . GLU A 1 81  ? 8.530   -15.313 -4.522  1.00 23.19 ? 80   GLU A CD  1 
ATOM   646  O OE1 . GLU A 1 81  ? 7.817   -16.225 -4.040  1.00 28.41 ? 80   GLU A OE1 1 
ATOM   647  O OE2 . GLU A 1 81  ? 9.402   -15.531 -5.396  1.00 29.60 ? 80   GLU A OE2 1 
ATOM   648  N N   . VAL A 1 82  ? 5.612   -11.974 -0.717  1.00 9.10  ? 81   VAL A N   1 
ATOM   649  C CA  . VAL A 1 82  ? 4.929   -11.943 0.566   1.00 8.93  ? 81   VAL A CA  1 
ATOM   650  C C   . VAL A 1 82  ? 3.592   -12.634 0.538   1.00 8.61  ? 81   VAL A C   1 
ATOM   651  O O   . VAL A 1 82  ? 2.973   -12.752 -0.511  1.00 8.47  ? 81   VAL A O   1 
ATOM   652  C CB  . VAL A 1 82  ? 4.759   -10.491 1.065   1.00 8.55  ? 81   VAL A CB  1 
ATOM   653  C CG1 . VAL A 1 82  ? 6.112   -9.820  1.135   1.00 10.17 ? 81   VAL A CG1 1 
ATOM   654  C CG2 . VAL A 1 82  ? 3.805   -9.699  0.185   1.00 9.81  ? 81   VAL A CG2 1 
ATOM   655  N N   . ALA A 1 83  ? 3.154   -13.092 1.699   1.00 7.89  ? 82   ALA A N   1 
ATOM   656  C CA  . ALA A 1 83  ? 1.808   -13.590 1.886   1.00 7.89  ? 82   ALA A CA  1 
ATOM   657  C C   . ALA A 1 83  ? 0.977   -12.435 2.398   1.00 8.09  ? 82   ALA A C   1 
ATOM   658  O O   . ALA A 1 83  ? 1.282   -11.867 3.459   1.00 8.93  ? 82   ALA A O   1 
ATOM   659  C CB  . ALA A 1 83  ? 1.792   -14.725 2.857   1.00 8.87  ? 82   ALA A CB  1 
ATOM   660  N N   . SER A 1 84  ? -0.066  -12.090 1.673   1.00 6.67  ? 83   SER A N   1 
ATOM   661  C CA  . SER A 1 84  ? -0.905  -10.931 2.011   1.00 6.90  ? 83   SER A CA  1 
ATOM   662  C C   . SER A 1 84  ? -2.348  -11.265 2.306   1.00 6.82  ? 83   SER A C   1 
ATOM   663  O O   . SER A 1 84  ? -2.857  -12.294 1.869   1.00 7.32  ? 83   SER A O   1 
ATOM   664  C CB  . SER A 1 84  ? -0.830  -9.905  0.874   1.00 6.74  ? 83   SER A CB  1 
ATOM   665  O OG  . SER A 1 84  ? 0.517   -9.483  0.739   1.00 7.61  ? 83   SER A OG  1 
ATOM   666  N N   . LEU A 1 85  ? -3.013  -10.369 3.040   1.00 6.70  ? 84   LEU A N   1 
ATOM   667  C CA  . LEU A 1 85  ? -4.395  -10.551 3.435   1.00 6.57  ? 84   LEU A CA  1 
ATOM   668  C C   . LEU A 1 85  ? -4.969  -9.167  3.653   1.00 6.14  ? 84   LEU A C   1 
ATOM   669  O O   . LEU A 1 85  ? -4.433  -8.365  4.399   1.00 6.48  ? 84   LEU A O   1 
ATOM   670  C CB  . LEU A 1 85  ? -4.485  -11.348 4.749   1.00 6.92  ? 84   LEU A CB  1 
ATOM   671  C CG  . LEU A 1 85  ? -5.875  -11.766 5.227   1.00 10.14 ? 84   LEU A CG  1 
ATOM   672  C CD1 . LEU A 1 85  ? -6.608  -12.683 4.312   1.00 12.92 ? 84   LEU A CD1 1 
ATOM   673  C CD2 . LEU A 1 85  ? -5.679  -12.482 6.556   1.00 12.12 ? 84   LEU A CD2 1 
ATOM   674  N N   . ILE A 1 86  ? -6.055  -8.868  2.979   1.00 6.38  ? 85   ILE A N   1 
ATOM   675  C CA  . ILE A 1 86  ? -6.704  -7.582  3.068   1.00 6.22  ? 85   ILE A CA  1 
ATOM   676  C C   . ILE A 1 86  ? -8.143  -7.786  3.569   1.00 6.12  ? 85   ILE A C   1 
ATOM   677  O O   . ILE A 1 86  ? -8.881  -8.609  3.039   1.00 6.23  ? 85   ILE A O   1 
ATOM   678  C CB  . ILE A 1 86  ? -6.711  -6.912  1.686   1.00 5.78  ? 85   ILE A CB  1 
ATOM   679  C CG1 . ILE A 1 86  ? -5.280  -6.585  1.250   1.00 6.29  ? 85   ILE A CG1 1 
ATOM   680  C CG2 . ILE A 1 86  ? -7.572  -5.632  1.755   1.00 6.09  ? 85   ILE A CG2 1 
ATOM   681  C CD1 . ILE A 1 86  ? -5.139  -6.030  -0.138  1.00 6.65  ? 85   ILE A CD1 1 
ATOM   682  N N   . THR A 1 87  ? -8.526  -7.024  4.586   1.00 6.81  ? 86   THR A N   1 
ATOM   683  C CA  . THR A 1 87  ? -9.909  -6.956  5.037   1.00 8.06  ? 86   THR A CA  1 
ATOM   684  C C   . THR A 1 87  ? -10.305 -5.512  5.239   1.00 8.35  ? 86   THR A C   1 
ATOM   685  O O   . THR A 1 87  ? -9.466  -4.600  5.184   1.00 8.61  ? 86   THR A O   1 
ATOM   686  C CB  . THR A 1 87  ? -10.111 -7.745  6.346   1.00 8.65  ? 86   THR A CB  1 
ATOM   687  O OG1 . THR A 1 87  ? -9.179  -7.284  7.338   1.00 11.63 ? 86   THR A OG1 1 
ATOM   688  C CG2 . THR A 1 87  ? -9.784  -9.200  6.146   1.00 8.74  ? 86   THR A CG2 1 
ATOM   689  N N   . VAL A 1 88  ? -11.586 -5.288  5.498   1.00 10.52 ? 87   VAL A N   1 
ATOM   690  C CA  . VAL A 1 88  ? -12.041 -3.954  5.893   1.00 11.99 ? 87   VAL A CA  1 
ATOM   691  C C   . VAL A 1 88  ? -12.811 -4.044  7.205   1.00 14.07 ? 87   VAL A C   1 
ATOM   692  O O   . VAL A 1 88  ? -13.751 -4.850  7.318   1.00 15.29 ? 87   VAL A O   1 
ATOM   693  C CB  . VAL A 1 88  ? -12.916 -3.281  4.831   1.00 12.26 ? 87   VAL A CB  1 
ATOM   694  C CG1 . VAL A 1 88  ? -13.420 -1.943  5.364   1.00 14.54 ? 87   VAL A CG1 1 
ATOM   695  C CG2 . VAL A 1 88  ? -12.133 -3.082  3.545   1.00 12.13 ? 87   VAL A CG2 1 
ATOM   696  N N   . GLU A 1 89  ? -12.409 -3.227  8.171   1.00 16.20 ? 88   GLU A N   1 
ATOM   697  C CA  . GLU A 1 89  ? -12.951 -3.258  9.535   1.00 17.41 ? 88   GLU A CA  1 
ATOM   698  C C   . GLU A 1 89  ? -13.150 -1.858  10.078  1.00 17.67 ? 88   GLU A C   1 
ATOM   699  O O   . GLU A 1 89  ? -12.192 -1.106  10.227  1.00 16.95 ? 88   GLU A O   1 
ATOM   700  C CB  . GLU A 1 89  ? -12.023 -4.031  10.475  1.00 18.71 ? 88   GLU A CB  1 
ATOM   701  C CG  . GLU A 1 89  ? -12.558 -4.140  11.913  1.00 22.97 ? 88   GLU A CG  1 
ATOM   702  C CD  . GLU A 1 89  ? -11.689 -4.975  12.842  1.00 28.74 ? 88   GLU A CD  1 
ATOM   703  O OE1 . GLU A 1 89  ? -10.567 -5.370  12.453  1.00 35.19 ? 88   GLU A OE1 1 
ATOM   704  O OE2 . GLU A 1 89  ? -12.140 -5.229  13.983  1.00 31.65 ? 88   GLU A OE2 1 
ATOM   705  N N   . ASN A 1 90  ? -14.392 -1.538  10.425  1.00 18.10 ? 89   ASN A N   1 
ATOM   706  C CA  . ASN A 1 90  ? -14.753 -0.202  10.915  1.00 18.58 ? 89   ASN A CA  1 
ATOM   707  C C   . ASN A 1 90  ? -14.199 0.897   10.013  1.00 18.20 ? 89   ASN A C   1 
ATOM   708  O O   . ASN A 1 90  ? -13.642 1.894   10.496  1.00 19.22 ? 89   ASN A O   1 
ATOM   709  C CB  . ASN A 1 90  ? -14.304 0.001   12.369  1.00 19.41 ? 89   ASN A CB  1 
ATOM   710  C CG  . ASN A 1 90  ? -15.002 -0.932  13.328  1.00 21.69 ? 89   ASN A CG  1 
ATOM   711  O OD1 . ASN A 1 90  ? -16.204 -1.162  13.219  1.00 26.85 ? 89   ASN A OD1 1 
ATOM   712  N ND2 . ASN A 1 90  ? -14.254 -1.476  14.279  1.00 24.72 ? 89   ASN A ND2 1 
ATOM   713  N N   . GLY A 1 91  ? -14.333 0.679   8.708   1.00 17.46 ? 90   GLY A N   1 
ATOM   714  C CA  . GLY A 1 91  ? -13.947 1.639   7.691   1.00 16.83 ? 90   GLY A CA  1 
ATOM   715  C C   . GLY A 1 91  ? -12.499 1.583   7.255   1.00 16.15 ? 90   GLY A C   1 
ATOM   716  O O   . GLY A 1 91  ? -12.158 2.242   6.291   1.00 16.72 ? 90   GLY A O   1 
ATOM   717  N N   . VAL A 1 92  ? -11.668 0.798   7.939   1.00 14.23 ? 91   VAL A N   1 
ATOM   718  C CA  . VAL A 1 92  ? -10.216 0.801   7.733   1.00 13.11 ? 91   VAL A CA  1 
ATOM   719  C C   . VAL A 1 92  ? -9.868  -0.386  6.849   1.00 12.06 ? 91   VAL A C   1 
ATOM   720  O O   . VAL A 1 92  ? -10.210 -1.542  7.167   1.00 11.30 ? 91   VAL A O   1 
ATOM   721  C CB  . VAL A 1 92  ? -9.410  0.706   9.070   1.00 13.71 ? 91   VAL A CB  1 
ATOM   722  C CG1 . VAL A 1 92  ? -7.901  0.757   8.823   1.00 14.23 ? 91   VAL A CG1 1 
ATOM   723  C CG2 . VAL A 1 92  ? -9.793  1.820   10.051  1.00 14.72 ? 91   VAL A CG2 1 
ATOM   724  N N   . MET A 1 93  ? -9.210  -0.113  5.729   1.00 9.92  ? 92   MET A N   1 
ATOM   725  C CA  . MET A 1 93  ? -8.655  -1.210  4.972   1.00 9.32  ? 92   MET A CA  1 
ATOM   726  C C   . MET A 1 93  ? -7.401  -1.675  5.710   1.00 9.17  ? 92   MET A C   1 
ATOM   727  O O   . MET A 1 93  ? -6.485  -0.886  5.923   1.00 10.32 ? 92   MET A O   1 
ATOM   728  C CB  . MET A 1 93  ? -8.345  -0.788  3.543   1.00 9.17  ? 92   MET A CB  1 
ATOM   729  C CG  . MET A 1 93  ? -7.881  -1.973  2.704   1.00 8.63  ? 92   MET A CG  1 
ATOM   730  S SD  . MET A 1 93  ? -7.033  -1.638  1.142   1.00 10.86 ? 92   MET A SD  1 
ATOM   731  C CE  . MET A 1 93  ? -8.102  -0.387  0.505   1.00 11.20 ? 92   MET A CE  1 
ATOM   732  N N   . LYS A 1 94  ? -7.370  -2.962  6.052   1.00 8.40  ? 93   LYS A N   1 
ATOM   733  C CA  . LYS A 1 94  ? -6.261  -3.582  6.753   1.00 8.65  ? 93   LYS A CA  1 
ATOM   734  C C   . LYS A 1 94  ? -5.579  -4.530  5.780   1.00 8.21  ? 93   LYS A C   1 
ATOM   735  O O   . LYS A 1 94  ? -6.169  -5.503  5.316   1.00 9.53  ? 93   LYS A O   1 
ATOM   736  C CB  . LYS A 1 94  ? -6.758  -4.322  8.002   1.00 9.30  ? 93   LYS A CB  1 
ATOM   737  C CG  . LYS A 1 94  ? -7.351  -3.401  9.063   1.00 12.42 ? 93   LYS A CG  1 
ATOM   738  C CD  . LYS A 1 94  ? -8.094  -4.173  10.114  1.00 16.49 ? 93   LYS A CD  1 
ATOM   739  C CE  . LYS A 1 94  ? -7.196  -4.601  11.258  1.00 18.81 ? 93   LYS A CE  1 
ATOM   740  N NZ  . LYS A 1 94  ? -7.970  -5.474  12.195  1.00 21.22 ? 93   LYS A NZ  1 
ATOM   741  N N   . HIS A 1 95  ? -4.315  -4.269  5.506   1.00 6.48  ? 94   HIS A N   1 
ATOM   742  C CA  . HIS A 1 95  ? -3.550  -4.981  4.503   1.00 6.82  ? 94   HIS A CA  1 
ATOM   743  C C   . HIS A 1 95  ? -2.237  -5.427  5.168   1.00 6.70  ? 94   HIS A C   1 
ATOM   744  O O   . HIS A 1 95  ? -1.373  -4.613  5.446   1.00 5.32  ? 94   HIS A O   1 
ATOM   745  C CB  . HIS A 1 95  ? -3.305  -4.011  3.351   1.00 7.24  ? 94   HIS A CB  1 
ATOM   746  C CG  . HIS A 1 95  ? -2.504  -4.553  2.205   1.00 5.36  ? 94   HIS A CG  1 
ATOM   747  N ND1 . HIS A 1 95  ? -2.217  -3.773  1.103   1.00 6.85  ? 94   HIS A ND1 1 
ATOM   748  C CD2 . HIS A 1 95  ? -1.943  -5.769  1.958   1.00 6.15  ? 94   HIS A CD2 1 
ATOM   749  C CE1 . HIS A 1 95  ? -1.480  -4.462  0.257   1.00 8.10  ? 94   HIS A CE1 1 
ATOM   750  N NE2 . HIS A 1 95  ? -1.323  -5.681  0.731   1.00 7.08  ? 94   HIS A NE2 1 
ATOM   751  N N   . GLU A 1 96  ? -2.111  -6.727  5.452   1.00 6.10  ? 95   GLU A N   1 
ATOM   752  C CA  . GLU A 1 96  ? -0.860  -7.272  5.988   1.00 7.12  ? 95   GLU A CA  1 
ATOM   753  C C   . GLU A 1 96  ? -0.020  -7.913  4.897   1.00 7.12  ? 95   GLU A C   1 
ATOM   754  O O   . GLU A 1 96  ? -0.556  -8.462  3.947   1.00 8.50  ? 95   GLU A O   1 
ATOM   755  C CB  . GLU A 1 96  ? -1.092  -8.306  7.084   1.00 6.98  ? 95   GLU A CB  1 
ATOM   756  C CG  . GLU A 1 96  ? -1.796  -9.553  6.572   1.00 10.12 ? 95   GLU A CG  1 
ATOM   757  C CD  . GLU A 1 96  ? -2.105  -10.552 7.677   1.00 8.48  ? 95   GLU A CD  1 
ATOM   758  O OE1 . GLU A 1 96  ? -3.059  -10.377 8.471   1.00 9.71  ? 95   GLU A OE1 1 
ATOM   759  O OE2 . GLU A 1 96  ? -1.369  -11.557 7.707   1.00 9.54  ? 95   GLU A OE2 1 
ATOM   760  N N   . GLN A 1 97  ? 1.294   -7.877  5.074   1.00 6.75  ? 96   GLN A N   1 
ATOM   761  C CA  . GLN A 1 97  ? 2.262   -8.468  4.140   1.00 7.06  ? 96   GLN A CA  1 
ATOM   762  C C   . GLN A 1 97  ? 3.338   -9.177  4.949   1.00 7.73  ? 96   GLN A C   1 
ATOM   763  O O   . GLN A 1 97  ? 4.162   -8.521  5.597   1.00 7.41  ? 96   GLN A O   1 
ATOM   764  C CB  . GLN A 1 97  ? 2.935   -7.402  3.279   1.00 8.16  ? 96   GLN A CB  1 
ATOM   765  C CG  . GLN A 1 97  ? 2.013   -6.607  2.400   1.00 6.36  ? 96   GLN A CG  1 
ATOM   766  C CD  . GLN A 1 97  ? 2.692   -5.475  1.733   1.00 9.90  ? 96   GLN A CD  1 
ATOM   767  O OE1 . GLN A 1 97  ? 3.526   -4.796  2.345   1.00 11.18 ? 96   GLN A OE1 1 
ATOM   768  N NE2 . GLN A 1 97  ? 2.271   -5.179  0.505   1.00 11.06 ? 96   GLN A NE2 1 
ATOM   769  N N   . ASP A 1 98  ? 3.363   -10.503 4.911   1.00 7.60  ? 97   ASP A N   1 
ATOM   770  C CA  . ASP A 1 98  ? 4.342   -11.294 5.648   1.00 7.68  ? 97   ASP A CA  1 
ATOM   771  C C   . ASP A 1 98  ? 5.427   -11.757 4.687   1.00 8.23  ? 97   ASP A C   1 
ATOM   772  O O   . ASP A 1 98  ? 5.166   -12.557 3.786   1.00 7.81  ? 97   ASP A O   1 
ATOM   773  C CB  . ASP A 1 98  ? 3.618   -12.501 6.268   1.00 8.25  ? 97   ASP A CB  1 
ATOM   774  C CG  . ASP A 1 98  ? 4.547   -13.474 6.909   1.00 10.89 ? 97   ASP A CG  1 
ATOM   775  O OD1 . ASP A 1 98  ? 5.694   -13.095 7.237   1.00 11.13 ? 97   ASP A OD1 1 
ATOM   776  O OD2 . ASP A 1 98  ? 4.154   -14.647 7.138   1.00 15.59 ? 97   ASP A OD2 1 
ATOM   777  N N   . ASP A 1 99  ? 6.660   -11.299 4.902   1.00 8.25  ? 98   ASP A N   1 
ATOM   778  C CA  . ASP A 1 99  ? 7.769   -11.655 4.038   1.00 8.78  ? 98   ASP A CA  1 
ATOM   779  C C   . ASP A 1 99  ? 8.653   -12.758 4.634   1.00 10.38 ? 98   ASP A C   1 
ATOM   780  O O   . ASP A 1 99  ? 9.679   -13.115 4.049   1.00 10.56 ? 98   ASP A O   1 
ATOM   781  C CB  . ASP A 1 99  ? 8.575   -10.411 3.600   1.00 8.08  ? 98   ASP A CB  1 
ATOM   782  C CG  . ASP A 1 99  ? 9.391   -9.793  4.713   1.00 8.14  ? 98   ASP A CG  1 
ATOM   783  O OD1 . ASP A 1 99  ? 9.826   -10.504 5.624   1.00 8.68  ? 98   ASP A OD1 1 
ATOM   784  O OD2 . ASP A 1 99  ? 9.669   -8.590  4.718   1.00 9.64  ? 98   ASP A OD2 1 
ATOM   785  N N   . LYS A 1 100 ? 8.222   -13.285 5.780   1.00 11.98 ? 99   LYS A N   1 
ATOM   786  C CA  . LYS A 1 100 ? 8.861   -14.395 6.538   1.00 13.58 ? 99   LYS A CA  1 
ATOM   787  C C   . LYS A 1 100 ? 9.926   -13.921 7.525   1.00 13.67 ? 99   LYS A C   1 
ATOM   788  O O   . LYS A 1 100 ? 10.402  -14.724 8.368   1.00 15.00 ? 99   LYS A O   1 
ATOM   789  C CB  . LYS A 1 100 ? 9.433   -15.510 5.646   1.00 14.53 ? 99   LYS A CB  1 
ATOM   790  C CG  . LYS A 1 100 ? 8.476   -16.129 4.672   1.00 18.88 ? 99   LYS A CG  1 
ATOM   791  C CD  . LYS A 1 100 ? 9.252   -17.075 3.738   1.00 24.55 ? 99   LYS A CD  1 
ATOM   792  C CE  . LYS A 1 100 ? 8.351   -17.917 2.844   1.00 28.26 ? 99   LYS A CE  1 
ATOM   793  N NZ  . LYS A 1 100 ? 8.768   -17.819 1.405   1.00 30.66 ? 99   LYS A NZ  1 
ATOM   794  N N   . THR A 1 101 ? 10.326  -12.653 7.421   1.00 12.92 ? 100  THR A N   1 
ATOM   795  C CA  . THR A 1 101 ? 11.180  -12.027 8.425   1.00 12.55 ? 100  THR A CA  1 
ATOM   796  C C   . THR A 1 101 ? 10.406  -10.954 9.182   1.00 11.28 ? 100  THR A C   1 
ATOM   797  O O   . THR A 1 101 ? 10.480  -10.890 10.414  1.00 13.00 ? 100  THR A O   1 
ATOM   798  C CB  . THR A 1 101 ? 12.409  -11.400 7.777   1.00 12.57 ? 100  THR A CB  1 
ATOM   799  O OG1 . THR A 1 101 ? 13.237  -12.437 7.206   1.00 16.37 ? 100  THR A OG1 1 
ATOM   800  C CG2 . THR A 1 101 ? 13.300  -10.693 8.825   1.00 13.52 ? 100  THR A CG2 1 
ATOM   801  N N   . LYS A 1 102 ? 9.732   -10.082 8.419   1.00 10.19 ? 101  LYS A N   1 
ATOM   802  C CA  . LYS A 1 102 ? 8.905   -9.007  8.943   1.00 9.34  ? 101  LYS A CA  1 
ATOM   803  C C   . LYS A 1 102 ? 7.490   -9.116  8.430   1.00 8.66  ? 101  LYS A C   1 
ATOM   804  O O   . LYS A 1 102 ? 7.275   -9.520  7.292   1.00 8.41  ? 101  LYS A O   1 
ATOM   805  C CB  . LYS A 1 102 ? 9.451   -7.660  8.491   1.00 9.41  ? 101  LYS A CB  1 
ATOM   806  C CG  . LYS A 1 102 ? 10.844  -7.328  8.954   1.00 9.54  ? 101  LYS A CG  1 
ATOM   807  C CD  . LYS A 1 102 ? 10.947  -7.245  10.449  1.00 11.42 ? 101  LYS A CD  1 
ATOM   808  C CE  . LYS A 1 102 ? 12.329  -6.790  10.886  1.00 12.89 ? 101  LYS A CE  1 
ATOM   809  N NZ  . LYS A 1 102 ? 12.483  -6.859  12.374  1.00 12.17 ? 101  LYS A NZ  1 
ATOM   810  N N   . VAL A 1 103 ? 6.540   -8.677  9.246   1.00 8.65  ? 102  VAL A N   1 
ATOM   811  C CA  . VAL A 1 103 ? 5.180   -8.457  8.782   1.00 8.56  ? 102  VAL A CA  1 
ATOM   812  C C   . VAL A 1 103 ? 5.007   -6.946  8.685   1.00 7.95  ? 102  VAL A C   1 
ATOM   813  O O   . VAL A 1 103 ? 5.290   -6.217  9.633   1.00 9.11  ? 102  VAL A O   1 
ATOM   814  C CB  . VAL A 1 103 ? 4.118   -9.071  9.712   1.00 9.20  ? 102  VAL A CB  1 
ATOM   815  C CG1 . VAL A 1 103 ? 2.724   -8.811  9.180   1.00 10.15 ? 102  VAL A CG1 1 
ATOM   816  C CG2 . VAL A 1 103 ? 4.324   -10.548 9.875   1.00 10.58 ? 102  VAL A CG2 1 
ATOM   817  N N   . THR A 1 104 ? 4.550   -6.499  7.525   1.00 6.40  ? 103  THR A N   1 
ATOM   818  C CA  . THR A 1 104 ? 4.204   -5.103  7.306   1.00 6.16  ? 103  THR A CA  1 
ATOM   819  C C   . THR A 1 104 ? 2.702   -4.966  7.471   1.00 6.94  ? 103  THR A C   1 
ATOM   820  O O   . THR A 1 104 ? 1.951   -5.731  6.869   1.00 7.55  ? 103  THR A O   1 
ATOM   821  C CB  . THR A 1 104 ? 4.607   -4.640  5.911   1.00 6.16  ? 103  THR A CB  1 
ATOM   822  O OG1 . THR A 1 104 ? 6.019   -4.815  5.714   1.00 6.20  ? 103  THR A OG1 1 
ATOM   823  C CG2 . THR A 1 104 ? 4.325   -3.158  5.738   1.00 6.74  ? 103  THR A CG2 1 
ATOM   824  N N   . TYR A 1 105 ? 2.271   -3.998  8.276   1.00 6.58  ? 104  TYR A N   1 
ATOM   825  C CA  . TYR A 1 105 ? 0.865   -3.714  8.503   1.00 6.91  ? 104  TYR A CA  1 
ATOM   826  C C   . TYR A 1 105 ? 0.551   -2.363  7.881   1.00 6.77  ? 104  TYR A C   1 
ATOM   827  O O   . TYR A 1 105 ? 1.091   -1.337  8.283   1.00 8.70  ? 104  TYR A O   1 
ATOM   828  C CB  . TYR A 1 105 ? 0.531   -3.698  9.993   1.00 6.74  ? 104  TYR A CB  1 
ATOM   829  C CG  . TYR A 1 105 ? 0.769   -5.000  10.697  1.00 7.88  ? 104  TYR A CG  1 
ATOM   830  C CD1 . TYR A 1 105 ? -0.166  -6.018  10.662  1.00 7.31  ? 104  TYR A CD1 1 
ATOM   831  C CD2 . TYR A 1 105 ? 1.932   -5.213  11.413  1.00 8.75  ? 104  TYR A CD2 1 
ATOM   832  C CE1 . TYR A 1 105 ? 0.058   -7.203  11.325  1.00 8.04  ? 104  TYR A CE1 1 
ATOM   833  C CE2 . TYR A 1 105 ? 2.159   -6.402  12.096  1.00 9.87  ? 104  TYR A CE2 1 
ATOM   834  C CZ  . TYR A 1 105 ? 1.227   -7.397  12.038  1.00 9.61  ? 104  TYR A CZ  1 
ATOM   835  O OH  . TYR A 1 105 ? 1.481   -8.562  12.706  1.00 13.18 ? 104  TYR A OH  1 
ATOM   836  N N   . ILE A 1 106 ? -0.341  -2.373  6.910   1.00 6.15  ? 105  ILE A N   1 
ATOM   837  C CA  . ILE A 1 106 ? -0.802  -1.165  6.240   1.00 5.82  ? 105  ILE A CA  1 
ATOM   838  C C   . ILE A 1 106 ? -2.264  -0.957  6.645   1.00 6.64  ? 105  ILE A C   1 
ATOM   839  O O   . ILE A 1 106 ? -3.053  -1.892  6.676   1.00 7.92  ? 105  ILE A O   1 
ATOM   840  C CB  . ILE A 1 106 ? -0.685  -1.301  4.695   1.00 6.66  ? 105  ILE A CB  1 
ATOM   841  C CG1 . ILE A 1 106 ? 0.728   -1.724  4.305   1.00 6.94  ? 105  ILE A CG1 1 
ATOM   842  C CG2 . ILE A 1 106 ? -1.091  -0.013  4.024   1.00 7.53  ? 105  ILE A CG2 1 
ATOM   843  C CD1 . ILE A 1 106 ? 0.833   -2.221  2.871   1.00 8.97  ? 105  ILE A CD1 1 
ATOM   844  N N   . GLU A 1 107 ? -2.618  0.281   6.984   1.00 6.35  ? 106  GLU A N   1 
ATOM   845  C CA  . GLU A 1 107 ? -4.007  0.650   7.257   1.00 7.35  ? 106  GLU A CA  1 
ATOM   846  C C   . GLU A 1 107 ? -4.320  1.817   6.346   1.00 7.87  ? 106  GLU A C   1 
ATOM   847  O O   . GLU A 1 107 ? -3.576  2.790   6.344   1.00 8.82  ? 106  GLU A O   1 
ATOM   848  C CB  . GLU A 1 107 ? -4.213  1.066   8.725   1.00 8.46  ? 106  GLU A CB  1 
ATOM   849  C CG  . GLU A 1 107 ? -3.891  0.017   9.792   1.00 12.36 ? 106  GLU A CG  1 
ATOM   850  C CD  . GLU A 1 107 ? -3.656  0.604   11.205  1.00 15.35 ? 106  GLU A CD  1 
ATOM   851  O OE1 . GLU A 1 107 ? -3.786  1.834   11.415  1.00 17.14 ? 106  GLU A OE1 1 
ATOM   852  O OE2 . GLU A 1 107 ? -3.319  -0.180  12.145  1.00 18.55 ? 106  GLU A OE2 1 
ATOM   853  N N   . ARG A 1 108 ? -5.402  1.735   5.591   1.00 7.78  ? 107  ARG A N   1 
ATOM   854  C CA  . ARG A 1 108 ? -5.846  2.851   4.769   1.00 7.96  ? 107  ARG A CA  1 
ATOM   855  C C   . ARG A 1 108 ? -7.176  3.350   5.289   1.00 8.82  ? 107  ARG A C   1 
ATOM   856  O O   . ARG A 1 108 ? -8.068  2.555   5.534   1.00 8.37  ? 107  ARG A O   1 
ATOM   857  C CB  . ARG A 1 108 ? -5.983  2.429   3.309   1.00 8.29  ? 107  ARG A CB  1 
ATOM   858  C CG  . ARG A 1 108 ? -4.628  2.051   2.670   1.00 7.48  ? 107  ARG A CG  1 
ATOM   859  C CD  . ARG A 1 108 ? -4.699  1.591   1.237   1.00 7.54  ? 107  ARG A CD  1 
ATOM   860  N NE  . ARG A 1 108 ? -3.356  1.322   0.734   1.00 7.70  ? 107  ARG A NE  1 
ATOM   861  C CZ  . ARG A 1 108 ? -2.813  0.127   0.652   1.00 8.32  ? 107  ARG A CZ  1 
ATOM   862  N NH1 . ARG A 1 108 ? -3.461  -0.955  1.027   1.00 8.67  ? 107  ARG A NH1 1 
ATOM   863  N NH2 . ARG A 1 108 ? -1.564  0.021   0.248   1.00 9.56  ? 107  ARG A NH2 1 
ATOM   864  N N   . VAL A 1 109 ? -7.277  4.657   5.468   1.00 9.85  ? 108  VAL A N   1 
ATOM   865  C CA  . VAL A 1 109 ? -8.549  5.278   5.871   1.00 11.12 ? 108  VAL A CA  1 
ATOM   866  C C   . VAL A 1 109 ? -8.860  6.463   4.980   1.00 11.54 ? 108  VAL A C   1 
ATOM   867  O O   . VAL A 1 109 ? -7.948  7.155   4.547   1.00 11.21 ? 108  VAL A O   1 
ATOM   868  C CB  . VAL A 1 109 ? -8.502  5.715   7.315   1.00 12.01 ? 108  VAL A CB  1 
ATOM   869  C CG1 . VAL A 1 109 ? -8.170  4.531   8.212   1.00 14.58 ? 108  VAL A CG1 1 
ATOM   870  C CG2 . VAL A 1 109 ? -7.515  6.841   7.535   1.00 12.62 ? 108  VAL A CG2 1 
ATOM   871  N N   . VAL A 1 110 ? -10.144 6.675   4.726   1.00 12.34 ? 109  VAL A N   1 
ATOM   872  C CA  . VAL A 1 110 ? -10.595 7.759   3.874   1.00 12.82 ? 109  VAL A CA  1 
ATOM   873  C C   . VAL A 1 110 ? -11.500 8.684   4.682   1.00 13.16 ? 109  VAL A C   1 
ATOM   874  O O   . VAL A 1 110 ? -12.420 8.247   5.375   1.00 13.43 ? 109  VAL A O   1 
ATOM   875  C CB  . VAL A 1 110 ? -11.353 7.225   2.679   1.00 12.21 ? 109  VAL A CB  1 
ATOM   876  C CG1 . VAL A 1 110 ? -12.165 8.345   1.963   1.00 15.20 ? 109  VAL A CG1 1 
ATOM   877  C CG2 . VAL A 1 110 ? -10.398 6.550   1.716   1.00 14.10 ? 109  VAL A CG2 1 
ATOM   878  N N   . GLU A 1 111 ? -11.233 9.965   4.539   1.00 13.99 ? 110  GLU A N   1 
ATOM   879  C CA  . GLU A 1 111 ? -12.131 10.982  5.062   1.00 15.76 ? 110  GLU A CA  1 
ATOM   880  C C   . GLU A 1 111 ? -12.222 12.048  4.003   1.00 16.05 ? 110  GLU A C   1 
ATOM   881  O O   . GLU A 1 111 ? -11.249 12.762  3.740   1.00 15.48 ? 110  GLU A O   1 
ATOM   882  C CB  . GLU A 1 111 ? -11.612 11.564  6.360   1.00 16.99 ? 110  GLU A CB  1 
ATOM   883  C CG  . GLU A 1 111 ? -12.507 12.658  6.962   1.00 19.47 ? 110  GLU A CG  1 
ATOM   884  C CD  . GLU A 1 111 ? -13.908 12.167  7.310   1.00 22.62 ? 110  GLU A CD  1 
ATOM   885  O OE1 . GLU A 1 111 ? -14.024 11.167  8.043   1.00 25.11 ? 110  GLU A OE1 1 
ATOM   886  O OE2 . GLU A 1 111 ? -14.899 12.753  6.813   1.00 26.63 ? 110  GLU A OE2 1 
ATOM   887  N N   . GLY A 1 112 ? -13.392 12.140  3.389   1.00 17.29 ? 111  GLY A N   1 
ATOM   888  C CA  . GLY A 1 112 ? -13.623 13.089  2.319   1.00 17.15 ? 111  GLY A CA  1 
ATOM   889  C C   . GLY A 1 112 ? -12.684 12.839  1.167   1.00 17.60 ? 111  GLY A C   1 
ATOM   890  O O   . GLY A 1 112 ? -12.652 11.729  0.605   1.00 18.36 ? 111  GLY A O   1 
ATOM   891  N N   . ASN A 1 113 ? -11.904 13.857  0.840   1.00 17.55 ? 112  ASN A N   1 
ATOM   892  C CA  . ASN A 1 113 ? -11.052 13.808  -0.336  1.00 18.00 ? 112  ASN A CA  1 
ATOM   893  C C   . ASN A 1 113 ? -9.682  13.242  -0.019  1.00 16.99 ? 112  ASN A C   1 
ATOM   894  O O   . ASN A 1 113 ? -8.823  13.218  -0.888  1.00 17.10 ? 112  ASN A O   1 
ATOM   895  C CB  . ASN A 1 113 ? -10.905 15.219  -0.948  1.00 18.58 ? 112  ASN A CB  1 
ATOM   896  C CG  . ASN A 1 113 ? -12.086 15.610  -1.833  1.00 21.80 ? 112  ASN A CG  1 
ATOM   897  O OD1 . ASN A 1 113 ? -12.789 14.754  -2.381  1.00 28.68 ? 112  ASN A OD1 1 
ATOM   898  N ND2 . ASN A 1 113 ? -12.292 16.926  -1.990  1.00 27.37 ? 112  ASN A ND2 1 
ATOM   899  N N   . GLU A 1 114 ? -9.481  12.754  1.203   1.00 15.57 ? 113  GLU A N   1 
ATOM   900  C CA  . GLU A 1 114 ? -8.138  12.378  1.634   1.00 15.26 ? 113  GLU A CA  1 
ATOM   901  C C   . GLU A 1 114 ? -8.049  10.917  2.022   1.00 13.50 ? 113  GLU A C   1 
ATOM   902  O O   . GLU A 1 114 ? -8.850  10.455  2.809   1.00 15.04 ? 113  GLU A O   1 
ATOM   903  C CB  . GLU A 1 114 ? -7.754  13.217  2.828   1.00 16.05 ? 113  GLU A CB  1 
ATOM   904  C CG  . GLU A 1 114 ? -6.319  13.026  3.290   1.00 19.54 ? 113  GLU A CG  1 
ATOM   905  C CD  . GLU A 1 114 ? -5.817  14.204  4.104   1.00 23.59 ? 113  GLU A CD  1 
ATOM   906  O OE1 . GLU A 1 114 ? -5.849  14.094  5.345   1.00 24.98 ? 113  GLU A OE1 1 
ATOM   907  O OE2 . GLU A 1 114 ? -5.399  15.232  3.496   1.00 25.32 ? 113  GLU A OE2 1 
ATOM   908  N N   . LEU A 1 115 ? -7.074  10.190  1.468   1.00 11.60 ? 114  LEU A N   1 
ATOM   909  C CA  . LEU A 1 115 ? -6.773  8.821   1.905   1.00 10.64 ? 114  LEU A CA  1 
ATOM   910  C C   . LEU A 1 115 ? -5.453  8.828   2.654   1.00 9.94  ? 114  LEU A C   1 
ATOM   911  O O   . LEU A 1 115 ? -4.462  9.352   2.152   1.00 10.66 ? 114  LEU A O   1 
ATOM   912  C CB  . LEU A 1 115 ? -6.676  7.905   0.690   1.00 10.09 ? 114  LEU A CB  1 
ATOM   913  C CG  . LEU A 1 115 ? -6.537  6.397   0.927   1.00 9.64  ? 114  LEU A CG  1 
ATOM   914  C CD1 . LEU A 1 115 ? -7.154  5.659   -0.225  1.00 9.88  ? 114  LEU A CD1 1 
ATOM   915  C CD2 . LEU A 1 115 ? -5.064  6.020   1.111   1.00 10.74 ? 114  LEU A CD2 1 
ATOM   916  N N   . LYS A 1 116 ? -5.430  8.251   3.850   1.00 10.39 ? 115  LYS A N   1 
ATOM   917  C CA  . LYS A 1 116 ? -4.216  8.169   4.648   1.00 10.01 ? 115  LYS A CA  1 
ATOM   918  C C   . LYS A 1 116 ? -3.825  6.708   4.795   1.00 9.70  ? 115  LYS A C   1 
ATOM   919  O O   . LYS A 1 116 ? -4.604  5.892   5.283   1.00 9.51  ? 115  LYS A O   1 
ATOM   920  C CB  . LYS A 1 116 ? -4.363  8.835   6.029   1.00 11.35 ? 115  LYS A CB  1 
ATOM   921  C CG  . LYS A 1 116 ? -4.305  10.348  5.988   1.00 16.05 ? 115  LYS A CG  1 
ATOM   922  C CD  . LYS A 1 116 ? -3.855  10.912  7.343   1.00 19.67 ? 115  LYS A CD  1 
ATOM   923  C CE  . LYS A 1 116 ? -3.595  12.418  7.261   1.00 22.31 ? 115  LYS A CE  1 
ATOM   924  N NZ  . LYS A 1 116 ? -2.212  12.787  6.821   1.00 25.32 ? 115  LYS A NZ  1 
ATOM   925  N N   . ALA A 1 117 ? -2.604  6.396   4.375   1.00 8.32  ? 116  ALA A N   1 
ATOM   926  C CA  . ALA A 1 117 ? -2.061  5.040   4.476   1.00 8.23  ? 116  ALA A CA  1 
ATOM   927  C C   . ALA A 1 117 ? -1.007  5.021   5.549   1.00 7.74  ? 116  ALA A C   1 
ATOM   928  O O   . ALA A 1 117 ? 0.057   5.642   5.388   1.00 9.20  ? 116  ALA A O   1 
ATOM   929  C CB  . ALA A 1 117 ? -1.457  4.615   3.176   1.00 7.62  ? 116  ALA A CB  1 
ATOM   930  N N   . THR A 1 118 ? -1.282  4.331   6.643   1.00 6.77  ? 117  THR A N   1 
ATOM   931  C CA  . THR A 1 118 ? -0.298  4.142   7.716   1.00 7.24  ? 117  THR A CA  1 
ATOM   932  C C   . THR A 1 118 ? 0.401   2.812   7.487   1.00 6.51  ? 117  THR A C   1 
ATOM   933  O O   . THR A 1 118 ? -0.264  1.813   7.295   1.00 7.70  ? 117  THR A O   1 
ATOM   934  C CB  . THR A 1 118 ? -1.016  4.123   9.059   1.00 7.95  ? 117  THR A CB  1 
ATOM   935  O OG1 . THR A 1 118 ? -1.683  5.377   9.263   1.00 10.30 ? 117  THR A OG1 1 
ATOM   936  C CG2 . THR A 1 118 ? -0.044  3.978   10.235  1.00 9.49  ? 117  THR A CG2 1 
ATOM   937  N N   . VAL A 1 119 ? 1.721   2.826   7.506   1.00 6.33  ? 118  VAL A N   1 
ATOM   938  C CA  . VAL A 1 119 ? 2.534   1.643   7.270   1.00 6.50  ? 118  VAL A CA  1 
ATOM   939  C C   . VAL A 1 119 ? 3.380   1.428   8.512   1.00 6.77  ? 118  VAL A C   1 
ATOM   940  O O   . VAL A 1 119 ? 4.087   2.342   8.979   1.00 6.96  ? 118  VAL A O   1 
ATOM   941  C CB  . VAL A 1 119 ? 3.454   1.834   6.044   1.00 5.79  ? 118  VAL A CB  1 
ATOM   942  C CG1 . VAL A 1 119 ? 4.246   0.585   5.738   1.00 6.63  ? 118  VAL A CG1 1 
ATOM   943  C CG2 . VAL A 1 119 ? 2.640   2.276   4.849   1.00 7.66  ? 118  VAL A CG2 1 
ATOM   944  N N   . LYS A 1 120 ? 3.316   0.215   9.044   1.00 6.38  ? 119  LYS A N   1 
ATOM   945  C CA  . LYS A 1 120 ? 4.006   -0.139  10.270  1.00 6.48  ? 119  LYS A CA  1 
ATOM   946  C C   . LYS A 1 120 ? 4.833   -1.398  10.080  1.00 6.14  ? 119  LYS A C   1 
ATOM   947  O O   . LYS A 1 120 ? 4.337   -2.378  9.525   1.00 5.87  ? 119  LYS A O   1 
ATOM   948  C CB  . LYS A 1 120 ? 3.013   -0.355  11.393  1.00 6.97  ? 119  LYS A CB  1 
ATOM   949  C CG  . LYS A 1 120 ? 2.313   0.923   11.813  1.00 11.85 ? 119  LYS A CG  1 
ATOM   950  C CD  . LYS A 1 120 ? 1.490   0.703   13.054  1.00 16.16 ? 119  LYS A CD  1 
ATOM   951  C CE  . LYS A 1 120 ? 0.274   -0.105  12.774  1.00 19.65 ? 119  LYS A CE  1 
ATOM   952  N NZ  . LYS A 1 120 ? -0.873  0.789   12.550  1.00 22.87 ? 119  LYS A NZ  1 
ATOM   953  N N   . VAL A 1 121 ? 6.063   -1.374  10.565  1.00 5.44  ? 120  VAL A N   1 
ATOM   954  C CA  . VAL A 1 121 ? 6.930   -2.559  10.635  1.00 5.51  ? 120  VAL A CA  1 
ATOM   955  C C   . VAL A 1 121 ? 7.583   -2.480  11.997  1.00 6.06  ? 120  VAL A C   1 
ATOM   956  O O   . VAL A 1 121 ? 8.244   -1.477  12.297  1.00 6.24  ? 120  VAL A O   1 
ATOM   957  C CB  . VAL A 1 121 ? 8.027   -2.567  9.508   1.00 4.93  ? 120  VAL A CB  1 
ATOM   958  C CG1 . VAL A 1 121 ? 8.937   -3.792  9.641   1.00 5.71  ? 120  VAL A CG1 1 
ATOM   959  C CG2 . VAL A 1 121 ? 7.396   -2.552  8.147   1.00 7.50  ? 120  VAL A CG2 1 
ATOM   960  N N   . ASP A 1 122 ? 7.401   -3.517  12.801  1.00 6.02  ? 121  ASP A N   1 
ATOM   961  C CA  . ASP A 1 122 ? 7.783   -3.417  14.226  1.00 6.42  ? 121  ASP A CA  1 
ATOM   962  C C   . ASP A 1 122 ? 7.200   -2.114  14.804  1.00 6.81  ? 121  ASP A C   1 
ATOM   963  O O   . ASP A 1 122 ? 6.023   -1.869  14.636  1.00 6.83  ? 121  ASP A O   1 
ATOM   964  C CB  . ASP A 1 122 ? 9.304   -3.475  14.362  1.00 6.96  ? 121  ASP A CB  1 
ATOM   965  C CG  . ASP A 1 122 ? 9.922   -4.686  13.698  1.00 8.40  ? 121  ASP A CG  1 
ATOM   966  O OD1 . ASP A 1 122 ? 9.313   -5.789  13.719  1.00 10.77 ? 121  ASP A OD1 1 
ATOM   967  O OD2 . ASP A 1 122 ? 11.030  -4.623  13.156  1.00 11.05 ? 121  ASP A OD2 1 
ATOM   968  N N   . GLU A 1 123 ? 8.032   -1.298  15.457  1.00 7.06  ? 122  GLU A N   1 
ATOM   969  C CA  . GLU A 1 123 ? 7.620   -0.019  16.032  1.00 6.88  ? 122  GLU A CA  1 
ATOM   970  C C   . GLU A 1 123 ? 7.670   1.175   15.089  1.00 7.20  ? 122  GLU A C   1 
ATOM   971  O O   . GLU A 1 123 ? 7.285   2.295   15.463  1.00 7.17  ? 122  GLU A O   1 
ATOM   972  C CB  . GLU A 1 123 ? 8.472   0.285   17.270  1.00 7.13  ? 122  GLU A CB  1 
ATOM   973  C CG  . GLU A 1 123 ? 9.786   0.986   17.005  1.00 8.45  ? 122  GLU A CG  1 
ATOM   974  C CD  . GLU A 1 123 ? 10.897  0.127   16.441  1.00 11.51 ? 122  GLU A CD  1 
ATOM   975  O OE1 . GLU A 1 123 ? 10.711  -1.086  16.244  1.00 11.37 ? 122  GLU A OE1 1 
ATOM   976  O OE2 . GLU A 1 123 ? 12.007  0.684   16.224  1.00 14.70 ? 122  GLU A OE2 1 
ATOM   977  N N   . VAL A 1 124 ? 8.157   0.961   13.867  1.00 5.54  ? 123  VAL A N   1 
ATOM   978  C CA  . VAL A 1 124 ? 8.320   2.025   12.877  1.00 6.61  ? 123  VAL A CA  1 
ATOM   979  C C   . VAL A 1 124 ? 7.006   2.404   12.269  1.00 7.10  ? 123  VAL A C   1 
ATOM   980  O O   . VAL A 1 124 ? 6.215   1.522   11.913  1.00 7.18  ? 123  VAL A O   1 
ATOM   981  C CB  . VAL A 1 124 ? 9.284   1.588   11.755  1.00 6.78  ? 123  VAL A CB  1 
ATOM   982  C CG1 . VAL A 1 124 ? 9.486   2.726   10.746  1.00 7.79  ? 123  VAL A CG1 1 
ATOM   983  C CG2 . VAL A 1 124 ? 10.630  1.138   12.328  1.00 7.45  ? 123  VAL A CG2 1 
ATOM   984  N N   . VAL A 1 125 ? 6.747   3.705   12.191  1.00 7.09  ? 124  VAL A N   1 
ATOM   985  C CA  . VAL A 1 125 ? 5.505   4.228   11.672  1.00 7.91  ? 124  VAL A CA  1 
ATOM   986  C C   . VAL A 1 125 ? 5.738   5.200   10.513  1.00 8.51  ? 124  VAL A C   1 
ATOM   987  O O   . VAL A 1 125 ? 6.558   6.110   10.601  1.00 8.86  ? 124  VAL A O   1 
ATOM   988  C CB  . VAL A 1 125 ? 4.685   4.964   12.755  1.00 9.18  ? 124  VAL A CB  1 
ATOM   989  C CG1 . VAL A 1 125 ? 3.360   5.394   12.203  1.00 10.27 ? 124  VAL A CG1 1 
ATOM   990  C CG2 . VAL A 1 125 ? 4.507   4.094   13.974  1.00 10.00 ? 124  VAL A CG2 1 
ATOM   991  N N   . CYS A 1 126 ? 5.002   4.975   9.423   1.00 7.65  ? 125  CYS A N   1 
ATOM   992  C CA  . CYS A 1 126 ? 5.032   5.849   8.266   1.00 7.58  ? 125  CYS A CA  1 
ATOM   993  C C   . CYS A 1 126 ? 3.593   6.244   7.945   1.00 7.54  ? 125  CYS A C   1 
ATOM   994  O O   . CYS A 1 126 ? 2.676   5.449   8.080   1.00 6.21  ? 125  CYS A O   1 
ATOM   995  C CB  . CYS A 1 126 ? 5.662   5.092   7.088   1.00 7.77  ? 125  CYS A CB  1 
ATOM   996  S SG  . CYS A 1 126 ? 5.156   5.654   5.449   1.00 8.07  ? 125  CYS A SG  1 
ATOM   997  N N   . VAL A 1 127 ? 3.389   7.493   7.531   1.00 8.41  ? 126  VAL A N   1 
ATOM   998  C CA  . VAL A 1 127 ? 2.091   7.913   7.041   1.00 9.36  ? 126  VAL A CA  1 
ATOM   999  C C   . VAL A 1 127 ? 2.261   8.555   5.672   1.00 8.60  ? 126  VAL A C   1 
ATOM   1000 O O   . VAL A 1 127 ? 3.083   9.463   5.525   1.00 9.78  ? 126  VAL A O   1 
ATOM   1001 C CB  . VAL A 1 127 ? 1.389   8.924   7.988   1.00 10.29 ? 126  VAL A CB  1 
ATOM   1002 C CG1 . VAL A 1 127 ? 0.010   9.177   7.466   1.00 10.50 ? 126  VAL A CG1 1 
ATOM   1003 C CG2 . VAL A 1 127 ? 1.340   8.397   9.413   1.00 11.99 ? 126  VAL A CG2 1 
ATOM   1004 N N   . ARG A 1 128 ? 1.486   8.069   4.706   1.00 9.09  ? 127  ARG A N   1 
ATOM   1005 C CA  . ARG A 1 128 ? 1.437   8.568   3.327   1.00 9.11  ? 127  ARG A CA  1 
ATOM   1006 C C   . ARG A 1 128 ? 0.048   9.074   3.018   1.00 10.10 ? 127  ARG A C   1 
ATOM   1007 O O   . ARG A 1 128 ? -0.936  8.337   3.156   1.00 10.50 ? 127  ARG A O   1 
ATOM   1008 C CB  . ARG A 1 128 ? 1.851   7.464   2.358   1.00 9.60  ? 127  ARG A CB  1 
ATOM   1009 C CG  . ARG A 1 128 ? 3.337   7.150   2.490   1.00 9.91  ? 127  ARG A CG  1 
ATOM   1010 C CD  . ARG A 1 128 ? 3.724   5.757   2.053   1.00 9.77  ? 127  ARG A CD  1 
ATOM   1011 N NE  . ARG A 1 128 ? 3.830   5.556   0.613   1.00 11.02 ? 127  ARG A NE  1 
ATOM   1012 C CZ  . ARG A 1 128 ? 4.824   5.948   -0.168  1.00 9.29  ? 127  ARG A CZ  1 
ATOM   1013 N NH1 . ARG A 1 128 ? 5.789   6.754   0.259   1.00 8.94  ? 127  ARG A NH1 1 
ATOM   1014 N NH2 . ARG A 1 128 ? 4.799   5.584   -1.457  1.00 10.15 ? 127  ARG A NH2 1 
ATOM   1015 N N   . THR A 1 129 ? -0.037  10.361  2.652   1.00 9.71  ? 128  THR A N   1 
ATOM   1016 C CA  . THR A 1 129 ? -1.319  11.027  2.468   1.00 10.40 ? 128  THR A CA  1 
ATOM   1017 C C   . THR A 1 129 ? -1.576  11.289  0.999   1.00 10.74 ? 128  THR A C   1 
ATOM   1018 O O   . THR A 1 129 ? -0.720  11.855  0.308   1.00 10.65 ? 128  THR A O   1 
ATOM   1019 C CB  . THR A 1 129 ? -1.298  12.349  3.231   1.00 10.90 ? 128  THR A CB  1 
ATOM   1020 O OG1 . THR A 1 129 ? -0.988  12.099  4.608   1.00 13.09 ? 128  THR A OG1 1 
ATOM   1021 C CG2 . THR A 1 129 ? -2.663  13.013  3.219   1.00 11.82 ? 128  THR A CG2 1 
ATOM   1022 N N   . TYR A 1 130 ? -2.761  10.906  0.551   1.00 10.46 ? 129  TYR A N   1 
ATOM   1023 C CA  . TYR A 1 130 ? -3.163  10.984  -0.846  1.00 10.91 ? 129  TYR A CA  1 
ATOM   1024 C C   . TYR A 1 130 ? -4.392  11.872  -0.975  1.00 12.41 ? 129  TYR A C   1 
ATOM   1025 O O   . TYR A 1 130 ? -5.198  11.950  -0.053  1.00 12.28 ? 129  TYR A O   1 
ATOM   1026 C CB  . TYR A 1 130 ? -3.575  9.608   -1.358  1.00 11.17 ? 129  TYR A CB  1 
ATOM   1027 C CG  . TYR A 1 130 ? -2.498  8.547   -1.475  1.00 8.66  ? 129  TYR A CG  1 
ATOM   1028 C CD1 . TYR A 1 130 ? -1.993  7.896   -0.356  1.00 9.80  ? 129  TYR A CD1 1 
ATOM   1029 C CD2 . TYR A 1 130 ? -2.019  8.178   -2.719  1.00 8.55  ? 129  TYR A CD2 1 
ATOM   1030 C CE1 . TYR A 1 130 ? -1.022  6.897   -0.487  1.00 9.36  ? 129  TYR A CE1 1 
ATOM   1031 C CE2 . TYR A 1 130 ? -1.063  7.187   -2.853  1.00 9.74  ? 129  TYR A CE2 1 
ATOM   1032 C CZ  . TYR A 1 130 ? -0.557  6.568   -1.747  1.00 11.00 ? 129  TYR A CZ  1 
ATOM   1033 O OH  . TYR A 1 130 ? 0.392   5.595   -1.962  1.00 10.73 ? 129  TYR A OH  1 
ATOM   1034 N N   . SER A 1 131 ? -4.533  12.514  -2.127  1.00 12.83 ? 130  SER A N   1 
ATOM   1035 C CA  . SER A 1 131 ? -5.715  13.325  -2.443  1.00 14.06 ? 130  SER A CA  1 
ATOM   1036 C C   . SER A 1 131 ? -6.502  12.626  -3.548  1.00 14.45 ? 130  SER A C   1 
ATOM   1037 O O   . SER A 1 131 ? -5.927  12.029  -4.442  1.00 14.19 ? 130  SER A O   1 
ATOM   1038 C CB  . SER A 1 131 ? -5.271  14.719  -2.886  1.00 14.20 ? 130  SER A CB  1 
ATOM   1039 O OG  . SER A 1 131 ? -4.488  14.619  -4.070  1.00 17.89 ? 130  SER A OG  1 
ATOM   1040 N N   . LYS A 1 132 ? -7.822  12.731  -3.512  1.00 15.50 ? 131  LYS A N   1 
ATOM   1041 C CA  . LYS A 1 132 ? -8.666  12.139  -4.520  1.00 17.22 ? 131  LYS A CA  1 
ATOM   1042 C C   . LYS A 1 132 ? -8.558  12.894  -5.854  1.00 17.70 ? 131  LYS A C   1 
ATOM   1043 O O   . LYS A 1 132 ? -8.636  14.128  -5.892  1.00 18.78 ? 131  LYS A O   1 
ATOM   1044 C CB  . LYS A 1 132 ? -10.115 12.143  -4.012  1.00 17.40 ? 131  LYS A CB  1 
ATOM   1045 C CG  . LYS A 1 132 ? -10.966 11.144  -4.705  1.00 20.01 ? 131  LYS A CG  1 
ATOM   1046 C CD  . LYS A 1 132 ? -12.304 10.894  -4.005  1.00 24.39 ? 131  LYS A CD  1 
ATOM   1047 C CE  . LYS A 1 132 ? -12.761 9.440   -4.158  1.00 24.92 ? 131  LYS A CE  1 
ATOM   1048 N NZ  . LYS A 1 132 ? -12.497 8.829   -5.512  1.00 28.79 ? 131  LYS A NZ  1 
ATOM   1049 N N   . VAL A 1 133 ? -8.352  12.157  -6.934  1.00 18.49 ? 132  VAL A N   1 
ATOM   1050 C CA  . VAL A 1 133 ? -8.271  12.738  -8.272  1.00 19.76 ? 132  VAL A CA  1 
ATOM   1051 C C   . VAL A 1 133 ? -9.637  12.628  -8.939  1.00 21.05 ? 132  VAL A C   1 
ATOM   1052 O O   . VAL A 1 133 ? -10.167 13.602  -9.499  1.00 22.13 ? 132  VAL A O   1 
ATOM   1053 C CB  . VAL A 1 133 ? -7.229  11.999  -9.130  1.00 19.43 ? 132  VAL A CB  1 
ATOM   1054 C CG1 . VAL A 1 133 ? -7.189  12.591  -10.540 1.00 20.70 ? 132  VAL A CG1 1 
ATOM   1055 C CG2 . VAL A 1 133 ? -5.846  12.053  -8.455  1.00 20.31 ? 132  VAL A CG2 1 
ATOM   1056 N N   . ALA A 1 134 ? -10.178 11.420  -8.909  1.00 22.71 ? 133  ALA A N   1 
ATOM   1057 C CA  . ALA A 1 134 ? -11.515 11.139  -9.414  1.00 23.85 ? 133  ALA A CA  1 
ATOM   1058 C C   . ALA A 1 134 ? -12.126 9.945   -8.677  1.00 24.94 ? 133  ALA A C   1 
ATOM   1059 O O   . ALA A 1 134 ? -11.362 9.140   -8.129  1.00 23.81 ? 133  ALA A O   1 
ATOM   1060 C CB  . ALA A 1 134 ? -11.434 10.870  -10.883 1.00 24.35 ? 133  ALA A CB  1 
ATOM   1061 O OXT . ALA A 1 134 ? -13.360 9.765   -8.597  1.00 25.31 ? 133  ALA A OXT 1 
HETATM 1062 C C1  . PLM B 2 .   ? 1.027   2.977   0.243   1.00 14.62 ? 1136 PLM A C1  1 
HETATM 1063 O O1  . PLM B 2 .   ? 1.320   4.221   0.050   1.00 12.89 ? 1136 PLM A O1  1 
HETATM 1064 O O2  . PLM B 2 .   ? -0.100  2.541   -0.282  1.00 15.63 ? 1136 PLM A O2  1 
HETATM 1065 C C2  . PLM B 2 .   ? 1.983   2.113   1.061   1.00 14.51 ? 1136 PLM A C2  1 
HETATM 1066 C C3  . PLM B 2 .   ? 2.425   0.856   0.327   1.00 16.42 ? 1136 PLM A C3  1 
HETATM 1067 C C4  . PLM B 2 .   ? 3.529   0.178   1.144   1.00 17.94 ? 1136 PLM A C4  1 
HETATM 1068 C C5  . PLM B 2 .   ? 3.924   -1.152  0.512   1.00 16.39 ? 1136 PLM A C5  1 
HETATM 1069 C C6  . PLM B 2 .   ? 4.932   -1.948  1.356   1.00 18.93 ? 1136 PLM A C6  1 
HETATM 1070 C C7  . PLM B 2 .   ? 6.305   -1.301  1.561   1.00 19.95 ? 1136 PLM A C7  1 
HETATM 1071 C C8  . PLM B 2 .   ? 7.247   -1.734  0.466   1.00 19.04 ? 1136 PLM A C8  1 
HETATM 1072 C C9  . PLM B 2 .   ? 8.594   -1.029  0.477   1.00 17.18 ? 1136 PLM A C9  1 
HETATM 1073 C CA  . PLM B 2 .   ? 9.136   -0.933  -0.938  1.00 16.86 ? 1136 PLM A CA  1 
HETATM 1074 C CB  . PLM B 2 .   ? 9.510   0.466   -1.353  1.00 17.93 ? 1136 PLM A CB  1 
HETATM 1075 C CC  . PLM B 2 .   ? 9.941   0.590   -2.813  1.00 17.45 ? 1136 PLM A CC  1 
HETATM 1076 C CD  . PLM B 2 .   ? 9.486   1.905   -3.407  1.00 20.46 ? 1136 PLM A CD  1 
HETATM 1077 C CE  . PLM B 2 .   ? 8.238   1.824   -4.271  1.00 22.91 ? 1136 PLM A CE  1 
HETATM 1078 C CF  . PLM B 2 .   ? 7.787   3.221   -4.689  1.00 24.46 ? 1136 PLM A CF  1 
HETATM 1079 C CG  . PLM B 2 .   ? 6.530   3.238   -5.553  1.00 25.25 ? 1136 PLM A CG  1 
HETATM 1080 O O   . HOH C 3 .   ? -16.117 -4.258  2.522   1.00 23.82 ? 2001 HOH A O   1 
HETATM 1081 O O   . HOH C 3 .   ? -15.749 7.831   2.932   1.00 25.21 ? 2002 HOH A O   1 
HETATM 1082 O O   . HOH C 3 .   ? -10.324 2.889   -13.476 1.00 22.13 ? 2003 HOH A O   1 
HETATM 1083 O O   . HOH C 3 .   ? -14.973 7.572   0.341   1.00 29.08 ? 2004 HOH A O   1 
HETATM 1084 O O   . HOH C 3 .   ? -14.103 6.918   -2.916  1.00 21.49 ? 2005 HOH A O   1 
HETATM 1085 O O   . HOH C 3 .   ? -11.017 4.000   -11.020 1.00 20.95 ? 2006 HOH A O   1 
HETATM 1086 O O   . HOH C 3 .   ? -10.930 6.750   -10.906 1.00 18.50 ? 2007 HOH A O   1 
HETATM 1087 O O   . HOH C 3 .   ? -7.048  6.680   -13.008 1.00 26.67 ? 2008 HOH A O   1 
HETATM 1088 O O   . HOH C 3 .   ? -12.053 0.958   -14.502 1.00 20.80 ? 2009 HOH A O   1 
HETATM 1089 O O   . HOH C 3 .   ? 2.202   14.976  -5.327  1.00 18.29 ? 2010 HOH A O   1 
HETATM 1090 O O   . HOH C 3 .   ? 21.858  -4.197  0.285   1.00 17.50 ? 2011 HOH A O   1 
HETATM 1091 O O   . HOH C 3 .   ? 3.768   16.471  -3.230  1.00 28.40 ? 2012 HOH A O   1 
HETATM 1092 O O   . HOH C 3 .   ? 6.586   14.010  1.208   1.00 17.70 ? 2013 HOH A O   1 
HETATM 1093 O O   . HOH C 3 .   ? 8.535   9.275   3.807   1.00 10.30 ? 2014 HOH A O   1 
HETATM 1094 O O   . HOH C 3 .   ? -10.920 -1.515  -15.232 1.00 27.20 ? 2015 HOH A O   1 
HETATM 1095 O O   . HOH C 3 .   ? 16.601  7.989   6.278   1.00 25.25 ? 2016 HOH A O   1 
HETATM 1096 O O   . HOH C 3 .   ? -14.033 -0.243  -12.808 1.00 21.82 ? 2017 HOH A O   1 
HETATM 1097 O O   . HOH C 3 .   ? -12.789 -4.177  -15.250 1.00 23.31 ? 2018 HOH A O   1 
HETATM 1098 O O   . HOH C 3 .   ? 14.180  1.560   10.445  1.00 10.15 ? 2019 HOH A O   1 
HETATM 1099 O O   . HOH C 3 .   ? -16.321 -7.962  -0.343  1.00 21.92 ? 2020 HOH A O   1 
HETATM 1100 O O   . HOH C 3 .   ? -7.927  1.594   -14.267 1.00 20.68 ? 2021 HOH A O   1 
HETATM 1101 O O   . HOH C 3 .   ? 16.448  6.816   8.840   1.00 26.24 ? 2022 HOH A O   1 
HETATM 1102 O O   . HOH C 3 .   ? 16.496  3.225   10.236  1.00 11.39 ? 2023 HOH A O   1 
HETATM 1103 O O   . HOH C 3 .   ? 16.470  5.321   3.202   1.00 12.91 ? 2024 HOH A O   1 
HETATM 1104 O O   . HOH C 3 .   ? 15.935  -5.720  9.829   1.00 15.75 ? 2025 HOH A O   1 
HETATM 1105 O O   . HOH C 3 .   ? 13.884  2.993   12.697  1.00 19.76 ? 2026 HOH A O   1 
HETATM 1106 O O   . HOH C 3 .   ? 13.915  -7.085  7.374   1.00 13.76 ? 2027 HOH A O   1 
HETATM 1107 O O   . HOH C 3 .   ? 2.331   -1.034  -3.603  1.00 23.54 ? 2028 HOH A O   1 
HETATM 1108 O O   . HOH C 3 .   ? 14.472  -6.959  1.854   1.00 16.09 ? 2029 HOH A O   1 
HETATM 1109 O O   . HOH C 3 .   ? 19.565  -4.747  1.741   1.00 18.27 ? 2030 HOH A O   1 
HETATM 1110 O O   . HOH C 3 .   ? 17.649  -1.973  4.403   1.00 14.33 ? 2031 HOH A O   1 
HETATM 1111 O O   . HOH C 3 .   ? 15.940  -4.277  -2.077  1.00 17.09 ? 2032 HOH A O   1 
HETATM 1112 O O   . HOH C 3 .   ? 19.278  5.523   -0.238  1.00 20.86 ? 2033 HOH A O   1 
HETATM 1113 O O   . HOH C 3 .   ? 15.974  -0.821  -7.770  1.00 28.01 ? 2034 HOH A O   1 
HETATM 1114 O O   . HOH C 3 .   ? 14.664  -3.815  -4.649  1.00 30.05 ? 2035 HOH A O   1 
HETATM 1115 O O   . HOH C 3 .   ? 19.840  5.998   2.540   1.00 26.65 ? 2036 HOH A O   1 
HETATM 1116 O O   . HOH C 3 .   ? -3.705  -6.175  8.734   1.00 14.28 ? 2037 HOH A O   1 
HETATM 1117 O O   . HOH C 3 .   ? 15.966  9.984   -2.699  1.00 24.80 ? 2038 HOH A O   1 
HETATM 1118 O O   . HOH C 3 .   ? 8.438   8.400   -0.266  1.00 22.68 ? 2039 HOH A O   1 
HETATM 1119 O O   . HOH C 3 .   ? 7.297   6.811   -2.494  1.00 15.72 ? 2040 HOH A O   1 
HETATM 1120 O O   . HOH C 3 .   ? 17.245  7.470   0.243   1.00 27.61 ? 2041 HOH A O   1 
HETATM 1121 O O   . HOH C 3 .   ? 10.203  8.779   1.770   1.00 19.43 ? 2042 HOH A O   1 
HETATM 1122 O O   . HOH C 3 .   ? 10.091  13.627  -3.982  1.00 25.58 ? 2043 HOH A O   1 
HETATM 1123 O O   . HOH C 3 .   ? 9.377   11.887  -7.824  1.00 23.52 ? 2044 HOH A O   1 
HETATM 1124 O O   . HOH C 3 .   ? 13.266  -10.150 4.095   1.00 22.74 ? 2045 HOH A O   1 
HETATM 1125 O O   . HOH C 3 .   ? 7.836   10.591  -1.860  1.00 16.88 ? 2046 HOH A O   1 
HETATM 1126 O O   . HOH C 3 .   ? 6.954   11.167  -8.567  1.00 19.06 ? 2047 HOH A O   1 
HETATM 1127 O O   . HOH C 3 .   ? -7.298  4.138   12.172  1.00 16.98 ? 2048 HOH A O   1 
HETATM 1128 O O   . HOH C 3 .   ? -9.129  16.588  3.578   1.00 26.29 ? 2049 HOH A O   1 
HETATM 1129 O O   . HOH C 3 .   ? -12.747 2.762   -9.289  1.00 15.70 ? 2050 HOH A O   1 
HETATM 1130 O O   . HOH C 3 .   ? -9.602  -2.675  -13.107 1.00 21.49 ? 2051 HOH A O   1 
HETATM 1131 O O   . HOH C 3 .   ? -7.158  -0.837  -10.100 1.00 10.97 ? 2052 HOH A O   1 
HETATM 1132 O O   . HOH C 3 .   ? -19.327 -5.324  -7.307  1.00 20.40 ? 2053 HOH A O   1 
HETATM 1133 O O   . HOH C 3 .   ? -16.068 -6.897  -6.365  1.00 19.68 ? 2054 HOH A O   1 
HETATM 1134 O O   . HOH C 3 .   ? -13.312 -2.844  -12.855 1.00 25.62 ? 2055 HOH A O   1 
HETATM 1135 O O   . HOH C 3 .   ? -14.286 0.549   -9.977  1.00 15.42 ? 2056 HOH A O   1 
HETATM 1136 O O   . HOH C 3 .   ? 1.387   -2.977  14.114  1.00 23.30 ? 2057 HOH A O   1 
HETATM 1137 O O   . HOH C 3 .   ? -14.300 -9.591  -1.237  1.00 15.77 ? 2058 HOH A O   1 
HETATM 1138 O O   . HOH C 3 .   ? -6.980  -2.430  -14.458 1.00 13.99 ? 2059 HOH A O   1 
HETATM 1139 O O   . HOH C 3 .   ? -1.167  -1.489  -5.822  1.00 26.34 ? 2060 HOH A O   1 
HETATM 1140 O O   . HOH C 3 .   ? -6.569  -1.502  -17.015 1.00 18.65 ? 2061 HOH A O   1 
HETATM 1141 O O   . HOH C 3 .   ? -6.435  -0.150  -12.662 1.00 12.60 ? 2062 HOH A O   1 
HETATM 1142 O O   . HOH C 3 .   ? 0.640   3.763   -4.201  1.00 15.90 ? 2063 HOH A O   1 
HETATM 1143 O O   . HOH C 3 .   ? 12.907  5.967   -12.943 1.00 25.18 ? 2064 HOH A O   1 
HETATM 1144 O O   . HOH C 3 .   ? 11.132  6.092   -14.554 1.00 17.95 ? 2065 HOH A O   1 
HETATM 1145 O O   . HOH C 3 .   ? 6.395   9.091   -9.773  1.00 21.52 ? 2066 HOH A O   1 
HETATM 1146 O O   . HOH C 3 .   ? 6.258   -3.570  -13.658 1.00 22.56 ? 2067 HOH A O   1 
HETATM 1147 O O   . HOH C 3 .   ? 1.307   -2.576  -5.888  1.00 23.89 ? 2068 HOH A O   1 
HETATM 1148 O O   . HOH C 3 .   ? 4.451   0.666   -6.904  1.00 22.31 ? 2069 HOH A O   1 
HETATM 1149 O O   . HOH C 3 .   ? 0.819   -8.342  -10.506 1.00 17.88 ? 2070 HOH A O   1 
HETATM 1150 O O   . HOH C 3 .   ? -2.710  -10.257 -8.206  1.00 23.53 ? 2071 HOH A O   1 
HETATM 1151 O O   . HOH C 3 .   ? -5.703  -12.630 -4.980  1.00 29.07 ? 2072 HOH A O   1 
HETATM 1152 O O   . HOH C 3 .   ? -3.777  -7.853  -10.836 1.00 21.55 ? 2073 HOH A O   1 
HETATM 1153 O O   . HOH C 3 .   ? -7.518  -8.629  -12.259 1.00 19.61 ? 2074 HOH A O   1 
HETATM 1154 O O   . HOH C 3 .   ? -7.283  -10.672 1.092   1.00 8.41  ? 2075 HOH A O   1 
HETATM 1155 O O   . HOH C 3 .   ? -7.507  -12.801 -2.499  1.00 8.86  ? 2076 HOH A O   1 
HETATM 1156 O O   . HOH C 3 .   ? -4.977  -16.671 -3.193  1.00 28.40 ? 2077 HOH A O   1 
HETATM 1157 O O   . HOH C 3 .   ? -0.794  -10.130 -6.042  1.00 20.15 ? 2078 HOH A O   1 
HETATM 1158 O O   . HOH C 3 .   ? -2.327  -15.899 -4.743  1.00 28.47 ? 2079 HOH A O   1 
HETATM 1159 O O   . HOH C 3 .   ? 4.515   -14.081 -3.063  1.00 28.47 ? 2080 HOH A O   1 
HETATM 1160 O O   . HOH C 3 .   ? 2.793   -3.786  -1.926  1.00 24.01 ? 2081 HOH A O   1 
HETATM 1161 O O   . HOH C 3 .   ? 1.288   -5.617  -5.052  1.00 29.73 ? 2082 HOH A O   1 
HETATM 1162 O O   . HOH C 3 .   ? 1.379   -8.523  -6.333  1.00 25.43 ? 2083 HOH A O   1 
HETATM 1163 O O   . HOH C 3 .   ? 4.881   -5.680  -7.671  1.00 25.45 ? 2084 HOH A O   1 
HETATM 1164 O O   . HOH C 3 .   ? 7.371   -5.236  -8.102  1.00 21.58 ? 2085 HOH A O   1 
HETATM 1165 O O   . HOH C 3 .   ? 14.142  -7.841  -2.350  1.00 22.96 ? 2086 HOH A O   1 
HETATM 1166 O O   . HOH C 3 .   ? 14.113  -5.696  -0.651  1.00 12.95 ? 2087 HOH A O   1 
HETATM 1167 O O   . HOH C 3 .   ? 11.528  -9.892  -9.061  1.00 30.51 ? 2088 HOH A O   1 
HETATM 1168 O O   . HOH C 3 .   ? 10.410  -11.731 -5.727  1.00 28.38 ? 2089 HOH A O   1 
HETATM 1169 O O   . HOH C 3 .   ? 13.679  -10.094 -5.635  1.00 32.10 ? 2090 HOH A O   1 
HETATM 1170 O O   . HOH C 3 .   ? 10.067  -12.526 1.180   1.00 23.70 ? 2091 HOH A O   1 
HETATM 1171 O O   . HOH C 3 .   ? 11.326  -12.634 -1.619  1.00 29.11 ? 2092 HOH A O   1 
HETATM 1172 O O   . HOH C 3 .   ? -4.691  -8.340  7.213   1.00 17.38 ? 2093 HOH A O   1 
HETATM 1173 O O   . HOH C 3 .   ? -7.158  -8.827  8.235   1.00 21.18 ? 2094 HOH A O   1 
HETATM 1174 O O   . HOH C 3 .   ? -11.077 -7.228  9.515   1.00 22.72 ? 2095 HOH A O   1 
HETATM 1175 O O   . HOH C 3 .   ? -15.798 -6.060  4.706   1.00 24.86 ? 2096 HOH A O   1 
HETATM 1176 O O   . HOH C 3 .   ? -13.404 -7.856  8.263   1.00 18.26 ? 2097 HOH A O   1 
HETATM 1177 O O   . HOH C 3 .   ? -13.342 -7.687  5.387   1.00 14.65 ? 2098 HOH A O   1 
HETATM 1178 O O   . HOH C 3 .   ? -12.044 2.859   12.753  1.00 26.59 ? 2099 HOH A O   1 
HETATM 1179 O O   . HOH C 3 .   ? -16.547 -3.633  10.456  1.00 30.07 ? 2100 HOH A O   1 
HETATM 1180 O O   . HOH C 3 .   ? -11.942 5.040   6.418   1.00 23.37 ? 2101 HOH A O   1 
HETATM 1181 O O   . HOH C 3 .   ? -15.970 -1.578  7.816   1.00 27.02 ? 2102 HOH A O   1 
HETATM 1182 O O   . HOH C 3 .   ? -2.789  -8.898  10.805  1.00 10.35 ? 2103 HOH A O   1 
HETATM 1183 O O   . HOH C 3 .   ? 0.017   -12.953 5.807   1.00 14.50 ? 2104 HOH A O   1 
HETATM 1184 O O   . HOH C 3 .   ? 6.124   -4.882  2.947   1.00 7.30  ? 2105 HOH A O   1 
HETATM 1185 O O   . HOH C 3 .   ? 7.239   -13.219 9.625   1.00 28.93 ? 2106 HOH A O   1 
HETATM 1186 O O   . HOH C 3 .   ? 5.095   -16.462 8.788   1.00 31.58 ? 2107 HOH A O   1 
HETATM 1187 O O   . HOH C 3 .   ? 1.253   -15.236 6.576   1.00 17.25 ? 2108 HOH A O   1 
HETATM 1188 O O   . HOH C 3 .   ? 5.865   -15.056 2.775   1.00 28.58 ? 2109 HOH A O   1 
HETATM 1189 O O   . HOH C 3 .   ? 12.179  -7.829  5.337   1.00 10.61 ? 2110 HOH A O   1 
HETATM 1190 O O   . HOH C 3 .   ? 12.267  -12.601 4.618   1.00 19.37 ? 2111 HOH A O   1 
HETATM 1191 O O   . HOH C 3 .   ? 15.207  -6.122  12.435  1.00 14.25 ? 2112 HOH A O   1 
HETATM 1192 O O   . HOH C 3 .   ? 7.170   -8.512  12.084  1.00 22.22 ? 2113 HOH A O   1 
HETATM 1193 O O   . HOH C 3 .   ? 5.571   -5.601  12.242  1.00 8.71  ? 2114 HOH A O   1 
HETATM 1194 O O   . HOH C 3 .   ? 6.789   -7.460  5.175   1.00 8.03  ? 2115 HOH A O   1 
HETATM 1195 O O   . HOH C 3 .   ? -0.889  -9.032  14.383  1.00 15.55 ? 2116 HOH A O   1 
HETATM 1196 O O   . HOH C 3 .   ? 3.686   -9.117  14.060  1.00 21.47 ? 2117 HOH A O   1 
HETATM 1197 O O   . HOH C 3 .   ? -2.871  -3.591  8.903   1.00 10.28 ? 2118 HOH A O   1 
HETATM 1198 O O   . HOH C 3 .   ? -3.079  -2.941  11.448  1.00 15.76 ? 2119 HOH A O   1 
HETATM 1199 O O   . HOH C 3 .   ? -5.130  3.926   10.264  1.00 15.08 ? 2120 HOH A O   1 
HETATM 1200 O O   . HOH C 3 .   ? 0.015   -2.055  -1.299  1.00 15.94 ? 2121 HOH A O   1 
HETATM 1201 O O   . HOH C 3 .   ? -1.549  -0.727  -3.297  1.00 17.99 ? 2122 HOH A O   1 
HETATM 1202 O O   . HOH C 3 .   ? -10.369 14.793  5.058   1.00 28.29 ? 2123 HOH A O   1 
HETATM 1203 O O   . HOH C 3 .   ? -12.815 12.235  10.555  1.00 27.15 ? 2124 HOH A O   1 
HETATM 1204 O O   . HOH C 3 .   ? -14.237 10.094  -0.657  1.00 28.20 ? 2125 HOH A O   1 
HETATM 1205 O O   . HOH C 3 .   ? -15.520 10.236  3.890   1.00 27.29 ? 2126 HOH A O   1 
HETATM 1206 O O   . HOH C 3 .   ? -4.929  14.920  0.909   1.00 27.13 ? 2127 HOH A O   1 
HETATM 1207 O O   . HOH C 3 .   ? -7.881  10.229  5.868   1.00 21.13 ? 2128 HOH A O   1 
HETATM 1208 O O   . HOH C 3 .   ? -3.086  15.528  6.518   1.00 33.18 ? 2129 HOH A O   1 
HETATM 1209 O O   . HOH C 3 .   ? -4.140  5.512   8.259   1.00 9.59  ? 2130 HOH A O   1 
HETATM 1210 O O   . HOH C 3 .   ? -0.730  0.348   9.892   1.00 18.50 ? 2131 HOH A O   1 
HETATM 1211 O O   . HOH C 3 .   ? 4.796   0.470   14.249  1.00 14.09 ? 2132 HOH A O   1 
HETATM 1212 O O   . HOH C 3 .   ? 4.134   -3.577  13.780  1.00 14.68 ? 2133 HOH A O   1 
HETATM 1213 O O   . HOH C 3 .   ? 7.465   -6.426  15.922  1.00 25.15 ? 2134 HOH A O   1 
HETATM 1214 O O   . HOH C 3 .   ? 5.438   3.092   17.400  1.00 11.13 ? 2135 HOH A O   1 
HETATM 1215 O O   . HOH C 3 .   ? 8.429   4.691   15.713  1.00 17.13 ? 2136 HOH A O   1 
HETATM 1216 O O   . HOH C 3 .   ? 7.706   -4.063  17.584  1.00 23.08 ? 2137 HOH A O   1 
HETATM 1217 O O   . HOH C 3 .   ? 8.481   7.541   11.863  1.00 27.43 ? 2138 HOH A O   1 
HETATM 1218 O O   . HOH C 3 .   ? 3.188   3.299   -2.574  1.00 17.66 ? 2139 HOH A O   1 
HETATM 1219 O O   . HOH C 3 .   ? 1.670   11.884  5.127   1.00 14.91 ? 2140 HOH A O   1 
HETATM 1220 O O   . HOH C 3 .   ? -6.120  15.374  -6.241  1.00 30.36 ? 2141 HOH A O   1 
HETATM 1221 O O   . HOH C 3 .   ? -2.225  3.899   -0.096  1.00 16.25 ? 2142 HOH A O   1 
HETATM 1222 O O   . HOH C 3 .   ? 0.137   1.392   -2.884  1.00 20.45 ? 2143 HOH A O   1 
# 
